data_2APX
# 
_entry.id   2APX 
# 
_audit_conform.dict_name       mmcif_pdbx.dic 
_audit_conform.dict_version    5.398 
_audit_conform.dict_location   http://mmcif.pdb.org/dictionaries/ascii/mmcif_pdbx.dic 
# 
loop_
_database_2.database_id 
_database_2.database_code 
_database_2.pdbx_database_accession 
_database_2.pdbx_DOI 
PDB   2APX         pdb_00002apx 10.2210/pdb2apx/pdb 
RCSB  RCSB034173   ?            ?                   
WWPDB D_1000034173 ?            ?                   
# 
loop_
_pdbx_audit_revision_history.ordinal 
_pdbx_audit_revision_history.data_content_type 
_pdbx_audit_revision_history.major_revision 
_pdbx_audit_revision_history.minor_revision 
_pdbx_audit_revision_history.revision_date 
1 'Structure model' 1 0 2006-03-21 
2 'Structure model' 1 1 2008-04-30 
3 'Structure model' 1 2 2011-07-13 
4 'Structure model' 1 3 2015-04-29 
5 'Structure model' 1 4 2018-04-04 
6 'Structure model' 1 5 2024-11-06 
# 
_pdbx_audit_revision_details.ordinal             1 
_pdbx_audit_revision_details.revision_ordinal    1 
_pdbx_audit_revision_details.data_content_type   'Structure model' 
_pdbx_audit_revision_details.provider            repository 
_pdbx_audit_revision_details.type                'Initial release' 
_pdbx_audit_revision_details.description         ? 
_pdbx_audit_revision_details.details             ? 
# 
loop_
_pdbx_audit_revision_group.ordinal 
_pdbx_audit_revision_group.revision_ordinal 
_pdbx_audit_revision_group.data_content_type 
_pdbx_audit_revision_group.group 
1 2 'Structure model' 'Version format compliance' 
2 3 'Structure model' 'Version format compliance' 
3 4 'Structure model' 'Non-polymer description'   
4 5 'Structure model' 'Data collection'           
5 6 'Structure model' 'Data collection'           
6 6 'Structure model' 'Database references'       
7 6 'Structure model' 'Derived calculations'      
8 6 'Structure model' 'Structure summary'         
# 
loop_
_pdbx_audit_revision_category.ordinal 
_pdbx_audit_revision_category.revision_ordinal 
_pdbx_audit_revision_category.data_content_type 
_pdbx_audit_revision_category.category 
1 5 'Structure model' diffrn_source             
2 6 'Structure model' chem_comp_atom            
3 6 'Structure model' chem_comp_bond            
4 6 'Structure model' database_2                
5 6 'Structure model' pdbx_entry_details        
6 6 'Structure model' pdbx_modification_feature 
7 6 'Structure model' struct_site               
# 
loop_
_pdbx_audit_revision_item.ordinal 
_pdbx_audit_revision_item.revision_ordinal 
_pdbx_audit_revision_item.data_content_type 
_pdbx_audit_revision_item.item 
1 5 'Structure model' '_diffrn_source.type'                 
2 6 'Structure model' '_database_2.pdbx_DOI'                
3 6 'Structure model' '_database_2.pdbx_database_accession' 
4 6 'Structure model' '_struct_site.pdbx_auth_asym_id'      
5 6 'Structure model' '_struct_site.pdbx_auth_comp_id'      
6 6 'Structure model' '_struct_site.pdbx_auth_seq_id'       
# 
_pdbx_database_status.entry_id                        2APX 
_pdbx_database_status.deposit_site                    RCSB 
_pdbx_database_status.process_site                    RCSB 
_pdbx_database_status.recvd_initial_deposition_date   2005-08-16 
_pdbx_database_status.status_code                     REL 
_pdbx_database_status.status_code_sf                  REL 
_pdbx_database_status.status_code_mr                  ? 
_pdbx_database_status.SG_entry                        ? 
_pdbx_database_status.status_code_cs                  ? 
_pdbx_database_status.pdb_format_compatible           Y 
_pdbx_database_status.methods_development_category    ? 
_pdbx_database_status.status_code_nmr_data            ? 
# 
loop_
_pdbx_database_related.db_name 
_pdbx_database_related.db_id 
_pdbx_database_related.details 
_pdbx_database_related.content_type 
PDB 2APB 'the G17E/S54N/L81S variant of the murine T cell receptor V beta 8.2 domain'                                              
unspecified 
PDB 2APF 'the G17E/A52V/S54N/K66E/L81S variant of the murine T cell receptor V beta 8.2 domain'                                    
unspecified 
PDB 2APT 'the G17E/S54N/K66E/Q72H/E80V/L81S/T87S/G96V variant of the murine T cell receptor V beta 8.2 domain'                     
unspecified 
PDB 2APV 'the G17E/A52V/S54N/Q72H/E80V/L81S/T87S/G96V variant of the murine T cell receptor V beta 8.2 domain'                     
unspecified 
PDB 2APW 'the G17E/A52V/S54N/K66E/E80V/L81S/T87S/G96V variant of the murine T cell receptor V beta 8.2 domain'                     
unspecified 
PDB 2AQ1 'T-Cell receptor V beta domain variant (G17E/A52V/S54N/K66E/E80V/L81S/T87S/G96V) complexed with superantigen SEC3 mutant' 
unspecified 
PDB 2AQ2 'T-Cell receptor V beta domain variant (G17E/A52V/S54N/K66E/L81S) complexed with superantigen SEC3 mutant'                
unspecified 
PDB 2AQ3 'T-Cell receptor V beta domain variant (G17E/L81S) complexed with superantigen SEC3 mutant'                               
unspecified 
# 
loop_
_audit_author.name 
_audit_author.pdbx_ordinal 
'Cho, S.'           1 
'Swaminathan, C.P.' 2 
'Yang, J.'          3 
'Kerzic, M.C.'      4 
'Guan, R.'          5 
'Kieke, M.C.'       6 
'Kranz, D.M.'       7 
'Mariuzza, R.A.'    8 
'Sundberg, E.J.'    9 
# 
_citation.id                        primary 
_citation.title                     
'Structural basis of affinity maturation and intramolecular cooperativity in a protein-protein interaction.' 
_citation.journal_abbrev            Structure 
_citation.journal_volume            13 
_citation.page_first                1775 
_citation.page_last                 1787 
_citation.year                      2005 
_citation.journal_id_ASTM           STRUE6 
_citation.country                   UK 
_citation.journal_id_ISSN           0969-2126 
_citation.journal_id_CSD            2005 
_citation.book_publisher            ? 
_citation.pdbx_database_id_PubMed   16338399 
_citation.pdbx_database_id_DOI      10.1016/j.str.2005.08.015 
# 
loop_
_citation_author.citation_id 
_citation_author.name 
_citation_author.ordinal 
_citation_author.identifier_ORCID 
primary 'Cho, S.'           1 ? 
primary 'Swaminathan, C.P.' 2 ? 
primary 'Yang, J.'          3 ? 
primary 'Kerzic, M.C.'      4 ? 
primary 'Guan, R.'          5 ? 
primary 'Kieke, M.C.'       6 ? 
primary 'Kranz, D.M.'       7 ? 
primary 'Mariuzza, R.A.'    8 ? 
primary 'Sundberg, E.J.'    9 ? 
# 
loop_
_entity.id 
_entity.type 
_entity.src_method 
_entity.pdbx_description 
_entity.formula_weight 
_entity.pdbx_number_of_molecules 
_entity.pdbx_ec 
_entity.pdbx_mutation 
_entity.pdbx_fragment 
_entity.details 
1 polymer     man 'T cell receptor beta chain V' 12184.484 1   ? 'G17E, A52V, S54N, K66E, Q72H, E80V, L81S, T87S, G96V' ? ? 
2 non-polymer syn 'MALONIC ACID'                 104.061   2   ? ?                                                      ? ? 
3 water       nat water                          18.015    190 ? ?                                                      ? ? 
# 
_entity_poly.entity_id                      1 
_entity_poly.type                           'polypeptide(L)' 
_entity_poly.nstd_linkage                   no 
_entity_poly.nstd_monomer                   no 
_entity_poly.pdbx_seq_one_letter_code       
;ILEAAVTQSPRNKVAVTGEKVTLSCQQTNNHNNMYWYRQDTGHGLRLIHYSYGVGNTEKGDIPDGYEASRPSHEQFSLIL
VSATPSQSSVYFCASGVGGTLYFGAGTRLSVL
;
_entity_poly.pdbx_seq_one_letter_code_can   
;ILEAAVTQSPRNKVAVTGEKVTLSCQQTNNHNNMYWYRQDTGHGLRLIHYSYGVGNTEKGDIPDGYEASRPSHEQFSLIL
VSATPSQSSVYFCASGVGGTLYFGAGTRLSVL
;
_entity_poly.pdbx_strand_id                 A 
_entity_poly.pdbx_target_identifier         ? 
# 
loop_
_pdbx_entity_nonpoly.entity_id 
_pdbx_entity_nonpoly.name 
_pdbx_entity_nonpoly.comp_id 
2 'MALONIC ACID' MLA 
3 water          HOH 
# 
loop_
_entity_poly_seq.entity_id 
_entity_poly_seq.num 
_entity_poly_seq.mon_id 
_entity_poly_seq.hetero 
1 1   ILE n 
1 2   LEU n 
1 3   GLU n 
1 4   ALA n 
1 5   ALA n 
1 6   VAL n 
1 7   THR n 
1 8   GLN n 
1 9   SER n 
1 10  PRO n 
1 11  ARG n 
1 12  ASN n 
1 13  LYS n 
1 14  VAL n 
1 15  ALA n 
1 16  VAL n 
1 17  THR n 
1 18  GLY n 
1 19  GLU n 
1 20  LYS n 
1 21  VAL n 
1 22  THR n 
1 23  LEU n 
1 24  SER n 
1 25  CYS n 
1 26  GLN n 
1 27  GLN n 
1 28  THR n 
1 29  ASN n 
1 30  ASN n 
1 31  HIS n 
1 32  ASN n 
1 33  ASN n 
1 34  MET n 
1 35  TYR n 
1 36  TRP n 
1 37  TYR n 
1 38  ARG n 
1 39  GLN n 
1 40  ASP n 
1 41  THR n 
1 42  GLY n 
1 43  HIS n 
1 44  GLY n 
1 45  LEU n 
1 46  ARG n 
1 47  LEU n 
1 48  ILE n 
1 49  HIS n 
1 50  TYR n 
1 51  SER n 
1 52  TYR n 
1 53  GLY n 
1 54  VAL n 
1 55  GLY n 
1 56  ASN n 
1 57  THR n 
1 58  GLU n 
1 59  LYS n 
1 60  GLY n 
1 61  ASP n 
1 62  ILE n 
1 63  PRO n 
1 64  ASP n 
1 65  GLY n 
1 66  TYR n 
1 67  GLU n 
1 68  ALA n 
1 69  SER n 
1 70  ARG n 
1 71  PRO n 
1 72  SER n 
1 73  HIS n 
1 74  GLU n 
1 75  GLN n 
1 76  PHE n 
1 77  SER n 
1 78  LEU n 
1 79  ILE n 
1 80  LEU n 
1 81  VAL n 
1 82  SER n 
1 83  ALA n 
1 84  THR n 
1 85  PRO n 
1 86  SER n 
1 87  GLN n 
1 88  SER n 
1 89  SER n 
1 90  VAL n 
1 91  TYR n 
1 92  PHE n 
1 93  CYS n 
1 94  ALA n 
1 95  SER n 
1 96  GLY n 
1 97  VAL n 
1 98  GLY n 
1 99  GLY n 
1 100 THR n 
1 101 LEU n 
1 102 TYR n 
1 103 PHE n 
1 104 GLY n 
1 105 ALA n 
1 106 GLY n 
1 107 THR n 
1 108 ARG n 
1 109 LEU n 
1 110 SER n 
1 111 VAL n 
1 112 LEU n 
# 
_entity_src_gen.entity_id                          1 
_entity_src_gen.pdbx_src_id                        1 
_entity_src_gen.pdbx_alt_source_flag               sample 
_entity_src_gen.pdbx_seq_type                      ? 
_entity_src_gen.pdbx_beg_seq_num                   ? 
_entity_src_gen.pdbx_end_seq_num                   ? 
_entity_src_gen.gene_src_common_name               'Norway rat' 
_entity_src_gen.gene_src_genus                     Rattus 
_entity_src_gen.pdbx_gene_src_gene                 ? 
_entity_src_gen.gene_src_species                   ? 
_entity_src_gen.gene_src_strain                    ? 
_entity_src_gen.gene_src_tissue                    ? 
_entity_src_gen.gene_src_tissue_fraction           ? 
_entity_src_gen.gene_src_details                   ? 
_entity_src_gen.pdbx_gene_src_fragment             ? 
_entity_src_gen.pdbx_gene_src_scientific_name      'Rattus norvegicus' 
_entity_src_gen.pdbx_gene_src_ncbi_taxonomy_id     10116 
_entity_src_gen.pdbx_gene_src_variant              ? 
_entity_src_gen.pdbx_gene_src_cell_line            ? 
_entity_src_gen.pdbx_gene_src_atcc                 ? 
_entity_src_gen.pdbx_gene_src_organ                ? 
_entity_src_gen.pdbx_gene_src_organelle            ? 
_entity_src_gen.pdbx_gene_src_cell                 ? 
_entity_src_gen.pdbx_gene_src_cellular_location    ? 
_entity_src_gen.host_org_common_name               ? 
_entity_src_gen.pdbx_host_org_scientific_name      'Escherichia coli' 
_entity_src_gen.pdbx_host_org_ncbi_taxonomy_id     562 
_entity_src_gen.host_org_genus                     Escherichia 
_entity_src_gen.pdbx_host_org_gene                 ? 
_entity_src_gen.pdbx_host_org_organ                ? 
_entity_src_gen.host_org_species                   ? 
_entity_src_gen.pdbx_host_org_tissue               ? 
_entity_src_gen.pdbx_host_org_tissue_fraction      ? 
_entity_src_gen.pdbx_host_org_strain               'BL21(DE3)pLysS' 
_entity_src_gen.pdbx_host_org_variant              ? 
_entity_src_gen.pdbx_host_org_cell_line            ? 
_entity_src_gen.pdbx_host_org_atcc                 ? 
_entity_src_gen.pdbx_host_org_culture_collection   ? 
_entity_src_gen.pdbx_host_org_cell                 ? 
_entity_src_gen.pdbx_host_org_organelle            ? 
_entity_src_gen.pdbx_host_org_cellular_location    ? 
_entity_src_gen.pdbx_host_org_vector_type          PLASMID 
_entity_src_gen.pdbx_host_org_vector               ? 
_entity_src_gen.host_org_details                   ? 
_entity_src_gen.expression_system_id               ? 
_entity_src_gen.plasmid_name                       pT7-7 
_entity_src_gen.plasmid_details                    ? 
_entity_src_gen.pdbx_description                   ? 
# 
loop_
_chem_comp.id 
_chem_comp.type 
_chem_comp.mon_nstd_flag 
_chem_comp.name 
_chem_comp.pdbx_synonyms 
_chem_comp.formula 
_chem_comp.formula_weight 
ALA 'L-peptide linking' y ALANINE         ?                                                                    'C3 H7 N O2'     
89.093  
ARG 'L-peptide linking' y ARGININE        ?                                                                    'C6 H15 N4 O2 1' 
175.209 
ASN 'L-peptide linking' y ASPARAGINE      ?                                                                    'C4 H8 N2 O3'    
132.118 
ASP 'L-peptide linking' y 'ASPARTIC ACID' ?                                                                    'C4 H7 N O4'     
133.103 
CYS 'L-peptide linking' y CYSTEINE        ?                                                                    'C3 H7 N O2 S'   
121.158 
GLN 'L-peptide linking' y GLUTAMINE       ?                                                                    'C5 H10 N2 O3'   
146.144 
GLU 'L-peptide linking' y 'GLUTAMIC ACID' ?                                                                    'C5 H9 N O4'     
147.129 
GLY 'peptide linking'   y GLYCINE         ?                                                                    'C2 H5 N O2'     
75.067  
HIS 'L-peptide linking' y HISTIDINE       ?                                                                    'C6 H10 N3 O2 1' 
156.162 
HOH non-polymer         . WATER           ?                                                                    'H2 O'           
18.015  
ILE 'L-peptide linking' y ISOLEUCINE      ?                                                                    'C6 H13 N O2'    
131.173 
LEU 'L-peptide linking' y LEUCINE         ?                                                                    'C6 H13 N O2'    
131.173 
LYS 'L-peptide linking' y LYSINE          ?                                                                    'C6 H15 N2 O2 1' 
147.195 
MET 'L-peptide linking' y METHIONINE      ?                                                                    'C5 H11 N O2 S'  
149.211 
MLA non-polymer         . 'MALONIC ACID'  'DICARBOXYLIC ACID C3; PROPANEDIOLIC ACID; METHANEDICARBOXYLIC ACID' 'C3 H4 O4'       
104.061 
PHE 'L-peptide linking' y PHENYLALANINE   ?                                                                    'C9 H11 N O2'    
165.189 
PRO 'L-peptide linking' y PROLINE         ?                                                                    'C5 H9 N O2'     
115.130 
SER 'L-peptide linking' y SERINE          ?                                                                    'C3 H7 N O3'     
105.093 
THR 'L-peptide linking' y THREONINE       ?                                                                    'C4 H9 N O3'     
119.119 
TRP 'L-peptide linking' y TRYPTOPHAN      ?                                                                    'C11 H12 N2 O2'  
204.225 
TYR 'L-peptide linking' y TYROSINE        ?                                                                    'C9 H11 N O3'    
181.189 
VAL 'L-peptide linking' y VALINE          ?                                                                    'C5 H11 N O2'    
117.146 
# 
loop_
_pdbx_poly_seq_scheme.asym_id 
_pdbx_poly_seq_scheme.entity_id 
_pdbx_poly_seq_scheme.seq_id 
_pdbx_poly_seq_scheme.mon_id 
_pdbx_poly_seq_scheme.ndb_seq_num 
_pdbx_poly_seq_scheme.pdb_seq_num 
_pdbx_poly_seq_scheme.auth_seq_num 
_pdbx_poly_seq_scheme.pdb_mon_id 
_pdbx_poly_seq_scheme.auth_mon_id 
_pdbx_poly_seq_scheme.pdb_strand_id 
_pdbx_poly_seq_scheme.pdb_ins_code 
_pdbx_poly_seq_scheme.hetero 
A 1 1   ILE 1   -1  ?   ?   ?   A . n 
A 1 2   LEU 2   0   ?   ?   ?   A . n 
A 1 3   GLU 3   1   ?   ?   ?   A . n 
A 1 4   ALA 4   2   2   ALA ALA A . n 
A 1 5   ALA 5   3   3   ALA ALA A . n 
A 1 6   VAL 6   4   4   VAL VAL A . n 
A 1 7   THR 7   5   5   THR THR A . n 
A 1 8   GLN 8   6   6   GLN GLN A . n 
A 1 9   SER 9   7   7   SER SER A . n 
A 1 10  PRO 10  8   8   PRO PRO A . n 
A 1 11  ARG 11  9   9   ARG ARG A . n 
A 1 12  ASN 12  10  10  ASN ASN A . n 
A 1 13  LYS 13  11  11  LYS LYS A . n 
A 1 14  VAL 14  12  12  VAL VAL A . n 
A 1 15  ALA 15  13  13  ALA ALA A . n 
A 1 16  VAL 16  14  14  VAL VAL A . n 
A 1 17  THR 17  15  15  THR THR A . n 
A 1 18  GLY 18  16  16  GLY GLY A . n 
A 1 19  GLU 19  17  17  GLU GLU A . n 
A 1 20  LYS 20  18  18  LYS LYS A . n 
A 1 21  VAL 21  19  19  VAL VAL A . n 
A 1 22  THR 22  20  20  THR THR A . n 
A 1 23  LEU 23  21  21  LEU LEU A . n 
A 1 24  SER 24  22  22  SER SER A . n 
A 1 25  CYS 25  23  23  CYS CYS A . n 
A 1 26  GLN 26  24  24  GLN GLN A . n 
A 1 27  GLN 27  25  25  GLN GLN A . n 
A 1 28  THR 28  26  26  THR THR A . n 
A 1 29  ASN 29  27  27  ASN ASN A . n 
A 1 30  ASN 30  28  28  ASN ASN A . n 
A 1 31  HIS 31  29  29  HIS HIS A . n 
A 1 32  ASN 32  30  30  ASN ASN A . n 
A 1 33  ASN 33  31  31  ASN ASN A . n 
A 1 34  MET 34  32  32  MET MET A . n 
A 1 35  TYR 35  33  33  TYR TYR A . n 
A 1 36  TRP 36  34  34  TRP TRP A . n 
A 1 37  TYR 37  35  35  TYR TYR A . n 
A 1 38  ARG 38  36  36  ARG ARG A . n 
A 1 39  GLN 39  37  37  GLN GLN A . n 
A 1 40  ASP 40  38  38  ASP ASP A . n 
A 1 41  THR 41  39  39  THR THR A . n 
A 1 42  GLY 42  40  40  GLY GLY A . n 
A 1 43  HIS 43  41  41  HIS HIS A . n 
A 1 44  GLY 44  42  42  GLY GLY A . n 
A 1 45  LEU 45  43  43  LEU LEU A . n 
A 1 46  ARG 46  44  44  ARG ARG A . n 
A 1 47  LEU 47  45  45  LEU LEU A . n 
A 1 48  ILE 48  46  46  ILE ILE A . n 
A 1 49  HIS 49  47  47  HIS HIS A . n 
A 1 50  TYR 50  48  48  TYR TYR A . n 
A 1 51  SER 51  49  49  SER SER A . n 
A 1 52  TYR 52  50  50  TYR TYR A . n 
A 1 53  GLY 53  51  51  GLY GLY A . n 
A 1 54  VAL 54  52  52  VAL VAL A . n 
A 1 55  GLY 55  53  53  GLY GLY A . n 
A 1 56  ASN 56  54  54  ASN ASN A . n 
A 1 57  THR 57  55  55  THR THR A . n 
A 1 58  GLU 58  56  56  GLU GLU A . n 
A 1 59  LYS 59  57  57  LYS LYS A . n 
A 1 60  GLY 60  58  58  GLY GLY A . n 
A 1 61  ASP 61  59  59  ASP ASP A . n 
A 1 62  ILE 62  60  60  ILE ILE A . n 
A 1 63  PRO 63  61  61  PRO PRO A . n 
A 1 64  ASP 64  62  62  ASP ASP A . n 
A 1 65  GLY 65  63  63  GLY GLY A . n 
A 1 66  TYR 66  65  65  TYR TYR A . n 
A 1 67  GLU 67  66  66  GLU GLU A . n 
A 1 68  ALA 68  67  67  ALA ALA A . n 
A 1 69  SER 69  68  68  SER SER A . n 
A 1 70  ARG 70  69  69  ARG ARG A . n 
A 1 71  PRO 71  70  70  PRO PRO A . n 
A 1 72  SER 72  71  71  SER SER A . n 
A 1 73  HIS 73  72  72  HIS HIS A . n 
A 1 74  GLU 74  73  73  GLU GLU A . n 
A 1 75  GLN 75  74  74  GLN GLN A . n 
A 1 76  PHE 76  75  75  PHE PHE A . n 
A 1 77  SER 77  76  76  SER SER A . n 
A 1 78  LEU 78  77  77  LEU LEU A . n 
A 1 79  ILE 79  78  78  ILE ILE A . n 
A 1 80  LEU 80  79  79  LEU LEU A . n 
A 1 81  VAL 81  80  80  VAL VAL A . n 
A 1 82  SER 82  81  81  SER SER A . n 
A 1 83  ALA 83  82  82  ALA ALA A . n 
A 1 84  THR 84  83  83  THR THR A . n 
A 1 85  PRO 85  84  84  PRO PRO A . n 
A 1 86  SER 86  85  85  SER SER A . n 
A 1 87  GLN 87  86  86  GLN GLN A . n 
A 1 88  SER 88  87  87  SER SER A . n 
A 1 89  SER 89  88  88  SER SER A . n 
A 1 90  VAL 90  89  89  VAL VAL A . n 
A 1 91  TYR 91  90  90  TYR TYR A . n 
A 1 92  PHE 92  91  91  PHE PHE A . n 
A 1 93  CYS 93  92  92  CYS CYS A . n 
A 1 94  ALA 94  93  93  ALA ALA A . n 
A 1 95  SER 95  94  94  SER SER A . n 
A 1 96  GLY 96  95  95  GLY GLY A . n 
A 1 97  VAL 97  96  96  VAL VAL A . n 
A 1 98  GLY 98  97  97  GLY GLY A . n 
A 1 99  GLY 99  98  98  GLY GLY A . n 
A 1 100 THR 100 99  99  THR THR A . n 
A 1 101 LEU 101 100 100 LEU LEU A . n 
A 1 102 TYR 102 101 101 TYR TYR A . n 
A 1 103 PHE 103 108 108 PHE PHE A . n 
A 1 104 GLY 104 109 109 GLY GLY A . n 
A 1 105 ALA 105 110 110 ALA ALA A . n 
A 1 106 GLY 106 111 111 GLY GLY A . n 
A 1 107 THR 107 112 112 THR THR A . n 
A 1 108 ARG 108 113 113 ARG ARG A . n 
A 1 109 LEU 109 114 114 LEU LEU A . n 
A 1 110 SER 110 115 115 SER SER A . n 
A 1 111 VAL 111 116 116 VAL VAL A . n 
A 1 112 LEU 112 117 117 LEU LEU A . n 
# 
loop_
_pdbx_nonpoly_scheme.asym_id 
_pdbx_nonpoly_scheme.entity_id 
_pdbx_nonpoly_scheme.mon_id 
_pdbx_nonpoly_scheme.ndb_seq_num 
_pdbx_nonpoly_scheme.pdb_seq_num 
_pdbx_nonpoly_scheme.auth_seq_num 
_pdbx_nonpoly_scheme.pdb_mon_id 
_pdbx_nonpoly_scheme.auth_mon_id 
_pdbx_nonpoly_scheme.pdb_strand_id 
_pdbx_nonpoly_scheme.pdb_ins_code 
B 2 MLA 1   300 300 MLA MLA A . 
C 2 MLA 1   301 301 MLA MLA A . 
D 3 HOH 1   302 1   HOH HOH A . 
D 3 HOH 2   303 2   HOH HOH A . 
D 3 HOH 3   304 3   HOH HOH A . 
D 3 HOH 4   305 4   HOH HOH A . 
D 3 HOH 5   306 5   HOH HOH A . 
D 3 HOH 6   307 6   HOH HOH A . 
D 3 HOH 7   308 7   HOH HOH A . 
D 3 HOH 8   309 8   HOH HOH A . 
D 3 HOH 9   310 9   HOH HOH A . 
D 3 HOH 10  311 10  HOH HOH A . 
D 3 HOH 11  312 11  HOH HOH A . 
D 3 HOH 12  313 12  HOH HOH A . 
D 3 HOH 13  314 13  HOH HOH A . 
D 3 HOH 14  315 14  HOH HOH A . 
D 3 HOH 15  316 15  HOH HOH A . 
D 3 HOH 16  317 16  HOH HOH A . 
D 3 HOH 17  318 17  HOH HOH A . 
D 3 HOH 18  319 18  HOH HOH A . 
D 3 HOH 19  320 19  HOH HOH A . 
D 3 HOH 20  321 20  HOH HOH A . 
D 3 HOH 21  322 21  HOH HOH A . 
D 3 HOH 22  323 22  HOH HOH A . 
D 3 HOH 23  324 23  HOH HOH A . 
D 3 HOH 24  325 24  HOH HOH A . 
D 3 HOH 25  326 25  HOH HOH A . 
D 3 HOH 26  327 26  HOH HOH A . 
D 3 HOH 27  328 27  HOH HOH A . 
D 3 HOH 28  329 28  HOH HOH A . 
D 3 HOH 29  330 29  HOH HOH A . 
D 3 HOH 30  331 30  HOH HOH A . 
D 3 HOH 31  332 31  HOH HOH A . 
D 3 HOH 32  333 32  HOH HOH A . 
D 3 HOH 33  334 33  HOH HOH A . 
D 3 HOH 34  335 34  HOH HOH A . 
D 3 HOH 35  336 35  HOH HOH A . 
D 3 HOH 36  337 36  HOH HOH A . 
D 3 HOH 37  338 37  HOH HOH A . 
D 3 HOH 38  339 38  HOH HOH A . 
D 3 HOH 39  340 39  HOH HOH A . 
D 3 HOH 40  341 40  HOH HOH A . 
D 3 HOH 41  342 41  HOH HOH A . 
D 3 HOH 42  343 42  HOH HOH A . 
D 3 HOH 43  344 43  HOH HOH A . 
D 3 HOH 44  345 44  HOH HOH A . 
D 3 HOH 45  346 45  HOH HOH A . 
D 3 HOH 46  347 46  HOH HOH A . 
D 3 HOH 47  348 47  HOH HOH A . 
D 3 HOH 48  349 48  HOH HOH A . 
D 3 HOH 49  350 49  HOH HOH A . 
D 3 HOH 50  351 50  HOH HOH A . 
D 3 HOH 51  352 51  HOH HOH A . 
D 3 HOH 52  353 52  HOH HOH A . 
D 3 HOH 53  354 53  HOH HOH A . 
D 3 HOH 54  355 54  HOH HOH A . 
D 3 HOH 55  356 55  HOH HOH A . 
D 3 HOH 56  357 56  HOH HOH A . 
D 3 HOH 57  358 57  HOH HOH A . 
D 3 HOH 58  359 58  HOH HOH A . 
D 3 HOH 59  360 59  HOH HOH A . 
D 3 HOH 60  361 60  HOH HOH A . 
D 3 HOH 61  362 61  HOH HOH A . 
D 3 HOH 62  363 62  HOH HOH A . 
D 3 HOH 63  364 63  HOH HOH A . 
D 3 HOH 64  365 64  HOH HOH A . 
D 3 HOH 65  366 65  HOH HOH A . 
D 3 HOH 66  367 66  HOH HOH A . 
D 3 HOH 67  368 67  HOH HOH A . 
D 3 HOH 68  369 68  HOH HOH A . 
D 3 HOH 69  370 69  HOH HOH A . 
D 3 HOH 70  371 70  HOH HOH A . 
D 3 HOH 71  372 71  HOH HOH A . 
D 3 HOH 72  373 72  HOH HOH A . 
D 3 HOH 73  374 73  HOH HOH A . 
D 3 HOH 74  375 74  HOH HOH A . 
D 3 HOH 75  376 75  HOH HOH A . 
D 3 HOH 76  377 76  HOH HOH A . 
D 3 HOH 77  378 77  HOH HOH A . 
D 3 HOH 78  379 78  HOH HOH A . 
D 3 HOH 79  380 79  HOH HOH A . 
D 3 HOH 80  381 80  HOH HOH A . 
D 3 HOH 81  382 81  HOH HOH A . 
D 3 HOH 82  383 82  HOH HOH A . 
D 3 HOH 83  384 83  HOH HOH A . 
D 3 HOH 84  385 84  HOH HOH A . 
D 3 HOH 85  386 85  HOH HOH A . 
D 3 HOH 86  387 86  HOH HOH A . 
D 3 HOH 87  388 87  HOH HOH A . 
D 3 HOH 88  389 88  HOH HOH A . 
D 3 HOH 89  390 89  HOH HOH A . 
D 3 HOH 90  391 90  HOH HOH A . 
D 3 HOH 91  392 91  HOH HOH A . 
D 3 HOH 92  393 92  HOH HOH A . 
D 3 HOH 93  394 93  HOH HOH A . 
D 3 HOH 94  395 94  HOH HOH A . 
D 3 HOH 95  396 95  HOH HOH A . 
D 3 HOH 96  397 96  HOH HOH A . 
D 3 HOH 97  398 97  HOH HOH A . 
D 3 HOH 98  399 98  HOH HOH A . 
D 3 HOH 99  400 99  HOH HOH A . 
D 3 HOH 100 401 100 HOH HOH A . 
D 3 HOH 101 402 101 HOH HOH A . 
D 3 HOH 102 403 102 HOH HOH A . 
D 3 HOH 103 404 103 HOH HOH A . 
D 3 HOH 104 405 104 HOH HOH A . 
D 3 HOH 105 406 105 HOH HOH A . 
D 3 HOH 106 407 106 HOH HOH A . 
D 3 HOH 107 408 107 HOH HOH A . 
D 3 HOH 108 409 108 HOH HOH A . 
D 3 HOH 109 410 109 HOH HOH A . 
D 3 HOH 110 411 110 HOH HOH A . 
D 3 HOH 111 412 111 HOH HOH A . 
D 3 HOH 112 413 112 HOH HOH A . 
D 3 HOH 113 414 113 HOH HOH A . 
D 3 HOH 114 415 114 HOH HOH A . 
D 3 HOH 115 416 115 HOH HOH A . 
D 3 HOH 116 417 116 HOH HOH A . 
D 3 HOH 117 418 117 HOH HOH A . 
D 3 HOH 118 419 118 HOH HOH A . 
D 3 HOH 119 420 119 HOH HOH A . 
D 3 HOH 120 421 120 HOH HOH A . 
D 3 HOH 121 422 121 HOH HOH A . 
D 3 HOH 122 423 122 HOH HOH A . 
D 3 HOH 123 424 123 HOH HOH A . 
D 3 HOH 124 425 124 HOH HOH A . 
D 3 HOH 125 426 125 HOH HOH A . 
D 3 HOH 126 427 126 HOH HOH A . 
D 3 HOH 127 428 127 HOH HOH A . 
D 3 HOH 128 429 128 HOH HOH A . 
D 3 HOH 129 430 129 HOH HOH A . 
D 3 HOH 130 431 130 HOH HOH A . 
D 3 HOH 131 432 131 HOH HOH A . 
D 3 HOH 132 433 132 HOH HOH A . 
D 3 HOH 133 434 133 HOH HOH A . 
D 3 HOH 134 435 134 HOH HOH A . 
D 3 HOH 135 436 135 HOH HOH A . 
D 3 HOH 136 437 136 HOH HOH A . 
D 3 HOH 137 438 137 HOH HOH A . 
D 3 HOH 138 439 138 HOH HOH A . 
D 3 HOH 139 440 139 HOH HOH A . 
D 3 HOH 140 441 140 HOH HOH A . 
D 3 HOH 141 442 141 HOH HOH A . 
D 3 HOH 142 443 142 HOH HOH A . 
D 3 HOH 143 444 143 HOH HOH A . 
D 3 HOH 144 445 144 HOH HOH A . 
D 3 HOH 145 446 145 HOH HOH A . 
D 3 HOH 146 447 146 HOH HOH A . 
D 3 HOH 147 448 147 HOH HOH A . 
D 3 HOH 148 449 148 HOH HOH A . 
D 3 HOH 149 450 149 HOH HOH A . 
D 3 HOH 150 451 150 HOH HOH A . 
D 3 HOH 151 452 151 HOH HOH A . 
D 3 HOH 152 453 152 HOH HOH A . 
D 3 HOH 153 454 153 HOH HOH A . 
D 3 HOH 154 455 154 HOH HOH A . 
D 3 HOH 155 456 155 HOH HOH A . 
D 3 HOH 156 457 156 HOH HOH A . 
D 3 HOH 157 458 157 HOH HOH A . 
D 3 HOH 158 459 158 HOH HOH A . 
D 3 HOH 159 460 159 HOH HOH A . 
D 3 HOH 160 461 160 HOH HOH A . 
D 3 HOH 161 462 161 HOH HOH A . 
D 3 HOH 162 463 162 HOH HOH A . 
D 3 HOH 163 464 163 HOH HOH A . 
D 3 HOH 164 465 164 HOH HOH A . 
D 3 HOH 165 466 165 HOH HOH A . 
D 3 HOH 166 467 166 HOH HOH A . 
D 3 HOH 167 468 167 HOH HOH A . 
D 3 HOH 168 469 168 HOH HOH A . 
D 3 HOH 169 470 169 HOH HOH A . 
D 3 HOH 170 471 170 HOH HOH A . 
D 3 HOH 171 472 171 HOH HOH A . 
D 3 HOH 172 473 172 HOH HOH A . 
D 3 HOH 173 474 173 HOH HOH A . 
D 3 HOH 174 475 174 HOH HOH A . 
D 3 HOH 175 476 175 HOH HOH A . 
D 3 HOH 176 477 176 HOH HOH A . 
D 3 HOH 177 478 177 HOH HOH A . 
D 3 HOH 178 479 178 HOH HOH A . 
D 3 HOH 179 480 179 HOH HOH A . 
D 3 HOH 180 481 180 HOH HOH A . 
D 3 HOH 181 482 181 HOH HOH A . 
D 3 HOH 182 483 182 HOH HOH A . 
D 3 HOH 183 484 183 HOH HOH A . 
D 3 HOH 184 485 184 HOH HOH A . 
D 3 HOH 185 486 185 HOH HOH A . 
D 3 HOH 186 487 186 HOH HOH A . 
D 3 HOH 187 488 187 HOH HOH A . 
D 3 HOH 188 489 188 HOH HOH A . 
D 3 HOH 189 490 189 HOH HOH A . 
D 3 HOH 190 491 190 HOH HOH A . 
# 
loop_
_software.name 
_software.version 
_software.date 
_software.type 
_software.contact_author 
_software.contact_author_email 
_software.classification 
_software.location 
_software.language 
_software.citation_id 
_software.pdbx_ordinal 
d*TREK       .              ?               package 'Pflugrath, J.W.' jwp@RigakuMSC.com        'data scaling'    
http://www.msc.com/protein/dtrek.html ?       ? 1 
REFMAC       5.2.0005       ?               program 'Murshudov, G.N.' ccp4@dl.ac.uk            refinement        
http://www.ccp4.ac.uk/main.html       Fortran ? 2 
PDB_EXTRACT  1.700          'May. 30, 2005' package PDB               sw-help@rcsb.rutgers.edu 'data extraction' 
http://pdb.rutgers.edu/software/      C++     ? 3 
CrystalClear '(MSC/RIGAKU)' ?               ?       ?                 ?                        'data reduction'  ? ?       ? 4 
MOLREP       .              ?               ?       ?                 ?                        phasing           ? ?       ? 5 
# 
_cell.length_a           32.528 
_cell.length_b           74.575 
_cell.length_c           113.083 
_cell.angle_alpha        90.00 
_cell.angle_beta         90.00 
_cell.angle_gamma        90.00 
_cell.entry_id           2APX 
_cell.pdbx_unique_axis   ? 
_cell.Z_PDB              8 
_cell.length_a_esd       ? 
_cell.length_b_esd       ? 
_cell.length_c_esd       ? 
_cell.angle_alpha_esd    ? 
_cell.angle_beta_esd     ? 
_cell.angle_gamma_esd    ? 
# 
_symmetry.space_group_name_H-M             'I 21 21 21' 
_symmetry.entry_id                         2APX 
_symmetry.pdbx_full_space_group_name_H-M   ? 
_symmetry.Int_Tables_number                24 
_symmetry.cell_setting                     ? 
_symmetry.space_group_name_Hall            ? 
# 
_exptl.entry_id          2APX 
_exptl.crystals_number   1 
_exptl.method            'X-RAY DIFFRACTION' 
# 
_exptl_crystal.id                    1 
_exptl_crystal.density_meas          ? 
_exptl_crystal.density_percent_sol   55.3 
_exptl_crystal.density_Matthews      2.8 
_exptl_crystal.description           ? 
_exptl_crystal.F_000                 ? 
_exptl_crystal.preparation           ? 
# 
_exptl_crystal_grow.crystal_id      1 
_exptl_crystal_grow.method          'VAPOR DIFFUSION, HANGING DROP' 
_exptl_crystal_grow.pH              7 
_exptl_crystal_grow.temp            298 
_exptl_crystal_grow.temp_details    ? 
_exptl_crystal_grow.pdbx_details    '2.0 M Sodium Malonate, 0.2 % dioxane, pH 7, VAPOR DIFFUSION, HANGING DROP, temperature 298K' 
_exptl_crystal_grow.pdbx_pH_range   . 
# 
_diffrn.id                     1 
_diffrn.ambient_temp           100 
_diffrn.ambient_temp_details   ? 
_diffrn.crystal_id             1 
# 
_diffrn_detector.diffrn_id              1 
_diffrn_detector.detector               'IMAGE PLATE' 
_diffrn_detector.type                   'RIGAKU RAXIS IV' 
_diffrn_detector.pdbx_collection_date   2003-11-13 
_diffrn_detector.details                mirrors 
# 
_diffrn_radiation.diffrn_id                        1 
_diffrn_radiation.wavelength_id                    1 
_diffrn_radiation.pdbx_diffrn_protocol             'SINGLE WAVELENGTH' 
_diffrn_radiation.monochromator                    'OSMIC MIRRORS' 
_diffrn_radiation.pdbx_monochromatic_or_laue_m_l   M 
_diffrn_radiation.pdbx_scattering_type             x-ray 
# 
_diffrn_radiation_wavelength.id           1 
_diffrn_radiation_wavelength.wavelength   1.5418 
_diffrn_radiation_wavelength.wt           1.0 
# 
_diffrn_source.diffrn_id                   1 
_diffrn_source.source                      'ROTATING ANODE' 
_diffrn_source.type                        'RIGAKU RU200' 
_diffrn_source.pdbx_wavelength             ? 
_diffrn_source.pdbx_wavelength_list        1.5418 
_diffrn_source.pdbx_synchrotron_site       ? 
_diffrn_source.pdbx_synchrotron_beamline   ? 
# 
_reflns.entry_id                     2APX 
_reflns.d_resolution_high            1.44 
_reflns.d_resolution_low             37.3 
_reflns.limit_h_max                  22 
_reflns.limit_h_min                  0 
_reflns.limit_k_max                  51 
_reflns.limit_k_min                  0 
_reflns.limit_l_max                  78 
_reflns.limit_l_min                  0 
_reflns.number_all                   25200 
_reflns.number_obs                   21554 
_reflns.observed_criterion_sigma_F   2.0 
_reflns.observed_criterion_sigma_I   4.0 
_reflns.percent_possible_obs         85.5 
_reflns.pdbx_Rmerge_I_obs            ? 
_reflns.pdbx_Rsym_value              ? 
_reflns.pdbx_netI_over_sigmaI        ? 
_reflns.B_iso_Wilson_estimate        ? 
_reflns.pdbx_redundancy              ? 
_reflns.R_free_details               ? 
_reflns.observed_criterion_F_max     ? 
_reflns.observed_criterion_F_min     ? 
_reflns.pdbx_chi_squared             ? 
_reflns.pdbx_scaling_rejects         ? 
_reflns.pdbx_ordinal                 1 
_reflns.pdbx_diffrn_id               1 
# 
_reflns_shell.d_res_high             1.44 
_reflns_shell.d_res_low              1.595 
_reflns_shell.percent_possible_obs   ? 
_reflns_shell.percent_possible_all   37 
_reflns_shell.Rmerge_I_obs           ? 
_reflns_shell.meanI_over_sigI_obs    ? 
_reflns_shell.pdbx_Rsym_value        ? 
_reflns_shell.pdbx_redundancy        ? 
_reflns_shell.number_unique_all      ? 
_reflns_shell.number_measured_all    ? 
_reflns_shell.number_measured_obs    ? 
_reflns_shell.number_unique_obs      ? 
_reflns_shell.pdbx_chi_squared       ? 
_reflns_shell.pdbx_ordinal           1 
_reflns_shell.pdbx_diffrn_id         1 
# 
_refine.ls_d_res_high                            1.800 
_refine.ls_d_res_low                             30.000 
_refine.pdbx_ls_sigma_F                          0.00 
_refine.ls_percent_reflns_obs                    99.030 
_refine.ls_number_reflns_obs                     13080 
_refine.pdbx_ls_cross_valid_method               THROUGHOUT 
_refine.pdbx_R_Free_selection_details            RANDOM 
_refine.details                                  ? 
_refine.ls_R_factor_all                          0.19 
_refine.ls_R_factor_R_work                       0.188 
_refine.ls_R_factor_R_free                       0.231 
_refine.ls_percent_reflns_R_free                 5.200 
_refine.ls_number_reflns_R_free                  682 
_refine.B_iso_mean                               20.017 
_refine.aniso_B[1][1]                            -0.930 
_refine.aniso_B[2][2]                            0.750 
_refine.aniso_B[3][3]                            0.180 
_refine.aniso_B[1][2]                            0.000 
_refine.aniso_B[1][3]                            0.000 
_refine.aniso_B[2][3]                            0.000 
_refine.correlation_coeff_Fo_to_Fc               0.954 
_refine.correlation_coeff_Fo_to_Fc_free          0.935 
_refine.pdbx_overall_ESU_R                       0.123 
_refine.pdbx_overall_ESU_R_Free                  0.123 
_refine.overall_SU_ML                            0.079 
_refine.overall_SU_B                             2.515 
_refine.solvent_model_details                    MASK 
_refine.pdbx_solvent_vdw_probe_radii             1.200 
_refine.pdbx_solvent_ion_probe_radii             0.800 
_refine.pdbx_solvent_shrinkage_radii             0.800 
_refine.pdbx_stereochemistry_target_values       'MAXIMUM LIKELIHOOD' 
_refine.entry_id                                 2APX 
_refine.pdbx_ls_sigma_I                          ? 
_refine.ls_number_reflns_all                     13208 
_refine.ls_R_factor_obs                          0.189 
_refine.ls_redundancy_reflns_obs                 ? 
_refine.pdbx_data_cutoff_high_absF               ? 
_refine.pdbx_data_cutoff_low_absF                ? 
_refine.ls_number_parameters                     ? 
_refine.ls_number_restraints                     ? 
_refine.ls_R_factor_R_free_error                 ? 
_refine.ls_R_factor_R_free_error_details         ? 
_refine.pdbx_method_to_determine_struct          'MOLECULAR REPLACEMENT' 
_refine.pdbx_starting_model                      ? 
_refine.pdbx_stereochem_target_val_spec_case     ? 
_refine.solvent_model_param_bsol                 ? 
_refine.solvent_model_param_ksol                 ? 
_refine.occupancy_max                            ? 
_refine.occupancy_min                            ? 
_refine.pdbx_isotropic_thermal_model             ? 
_refine.B_iso_min                                ? 
_refine.B_iso_max                                ? 
_refine.overall_SU_R_Cruickshank_DPI             ? 
_refine.overall_SU_R_free                        ? 
_refine.pdbx_data_cutoff_high_rms_absF           ? 
_refine.ls_wR_factor_R_free                      ? 
_refine.ls_wR_factor_R_work                      ? 
_refine.overall_FOM_free_R_set                   ? 
_refine.overall_FOM_work_R_set                   ? 
_refine.pdbx_refine_id                           'X-RAY DIFFRACTION' 
_refine.pdbx_diffrn_id                           1 
_refine.pdbx_TLS_residual_ADP_flag               ? 
_refine.pdbx_overall_phase_error                 ? 
_refine.pdbx_overall_SU_R_free_Cruickshank_DPI   ? 
_refine.pdbx_overall_SU_R_Blow_DPI               ? 
_refine.pdbx_overall_SU_R_free_Blow_DPI          ? 
# 
_refine_hist.pdbx_refine_id                   'X-RAY DIFFRACTION' 
_refine_hist.cycle_id                         LAST 
_refine_hist.pdbx_number_atoms_protein        833 
_refine_hist.pdbx_number_atoms_nucleic_acid   0 
_refine_hist.pdbx_number_atoms_ligand         14 
_refine_hist.number_atoms_solvent             190 
_refine_hist.number_atoms_total               1037 
_refine_hist.d_res_high                       1.800 
_refine_hist.d_res_low                        30.000 
# 
loop_
_refine_ls_restr.type 
_refine_ls_restr.number 
_refine_ls_restr.dev_ideal 
_refine_ls_restr.dev_ideal_target 
_refine_ls_restr.weight 
_refine_ls_restr.pdbx_refine_id 
_refine_ls_restr.pdbx_restraint_function 
r_bond_refined_d         863  0.015  0.021  ? 'X-RAY DIFFRACTION' ? 
r_angle_refined_deg      1168 1.353  1.942  ? 'X-RAY DIFFRACTION' ? 
r_dihedral_angle_1_deg   106  6.738  5.000  ? 'X-RAY DIFFRACTION' ? 
r_dihedral_angle_2_deg   39   33.881 23.590 ? 'X-RAY DIFFRACTION' ? 
r_dihedral_angle_3_deg   128  12.009 15.000 ? 'X-RAY DIFFRACTION' ? 
r_dihedral_angle_4_deg   5    17.232 15.000 ? 'X-RAY DIFFRACTION' ? 
r_chiral_restr           126  0.098  0.200  ? 'X-RAY DIFFRACTION' ? 
r_gen_planes_refined     672  0.006  0.020  ? 'X-RAY DIFFRACTION' ? 
r_nbd_refined            392  0.255  0.200  ? 'X-RAY DIFFRACTION' ? 
r_nbtor_refined          556  0.301  0.200  ? 'X-RAY DIFFRACTION' ? 
r_xyhbond_nbd_refined    149  0.160  0.200  ? 'X-RAY DIFFRACTION' ? 
r_symmetry_vdw_refined   30   0.178  0.200  ? 'X-RAY DIFFRACTION' ? 
r_symmetry_hbond_refined 50   0.184  0.200  ? 'X-RAY DIFFRACTION' ? 
r_mcbond_it              547  0.843  1.500  ? 'X-RAY DIFFRACTION' ? 
r_mcangle_it             855  1.346  2.000  ? 'X-RAY DIFFRACTION' ? 
r_scbond_it              359  2.333  3.000  ? 'X-RAY DIFFRACTION' ? 
r_scangle_it             313  3.268  4.500  ? 'X-RAY DIFFRACTION' ? 
# 
_refine_ls_shell.d_res_high                       1.800 
_refine_ls_shell.d_res_low                        1.847 
_refine_ls_shell.pdbx_total_number_of_bins_used   20 
_refine_ls_shell.percent_reflns_obs               97.880 
_refine_ls_shell.number_reflns_R_work             881 
_refine_ls_shell.R_factor_R_work                  0.326 
_refine_ls_shell.R_factor_R_free                  0.271 
_refine_ls_shell.percent_reflns_R_free            ? 
_refine_ls_shell.number_reflns_R_free             44 
_refine_ls_shell.R_factor_R_free_error            ? 
_refine_ls_shell.number_reflns_all                925 
_refine_ls_shell.number_reflns_obs                ? 
_refine_ls_shell.redundancy_reflns_obs            ? 
_refine_ls_shell.R_factor_all                     ? 
_refine_ls_shell.pdbx_refine_id                   'X-RAY DIFFRACTION' 
# 
_struct.entry_id                  2APX 
_struct.title                     
'Crystal Structure of the G17E/A52V/S54N/K66E/Q72H/E80V/L81S/T87S/G96V variant of the murine T cell receptor V beta 8.2 domain' 
_struct.pdbx_model_details        ? 
_struct.pdbx_CASP_flag            ? 
_struct.pdbx_model_type_details   ? 
# 
_struct_keywords.entry_id        2APX 
_struct_keywords.pdbx_keywords   'IMMUNE SYSTEM' 
_struct_keywords.text            'the murine T cell receptor V beta 8.2 domain, Immune system' 
# 
loop_
_struct_asym.id 
_struct_asym.pdbx_blank_PDB_chainid_flag 
_struct_asym.pdbx_modified 
_struct_asym.entity_id 
_struct_asym.details 
A N N 1 ? 
B N N 2 ? 
C N N 2 ? 
D N N 3 ? 
# 
_struct_ref.id                         1 
_struct_ref.entity_id                  1 
_struct_ref.db_name                    UNP 
_struct_ref.db_code                    A2NAI0_RAT 
_struct_ref.pdbx_db_accession          A2NAI0 
_struct_ref.pdbx_db_isoform            ? 
_struct_ref.pdbx_seq_one_letter_code   ? 
_struct_ref.pdbx_align_begin           ? 
# 
_struct_ref_seq.align_id                      1 
_struct_ref_seq.ref_id                        1 
_struct_ref_seq.pdbx_PDB_id_code              2APX 
_struct_ref_seq.pdbx_strand_id                A 
_struct_ref_seq.seq_align_beg                 3 
_struct_ref_seq.pdbx_seq_align_beg_ins_code   ? 
_struct_ref_seq.seq_align_end                 95 
_struct_ref_seq.pdbx_seq_align_end_ins_code   ? 
_struct_ref_seq.pdbx_db_accession             A2NAI0 
_struct_ref_seq.db_align_beg                  2 
_struct_ref_seq.pdbx_db_align_beg_ins_code    ? 
_struct_ref_seq.db_align_end                  94 
_struct_ref_seq.pdbx_db_align_end_ins_code    ? 
_struct_ref_seq.pdbx_auth_seq_align_beg       1 
_struct_ref_seq.pdbx_auth_seq_align_end       94 
# 
_pdbx_struct_assembly.id                   1 
_pdbx_struct_assembly.details              author_defined_assembly 
_pdbx_struct_assembly.method_details       ? 
_pdbx_struct_assembly.oligomeric_details   monomeric 
_pdbx_struct_assembly.oligomeric_count     1 
# 
_pdbx_struct_assembly_gen.assembly_id       1 
_pdbx_struct_assembly_gen.oper_expression   1 
_pdbx_struct_assembly_gen.asym_id_list      A,B,C,D 
# 
_pdbx_struct_oper_list.id                   1 
_pdbx_struct_oper_list.type                 'identity operation' 
_pdbx_struct_oper_list.name                 1_555 
_pdbx_struct_oper_list.symmetry_operation   x,y,z 
_pdbx_struct_oper_list.matrix[1][1]         1.0000000000 
_pdbx_struct_oper_list.matrix[1][2]         0.0000000000 
_pdbx_struct_oper_list.matrix[1][3]         0.0000000000 
_pdbx_struct_oper_list.vector[1]            0.0000000000 
_pdbx_struct_oper_list.matrix[2][1]         0.0000000000 
_pdbx_struct_oper_list.matrix[2][2]         1.0000000000 
_pdbx_struct_oper_list.matrix[2][3]         0.0000000000 
_pdbx_struct_oper_list.vector[2]            0.0000000000 
_pdbx_struct_oper_list.matrix[3][1]         0.0000000000 
_pdbx_struct_oper_list.matrix[3][2]         0.0000000000 
_pdbx_struct_oper_list.matrix[3][3]         1.0000000000 
_pdbx_struct_oper_list.vector[3]            0.0000000000 
# 
_struct_biol.id                    1 
_struct_biol.pdbx_parent_biol_id   ? 
_struct_biol.details               ? 
# 
_struct_conf.conf_type_id            HELX_P 
_struct_conf.id                      HELX_P1 
_struct_conf.pdbx_PDB_helix_id       1 
_struct_conf.beg_label_comp_id       THR 
_struct_conf.beg_label_asym_id       A 
_struct_conf.beg_label_seq_id        84 
_struct_conf.pdbx_beg_PDB_ins_code   ? 
_struct_conf.end_label_comp_id       SER 
_struct_conf.end_label_asym_id       A 
_struct_conf.end_label_seq_id        88 
_struct_conf.pdbx_end_PDB_ins_code   ? 
_struct_conf.beg_auth_comp_id        THR 
_struct_conf.beg_auth_asym_id        A 
_struct_conf.beg_auth_seq_id         83 
_struct_conf.end_auth_comp_id        SER 
_struct_conf.end_auth_asym_id        A 
_struct_conf.end_auth_seq_id         87 
_struct_conf.pdbx_PDB_helix_class    5 
_struct_conf.details                 ? 
_struct_conf.pdbx_PDB_helix_length   5 
# 
_struct_conf_type.id          HELX_P 
_struct_conf_type.criteria    ? 
_struct_conf_type.reference   ? 
# 
_struct_conn.id                            disulf1 
_struct_conn.conn_type_id                  disulf 
_struct_conn.pdbx_leaving_atom_flag        ? 
_struct_conn.pdbx_PDB_id                   ? 
_struct_conn.ptnr1_label_asym_id           A 
_struct_conn.ptnr1_label_comp_id           CYS 
_struct_conn.ptnr1_label_seq_id            25 
_struct_conn.ptnr1_label_atom_id           SG 
_struct_conn.pdbx_ptnr1_label_alt_id       ? 
_struct_conn.pdbx_ptnr1_PDB_ins_code       ? 
_struct_conn.pdbx_ptnr1_standard_comp_id   ? 
_struct_conn.ptnr1_symmetry                1_555 
_struct_conn.ptnr2_label_asym_id           A 
_struct_conn.ptnr2_label_comp_id           CYS 
_struct_conn.ptnr2_label_seq_id            93 
_struct_conn.ptnr2_label_atom_id           SG 
_struct_conn.pdbx_ptnr2_label_alt_id       ? 
_struct_conn.pdbx_ptnr2_PDB_ins_code       ? 
_struct_conn.ptnr1_auth_asym_id            A 
_struct_conn.ptnr1_auth_comp_id            CYS 
_struct_conn.ptnr1_auth_seq_id             23 
_struct_conn.ptnr2_auth_asym_id            A 
_struct_conn.ptnr2_auth_comp_id            CYS 
_struct_conn.ptnr2_auth_seq_id             92 
_struct_conn.ptnr2_symmetry                1_555 
_struct_conn.pdbx_ptnr3_label_atom_id      ? 
_struct_conn.pdbx_ptnr3_label_seq_id       ? 
_struct_conn.pdbx_ptnr3_label_comp_id      ? 
_struct_conn.pdbx_ptnr3_label_asym_id      ? 
_struct_conn.pdbx_ptnr3_label_alt_id       ? 
_struct_conn.pdbx_ptnr3_PDB_ins_code       ? 
_struct_conn.details                       ? 
_struct_conn.pdbx_dist_value               2.076 
_struct_conn.pdbx_value_order              ? 
_struct_conn.pdbx_role                     ? 
# 
_struct_conn_type.id          disulf 
_struct_conn_type.criteria    ? 
_struct_conn_type.reference   ? 
# 
_pdbx_modification_feature.ordinal                            1 
_pdbx_modification_feature.label_comp_id                      CYS 
_pdbx_modification_feature.label_asym_id                      A 
_pdbx_modification_feature.label_seq_id                       25 
_pdbx_modification_feature.label_alt_id                       ? 
_pdbx_modification_feature.modified_residue_label_comp_id     CYS 
_pdbx_modification_feature.modified_residue_label_asym_id     A 
_pdbx_modification_feature.modified_residue_label_seq_id      93 
_pdbx_modification_feature.modified_residue_label_alt_id      ? 
_pdbx_modification_feature.auth_comp_id                       CYS 
_pdbx_modification_feature.auth_asym_id                       A 
_pdbx_modification_feature.auth_seq_id                        23 
_pdbx_modification_feature.PDB_ins_code                       ? 
_pdbx_modification_feature.symmetry                           1_555 
_pdbx_modification_feature.modified_residue_auth_comp_id      CYS 
_pdbx_modification_feature.modified_residue_auth_asym_id      A 
_pdbx_modification_feature.modified_residue_auth_seq_id       92 
_pdbx_modification_feature.modified_residue_PDB_ins_code      ? 
_pdbx_modification_feature.modified_residue_symmetry          1_555 
_pdbx_modification_feature.comp_id_linking_atom               SG 
_pdbx_modification_feature.modified_residue_id_linking_atom   SG 
_pdbx_modification_feature.modified_residue_id                . 
_pdbx_modification_feature.ref_pcm_id                         . 
_pdbx_modification_feature.ref_comp_id                        . 
_pdbx_modification_feature.type                               None 
_pdbx_modification_feature.category                           'Disulfide bridge' 
# 
_struct_mon_prot_cis.pdbx_id                1 
_struct_mon_prot_cis.label_comp_id          SER 
_struct_mon_prot_cis.label_seq_id           9 
_struct_mon_prot_cis.label_asym_id          A 
_struct_mon_prot_cis.label_alt_id           . 
_struct_mon_prot_cis.pdbx_PDB_ins_code      ? 
_struct_mon_prot_cis.auth_comp_id           SER 
_struct_mon_prot_cis.auth_seq_id            7 
_struct_mon_prot_cis.auth_asym_id           A 
_struct_mon_prot_cis.pdbx_label_comp_id_2   PRO 
_struct_mon_prot_cis.pdbx_label_seq_id_2    10 
_struct_mon_prot_cis.pdbx_label_asym_id_2   A 
_struct_mon_prot_cis.pdbx_PDB_ins_code_2    ? 
_struct_mon_prot_cis.pdbx_auth_comp_id_2    PRO 
_struct_mon_prot_cis.pdbx_auth_seq_id_2     8 
_struct_mon_prot_cis.pdbx_auth_asym_id_2    A 
_struct_mon_prot_cis.pdbx_PDB_model_num     1 
_struct_mon_prot_cis.pdbx_omega_angle       -2.38 
# 
loop_
_struct_sheet.id 
_struct_sheet.type 
_struct_sheet.number_strands 
_struct_sheet.details 
A ? 4 ? 
B ? 6 ? 
C ? 4 ? 
# 
loop_
_struct_sheet_order.sheet_id 
_struct_sheet_order.range_id_1 
_struct_sheet_order.range_id_2 
_struct_sheet_order.offset 
_struct_sheet_order.sense 
A 1 2 ? anti-parallel 
A 2 3 ? anti-parallel 
A 3 4 ? anti-parallel 
B 1 2 ? parallel      
B 2 3 ? anti-parallel 
B 3 4 ? anti-parallel 
B 4 5 ? anti-parallel 
B 5 6 ? anti-parallel 
C 1 2 ? parallel      
C 2 3 ? anti-parallel 
C 3 4 ? anti-parallel 
# 
loop_
_struct_sheet_range.sheet_id 
_struct_sheet_range.id 
_struct_sheet_range.beg_label_comp_id 
_struct_sheet_range.beg_label_asym_id 
_struct_sheet_range.beg_label_seq_id 
_struct_sheet_range.pdbx_beg_PDB_ins_code 
_struct_sheet_range.end_label_comp_id 
_struct_sheet_range.end_label_asym_id 
_struct_sheet_range.end_label_seq_id 
_struct_sheet_range.pdbx_end_PDB_ins_code 
_struct_sheet_range.beg_auth_comp_id 
_struct_sheet_range.beg_auth_asym_id 
_struct_sheet_range.beg_auth_seq_id 
_struct_sheet_range.end_auth_comp_id 
_struct_sheet_range.end_auth_asym_id 
_struct_sheet_range.end_auth_seq_id 
A 1 VAL A 6   ? SER A 9   ? VAL A 4   SER A 7   
A 2 VAL A 21  ? GLN A 27  ? VAL A 19  GLN A 25  
A 3 GLN A 75  ? LEU A 80  ? GLN A 74  LEU A 79  
A 4 TYR A 66  ? SER A 72  ? TYR A 65  SER A 71  
B 1 ASN A 12  ? VAL A 16  ? ASN A 10  VAL A 14  
B 2 THR A 107 ? LEU A 112 ? THR A 112 LEU A 117 
B 3 SER A 89  ? GLY A 96  ? SER A 88  GLY A 95  
B 4 ASN A 33  ? GLN A 39  ? ASN A 31  GLN A 37  
B 5 LEU A 45  ? SER A 51  ? LEU A 43  SER A 49  
B 6 GLU A 58  ? LYS A 59  ? GLU A 56  LYS A 57  
C 1 ASN A 12  ? VAL A 16  ? ASN A 10  VAL A 14  
C 2 THR A 107 ? LEU A 112 ? THR A 112 LEU A 117 
C 3 SER A 89  ? GLY A 96  ? SER A 88  GLY A 95  
C 4 TYR A 102 ? PHE A 103 ? TYR A 101 PHE A 108 
# 
loop_
_pdbx_struct_sheet_hbond.sheet_id 
_pdbx_struct_sheet_hbond.range_id_1 
_pdbx_struct_sheet_hbond.range_id_2 
_pdbx_struct_sheet_hbond.range_1_label_atom_id 
_pdbx_struct_sheet_hbond.range_1_label_comp_id 
_pdbx_struct_sheet_hbond.range_1_label_asym_id 
_pdbx_struct_sheet_hbond.range_1_label_seq_id 
_pdbx_struct_sheet_hbond.range_1_PDB_ins_code 
_pdbx_struct_sheet_hbond.range_1_auth_atom_id 
_pdbx_struct_sheet_hbond.range_1_auth_comp_id 
_pdbx_struct_sheet_hbond.range_1_auth_asym_id 
_pdbx_struct_sheet_hbond.range_1_auth_seq_id 
_pdbx_struct_sheet_hbond.range_2_label_atom_id 
_pdbx_struct_sheet_hbond.range_2_label_comp_id 
_pdbx_struct_sheet_hbond.range_2_label_asym_id 
_pdbx_struct_sheet_hbond.range_2_label_seq_id 
_pdbx_struct_sheet_hbond.range_2_PDB_ins_code 
_pdbx_struct_sheet_hbond.range_2_auth_atom_id 
_pdbx_struct_sheet_hbond.range_2_auth_comp_id 
_pdbx_struct_sheet_hbond.range_2_auth_asym_id 
_pdbx_struct_sheet_hbond.range_2_auth_seq_id 
A 1 2 N SER A 9   ? N SER A 7   O SER A 24  ? O SER A 22  
A 2 3 N VAL A 21  ? N VAL A 19  O LEU A 80  ? O LEU A 79  
A 3 4 O SER A 77  ? O SER A 76  N SER A 69  ? N SER A 68  
B 1 2 N ALA A 15  ? N ALA A 13  O SER A 110 ? O SER A 115 
B 2 3 O LEU A 109 ? O LEU A 114 N SER A 89  ? N SER A 88  
B 3 4 O PHE A 92  ? O PHE A 91  N TYR A 37  ? N TYR A 35  
B 4 5 N ARG A 38  ? N ARG A 36  O ARG A 46  ? O ARG A 44  
B 5 6 N TYR A 50  ? N TYR A 48  O GLU A 58  ? O GLU A 56  
C 1 2 N ALA A 15  ? N ALA A 13  O SER A 110 ? O SER A 115 
C 2 3 O LEU A 109 ? O LEU A 114 N SER A 89  ? N SER A 88  
C 3 4 N SER A 95  ? N SER A 94  O TYR A 102 ? O TYR A 101 
# 
loop_
_struct_site.id 
_struct_site.pdbx_evidence_code 
_struct_site.pdbx_auth_asym_id 
_struct_site.pdbx_auth_comp_id 
_struct_site.pdbx_auth_seq_id 
_struct_site.pdbx_auth_ins_code 
_struct_site.pdbx_num_residues 
_struct_site.details 
AC1 Software A MLA 300 ? 10 'BINDING SITE FOR RESIDUE MLA A 300' 
AC2 Software A MLA 301 ? 5  'BINDING SITE FOR RESIDUE MLA A 301' 
# 
loop_
_struct_site_gen.id 
_struct_site_gen.site_id 
_struct_site_gen.pdbx_num_res 
_struct_site_gen.label_comp_id 
_struct_site_gen.label_asym_id 
_struct_site_gen.label_seq_id 
_struct_site_gen.pdbx_auth_ins_code 
_struct_site_gen.auth_comp_id 
_struct_site_gen.auth_asym_id 
_struct_site_gen.auth_seq_id 
_struct_site_gen.label_atom_id 
_struct_site_gen.label_alt_id 
_struct_site_gen.symmetry 
_struct_site_gen.details 
1  AC1 10 ASN A 30  ? ASN A 28  . ? 1_655 ? 
2  AC1 10 HIS A 31  ? HIS A 29  . ? 6_565 ? 
3  AC1 10 ARG A 46  ? ARG A 44  . ? 1_555 ? 
4  AC1 10 THR A 100 ? THR A 99  . ? 6_565 ? 
5  AC1 10 HOH D .   ? HOH A 309 . ? 1_555 ? 
6  AC1 10 HOH D .   ? HOH A 321 . ? 1_555 ? 
7  AC1 10 HOH D .   ? HOH A 387 . ? 1_555 ? 
8  AC1 10 HOH D .   ? HOH A 403 . ? 6_665 ? 
9  AC1 10 HOH D .   ? HOH A 403 . ? 1_555 ? 
10 AC1 10 HOH D .   ? HOH A 467 . ? 1_555 ? 
11 AC2 5  TYR A 35  ? TYR A 33  . ? 1_555 ? 
12 AC2 5  GLY A 98  ? GLY A 97  . ? 1_555 ? 
13 AC2 5  HOH D .   ? HOH A 408 . ? 1_555 ? 
14 AC2 5  HOH D .   ? HOH A 439 . ? 1_555 ? 
15 AC2 5  HOH D .   ? HOH A 449 . ? 1_555 ? 
# 
_pdbx_entry_details.entry_id                   2APX 
_pdbx_entry_details.compound_details           ? 
_pdbx_entry_details.source_details             ? 
_pdbx_entry_details.nonpolymer_details         ? 
_pdbx_entry_details.sequence_details           ? 
_pdbx_entry_details.has_ligand_of_interest     ? 
_pdbx_entry_details.has_protein_modification   Y 
# 
_pdbx_validate_symm_contact.id                1 
_pdbx_validate_symm_contact.PDB_model_num     1 
_pdbx_validate_symm_contact.auth_atom_id_1    O 
_pdbx_validate_symm_contact.auth_asym_id_1    A 
_pdbx_validate_symm_contact.auth_comp_id_1    HOH 
_pdbx_validate_symm_contact.auth_seq_id_1     468 
_pdbx_validate_symm_contact.PDB_ins_code_1    ? 
_pdbx_validate_symm_contact.label_alt_id_1    ? 
_pdbx_validate_symm_contact.site_symmetry_1   1_555 
_pdbx_validate_symm_contact.auth_atom_id_2    O 
_pdbx_validate_symm_contact.auth_asym_id_2    A 
_pdbx_validate_symm_contact.auth_comp_id_2    HOH 
_pdbx_validate_symm_contact.auth_seq_id_2     488 
_pdbx_validate_symm_contact.PDB_ins_code_2    ? 
_pdbx_validate_symm_contact.label_alt_id_2    ? 
_pdbx_validate_symm_contact.site_symmetry_2   7_456 
_pdbx_validate_symm_contact.dist              0.49 
# 
_pdbx_validate_rmsd_bond.id                        1 
_pdbx_validate_rmsd_bond.PDB_model_num             1 
_pdbx_validate_rmsd_bond.auth_atom_id_1            C 
_pdbx_validate_rmsd_bond.auth_asym_id_1            A 
_pdbx_validate_rmsd_bond.auth_comp_id_1            TYR 
_pdbx_validate_rmsd_bond.auth_seq_id_1             101 
_pdbx_validate_rmsd_bond.PDB_ins_code_1            ? 
_pdbx_validate_rmsd_bond.label_alt_id_1            ? 
_pdbx_validate_rmsd_bond.auth_atom_id_2            N 
_pdbx_validate_rmsd_bond.auth_asym_id_2            A 
_pdbx_validate_rmsd_bond.auth_comp_id_2            PHE 
_pdbx_validate_rmsd_bond.auth_seq_id_2             108 
_pdbx_validate_rmsd_bond.PDB_ins_code_2            ? 
_pdbx_validate_rmsd_bond.label_alt_id_2            ? 
_pdbx_validate_rmsd_bond.bond_value                1.562 
_pdbx_validate_rmsd_bond.bond_target_value         1.336 
_pdbx_validate_rmsd_bond.bond_deviation            0.226 
_pdbx_validate_rmsd_bond.bond_standard_deviation   0.023 
_pdbx_validate_rmsd_bond.linker_flag               Y 
# 
loop_
_pdbx_validate_torsion.id 
_pdbx_validate_torsion.PDB_model_num 
_pdbx_validate_torsion.auth_comp_id 
_pdbx_validate_torsion.auth_asym_id 
_pdbx_validate_torsion.auth_seq_id 
_pdbx_validate_torsion.PDB_ins_code 
_pdbx_validate_torsion.label_alt_id 
_pdbx_validate_torsion.phi 
_pdbx_validate_torsion.psi 
1 1 ILE A 46 ? ? -92.05  -61.36  
2 1 ARG A 69 ? ? -117.20 78.66   
3 1 SER A 88 ? ? -174.68 -172.77 
# 
_pdbx_validate_polymer_linkage.id               1 
_pdbx_validate_polymer_linkage.PDB_model_num    1 
_pdbx_validate_polymer_linkage.auth_atom_id_1   C 
_pdbx_validate_polymer_linkage.auth_asym_id_1   A 
_pdbx_validate_polymer_linkage.auth_comp_id_1   GLY 
_pdbx_validate_polymer_linkage.auth_seq_id_1    63 
_pdbx_validate_polymer_linkage.PDB_ins_code_1   ? 
_pdbx_validate_polymer_linkage.label_alt_id_1   ? 
_pdbx_validate_polymer_linkage.auth_atom_id_2   N 
_pdbx_validate_polymer_linkage.auth_asym_id_2   A 
_pdbx_validate_polymer_linkage.auth_comp_id_2   TYR 
_pdbx_validate_polymer_linkage.auth_seq_id_2    65 
_pdbx_validate_polymer_linkage.PDB_ins_code_2   ? 
_pdbx_validate_polymer_linkage.label_alt_id_2   ? 
_pdbx_validate_polymer_linkage.dist             1.74 
# 
loop_
_pdbx_struct_special_symmetry.id 
_pdbx_struct_special_symmetry.PDB_model_num 
_pdbx_struct_special_symmetry.auth_asym_id 
_pdbx_struct_special_symmetry.auth_comp_id 
_pdbx_struct_special_symmetry.auth_seq_id 
_pdbx_struct_special_symmetry.PDB_ins_code 
_pdbx_struct_special_symmetry.label_asym_id 
_pdbx_struct_special_symmetry.label_comp_id 
_pdbx_struct_special_symmetry.label_seq_id 
1 1 A HOH 390 ? D HOH . 
2 1 A HOH 403 ? D HOH . 
3 1 A HOH 489 ? D HOH . 
# 
_pdbx_database_remark.id     999 
_pdbx_database_remark.text   
;SEQUENCE
NO SUITABLE SEQUENCE DATABASE REFERENCE WAS AVAILABLE 
AT THE TIME OF PROCESSING THIS FILE. 
;
# 
loop_
_pdbx_unobs_or_zero_occ_residues.id 
_pdbx_unobs_or_zero_occ_residues.PDB_model_num 
_pdbx_unobs_or_zero_occ_residues.polymer_flag 
_pdbx_unobs_or_zero_occ_residues.occupancy_flag 
_pdbx_unobs_or_zero_occ_residues.auth_asym_id 
_pdbx_unobs_or_zero_occ_residues.auth_comp_id 
_pdbx_unobs_or_zero_occ_residues.auth_seq_id 
_pdbx_unobs_or_zero_occ_residues.PDB_ins_code 
_pdbx_unobs_or_zero_occ_residues.label_asym_id 
_pdbx_unobs_or_zero_occ_residues.label_comp_id 
_pdbx_unobs_or_zero_occ_residues.label_seq_id 
1 1 Y 1 A ILE -1 ? A ILE 1 
2 1 Y 1 A LEU 0  ? A LEU 2 
3 1 Y 1 A GLU 1  ? A GLU 3 
# 
loop_
_chem_comp_atom.comp_id 
_chem_comp_atom.atom_id 
_chem_comp_atom.type_symbol 
_chem_comp_atom.pdbx_aromatic_flag 
_chem_comp_atom.pdbx_stereo_config 
_chem_comp_atom.pdbx_ordinal 
ALA N    N N N 1   
ALA CA   C N S 2   
ALA C    C N N 3   
ALA O    O N N 4   
ALA CB   C N N 5   
ALA OXT  O N N 6   
ALA H    H N N 7   
ALA H2   H N N 8   
ALA HA   H N N 9   
ALA HB1  H N N 10  
ALA HB2  H N N 11  
ALA HB3  H N N 12  
ALA HXT  H N N 13  
ARG N    N N N 14  
ARG CA   C N S 15  
ARG C    C N N 16  
ARG O    O N N 17  
ARG CB   C N N 18  
ARG CG   C N N 19  
ARG CD   C N N 20  
ARG NE   N N N 21  
ARG CZ   C N N 22  
ARG NH1  N N N 23  
ARG NH2  N N N 24  
ARG OXT  O N N 25  
ARG H    H N N 26  
ARG H2   H N N 27  
ARG HA   H N N 28  
ARG HB2  H N N 29  
ARG HB3  H N N 30  
ARG HG2  H N N 31  
ARG HG3  H N N 32  
ARG HD2  H N N 33  
ARG HD3  H N N 34  
ARG HE   H N N 35  
ARG HH11 H N N 36  
ARG HH12 H N N 37  
ARG HH21 H N N 38  
ARG HH22 H N N 39  
ARG HXT  H N N 40  
ASN N    N N N 41  
ASN CA   C N S 42  
ASN C    C N N 43  
ASN O    O N N 44  
ASN CB   C N N 45  
ASN CG   C N N 46  
ASN OD1  O N N 47  
ASN ND2  N N N 48  
ASN OXT  O N N 49  
ASN H    H N N 50  
ASN H2   H N N 51  
ASN HA   H N N 52  
ASN HB2  H N N 53  
ASN HB3  H N N 54  
ASN HD21 H N N 55  
ASN HD22 H N N 56  
ASN HXT  H N N 57  
ASP N    N N N 58  
ASP CA   C N S 59  
ASP C    C N N 60  
ASP O    O N N 61  
ASP CB   C N N 62  
ASP CG   C N N 63  
ASP OD1  O N N 64  
ASP OD2  O N N 65  
ASP OXT  O N N 66  
ASP H    H N N 67  
ASP H2   H N N 68  
ASP HA   H N N 69  
ASP HB2  H N N 70  
ASP HB3  H N N 71  
ASP HD2  H N N 72  
ASP HXT  H N N 73  
CYS N    N N N 74  
CYS CA   C N R 75  
CYS C    C N N 76  
CYS O    O N N 77  
CYS CB   C N N 78  
CYS SG   S N N 79  
CYS OXT  O N N 80  
CYS H    H N N 81  
CYS H2   H N N 82  
CYS HA   H N N 83  
CYS HB2  H N N 84  
CYS HB3  H N N 85  
CYS HG   H N N 86  
CYS HXT  H N N 87  
GLN N    N N N 88  
GLN CA   C N S 89  
GLN C    C N N 90  
GLN O    O N N 91  
GLN CB   C N N 92  
GLN CG   C N N 93  
GLN CD   C N N 94  
GLN OE1  O N N 95  
GLN NE2  N N N 96  
GLN OXT  O N N 97  
GLN H    H N N 98  
GLN H2   H N N 99  
GLN HA   H N N 100 
GLN HB2  H N N 101 
GLN HB3  H N N 102 
GLN HG2  H N N 103 
GLN HG3  H N N 104 
GLN HE21 H N N 105 
GLN HE22 H N N 106 
GLN HXT  H N N 107 
GLU N    N N N 108 
GLU CA   C N S 109 
GLU C    C N N 110 
GLU O    O N N 111 
GLU CB   C N N 112 
GLU CG   C N N 113 
GLU CD   C N N 114 
GLU OE1  O N N 115 
GLU OE2  O N N 116 
GLU OXT  O N N 117 
GLU H    H N N 118 
GLU H2   H N N 119 
GLU HA   H N N 120 
GLU HB2  H N N 121 
GLU HB3  H N N 122 
GLU HG2  H N N 123 
GLU HG3  H N N 124 
GLU HE2  H N N 125 
GLU HXT  H N N 126 
GLY N    N N N 127 
GLY CA   C N N 128 
GLY C    C N N 129 
GLY O    O N N 130 
GLY OXT  O N N 131 
GLY H    H N N 132 
GLY H2   H N N 133 
GLY HA2  H N N 134 
GLY HA3  H N N 135 
GLY HXT  H N N 136 
HIS N    N N N 137 
HIS CA   C N S 138 
HIS C    C N N 139 
HIS O    O N N 140 
HIS CB   C N N 141 
HIS CG   C Y N 142 
HIS ND1  N Y N 143 
HIS CD2  C Y N 144 
HIS CE1  C Y N 145 
HIS NE2  N Y N 146 
HIS OXT  O N N 147 
HIS H    H N N 148 
HIS H2   H N N 149 
HIS HA   H N N 150 
HIS HB2  H N N 151 
HIS HB3  H N N 152 
HIS HD1  H N N 153 
HIS HD2  H N N 154 
HIS HE1  H N N 155 
HIS HE2  H N N 156 
HIS HXT  H N N 157 
HOH O    O N N 158 
HOH H1   H N N 159 
HOH H2   H N N 160 
ILE N    N N N 161 
ILE CA   C N S 162 
ILE C    C N N 163 
ILE O    O N N 164 
ILE CB   C N S 165 
ILE CG1  C N N 166 
ILE CG2  C N N 167 
ILE CD1  C N N 168 
ILE OXT  O N N 169 
ILE H    H N N 170 
ILE H2   H N N 171 
ILE HA   H N N 172 
ILE HB   H N N 173 
ILE HG12 H N N 174 
ILE HG13 H N N 175 
ILE HG21 H N N 176 
ILE HG22 H N N 177 
ILE HG23 H N N 178 
ILE HD11 H N N 179 
ILE HD12 H N N 180 
ILE HD13 H N N 181 
ILE HXT  H N N 182 
LEU N    N N N 183 
LEU CA   C N S 184 
LEU C    C N N 185 
LEU O    O N N 186 
LEU CB   C N N 187 
LEU CG   C N N 188 
LEU CD1  C N N 189 
LEU CD2  C N N 190 
LEU OXT  O N N 191 
LEU H    H N N 192 
LEU H2   H N N 193 
LEU HA   H N N 194 
LEU HB2  H N N 195 
LEU HB3  H N N 196 
LEU HG   H N N 197 
LEU HD11 H N N 198 
LEU HD12 H N N 199 
LEU HD13 H N N 200 
LEU HD21 H N N 201 
LEU HD22 H N N 202 
LEU HD23 H N N 203 
LEU HXT  H N N 204 
LYS N    N N N 205 
LYS CA   C N S 206 
LYS C    C N N 207 
LYS O    O N N 208 
LYS CB   C N N 209 
LYS CG   C N N 210 
LYS CD   C N N 211 
LYS CE   C N N 212 
LYS NZ   N N N 213 
LYS OXT  O N N 214 
LYS H    H N N 215 
LYS H2   H N N 216 
LYS HA   H N N 217 
LYS HB2  H N N 218 
LYS HB3  H N N 219 
LYS HG2  H N N 220 
LYS HG3  H N N 221 
LYS HD2  H N N 222 
LYS HD3  H N N 223 
LYS HE2  H N N 224 
LYS HE3  H N N 225 
LYS HZ1  H N N 226 
LYS HZ2  H N N 227 
LYS HZ3  H N N 228 
LYS HXT  H N N 229 
MET N    N N N 230 
MET CA   C N S 231 
MET C    C N N 232 
MET O    O N N 233 
MET CB   C N N 234 
MET CG   C N N 235 
MET SD   S N N 236 
MET CE   C N N 237 
MET OXT  O N N 238 
MET H    H N N 239 
MET H2   H N N 240 
MET HA   H N N 241 
MET HB2  H N N 242 
MET HB3  H N N 243 
MET HG2  H N N 244 
MET HG3  H N N 245 
MET HE1  H N N 246 
MET HE2  H N N 247 
MET HE3  H N N 248 
MET HXT  H N N 249 
MLA C1   C N N 250 
MLA O1A  O N N 251 
MLA O1B  O N N 252 
MLA C2   C N N 253 
MLA C3   C N N 254 
MLA O3A  O N N 255 
MLA O3B  O N N 256 
MLA H1A  H N N 257 
MLA HC21 H N N 258 
MLA HC22 H N N 259 
MLA H3B  H N N 260 
PHE N    N N N 261 
PHE CA   C N S 262 
PHE C    C N N 263 
PHE O    O N N 264 
PHE CB   C N N 265 
PHE CG   C Y N 266 
PHE CD1  C Y N 267 
PHE CD2  C Y N 268 
PHE CE1  C Y N 269 
PHE CE2  C Y N 270 
PHE CZ   C Y N 271 
PHE OXT  O N N 272 
PHE H    H N N 273 
PHE H2   H N N 274 
PHE HA   H N N 275 
PHE HB2  H N N 276 
PHE HB3  H N N 277 
PHE HD1  H N N 278 
PHE HD2  H N N 279 
PHE HE1  H N N 280 
PHE HE2  H N N 281 
PHE HZ   H N N 282 
PHE HXT  H N N 283 
PRO N    N N N 284 
PRO CA   C N S 285 
PRO C    C N N 286 
PRO O    O N N 287 
PRO CB   C N N 288 
PRO CG   C N N 289 
PRO CD   C N N 290 
PRO OXT  O N N 291 
PRO H    H N N 292 
PRO HA   H N N 293 
PRO HB2  H N N 294 
PRO HB3  H N N 295 
PRO HG2  H N N 296 
PRO HG3  H N N 297 
PRO HD2  H N N 298 
PRO HD3  H N N 299 
PRO HXT  H N N 300 
SER N    N N N 301 
SER CA   C N S 302 
SER C    C N N 303 
SER O    O N N 304 
SER CB   C N N 305 
SER OG   O N N 306 
SER OXT  O N N 307 
SER H    H N N 308 
SER H2   H N N 309 
SER HA   H N N 310 
SER HB2  H N N 311 
SER HB3  H N N 312 
SER HG   H N N 313 
SER HXT  H N N 314 
THR N    N N N 315 
THR CA   C N S 316 
THR C    C N N 317 
THR O    O N N 318 
THR CB   C N R 319 
THR OG1  O N N 320 
THR CG2  C N N 321 
THR OXT  O N N 322 
THR H    H N N 323 
THR H2   H N N 324 
THR HA   H N N 325 
THR HB   H N N 326 
THR HG1  H N N 327 
THR HG21 H N N 328 
THR HG22 H N N 329 
THR HG23 H N N 330 
THR HXT  H N N 331 
TRP N    N N N 332 
TRP CA   C N S 333 
TRP C    C N N 334 
TRP O    O N N 335 
TRP CB   C N N 336 
TRP CG   C Y N 337 
TRP CD1  C Y N 338 
TRP CD2  C Y N 339 
TRP NE1  N Y N 340 
TRP CE2  C Y N 341 
TRP CE3  C Y N 342 
TRP CZ2  C Y N 343 
TRP CZ3  C Y N 344 
TRP CH2  C Y N 345 
TRP OXT  O N N 346 
TRP H    H N N 347 
TRP H2   H N N 348 
TRP HA   H N N 349 
TRP HB2  H N N 350 
TRP HB3  H N N 351 
TRP HD1  H N N 352 
TRP HE1  H N N 353 
TRP HE3  H N N 354 
TRP HZ2  H N N 355 
TRP HZ3  H N N 356 
TRP HH2  H N N 357 
TRP HXT  H N N 358 
TYR N    N N N 359 
TYR CA   C N S 360 
TYR C    C N N 361 
TYR O    O N N 362 
TYR CB   C N N 363 
TYR CG   C Y N 364 
TYR CD1  C Y N 365 
TYR CD2  C Y N 366 
TYR CE1  C Y N 367 
TYR CE2  C Y N 368 
TYR CZ   C Y N 369 
TYR OH   O N N 370 
TYR OXT  O N N 371 
TYR H    H N N 372 
TYR H2   H N N 373 
TYR HA   H N N 374 
TYR HB2  H N N 375 
TYR HB3  H N N 376 
TYR HD1  H N N 377 
TYR HD2  H N N 378 
TYR HE1  H N N 379 
TYR HE2  H N N 380 
TYR HH   H N N 381 
TYR HXT  H N N 382 
VAL N    N N N 383 
VAL CA   C N S 384 
VAL C    C N N 385 
VAL O    O N N 386 
VAL CB   C N N 387 
VAL CG1  C N N 388 
VAL CG2  C N N 389 
VAL OXT  O N N 390 
VAL H    H N N 391 
VAL H2   H N N 392 
VAL HA   H N N 393 
VAL HB   H N N 394 
VAL HG11 H N N 395 
VAL HG12 H N N 396 
VAL HG13 H N N 397 
VAL HG21 H N N 398 
VAL HG22 H N N 399 
VAL HG23 H N N 400 
VAL HXT  H N N 401 
# 
loop_
_chem_comp_bond.comp_id 
_chem_comp_bond.atom_id_1 
_chem_comp_bond.atom_id_2 
_chem_comp_bond.value_order 
_chem_comp_bond.pdbx_aromatic_flag 
_chem_comp_bond.pdbx_stereo_config 
_chem_comp_bond.pdbx_ordinal 
ALA N   CA   sing N N 1   
ALA N   H    sing N N 2   
ALA N   H2   sing N N 3   
ALA CA  C    sing N N 4   
ALA CA  CB   sing N N 5   
ALA CA  HA   sing N N 6   
ALA C   O    doub N N 7   
ALA C   OXT  sing N N 8   
ALA CB  HB1  sing N N 9   
ALA CB  HB2  sing N N 10  
ALA CB  HB3  sing N N 11  
ALA OXT HXT  sing N N 12  
ARG N   CA   sing N N 13  
ARG N   H    sing N N 14  
ARG N   H2   sing N N 15  
ARG CA  C    sing N N 16  
ARG CA  CB   sing N N 17  
ARG CA  HA   sing N N 18  
ARG C   O    doub N N 19  
ARG C   OXT  sing N N 20  
ARG CB  CG   sing N N 21  
ARG CB  HB2  sing N N 22  
ARG CB  HB3  sing N N 23  
ARG CG  CD   sing N N 24  
ARG CG  HG2  sing N N 25  
ARG CG  HG3  sing N N 26  
ARG CD  NE   sing N N 27  
ARG CD  HD2  sing N N 28  
ARG CD  HD3  sing N N 29  
ARG NE  CZ   sing N N 30  
ARG NE  HE   sing N N 31  
ARG CZ  NH1  sing N N 32  
ARG CZ  NH2  doub N N 33  
ARG NH1 HH11 sing N N 34  
ARG NH1 HH12 sing N N 35  
ARG NH2 HH21 sing N N 36  
ARG NH2 HH22 sing N N 37  
ARG OXT HXT  sing N N 38  
ASN N   CA   sing N N 39  
ASN N   H    sing N N 40  
ASN N   H2   sing N N 41  
ASN CA  C    sing N N 42  
ASN CA  CB   sing N N 43  
ASN CA  HA   sing N N 44  
ASN C   O    doub N N 45  
ASN C   OXT  sing N N 46  
ASN CB  CG   sing N N 47  
ASN CB  HB2  sing N N 48  
ASN CB  HB3  sing N N 49  
ASN CG  OD1  doub N N 50  
ASN CG  ND2  sing N N 51  
ASN ND2 HD21 sing N N 52  
ASN ND2 HD22 sing N N 53  
ASN OXT HXT  sing N N 54  
ASP N   CA   sing N N 55  
ASP N   H    sing N N 56  
ASP N   H2   sing N N 57  
ASP CA  C    sing N N 58  
ASP CA  CB   sing N N 59  
ASP CA  HA   sing N N 60  
ASP C   O    doub N N 61  
ASP C   OXT  sing N N 62  
ASP CB  CG   sing N N 63  
ASP CB  HB2  sing N N 64  
ASP CB  HB3  sing N N 65  
ASP CG  OD1  doub N N 66  
ASP CG  OD2  sing N N 67  
ASP OD2 HD2  sing N N 68  
ASP OXT HXT  sing N N 69  
CYS N   CA   sing N N 70  
CYS N   H    sing N N 71  
CYS N   H2   sing N N 72  
CYS CA  C    sing N N 73  
CYS CA  CB   sing N N 74  
CYS CA  HA   sing N N 75  
CYS C   O    doub N N 76  
CYS C   OXT  sing N N 77  
CYS CB  SG   sing N N 78  
CYS CB  HB2  sing N N 79  
CYS CB  HB3  sing N N 80  
CYS SG  HG   sing N N 81  
CYS OXT HXT  sing N N 82  
GLN N   CA   sing N N 83  
GLN N   H    sing N N 84  
GLN N   H2   sing N N 85  
GLN CA  C    sing N N 86  
GLN CA  CB   sing N N 87  
GLN CA  HA   sing N N 88  
GLN C   O    doub N N 89  
GLN C   OXT  sing N N 90  
GLN CB  CG   sing N N 91  
GLN CB  HB2  sing N N 92  
GLN CB  HB3  sing N N 93  
GLN CG  CD   sing N N 94  
GLN CG  HG2  sing N N 95  
GLN CG  HG3  sing N N 96  
GLN CD  OE1  doub N N 97  
GLN CD  NE2  sing N N 98  
GLN NE2 HE21 sing N N 99  
GLN NE2 HE22 sing N N 100 
GLN OXT HXT  sing N N 101 
GLU N   CA   sing N N 102 
GLU N   H    sing N N 103 
GLU N   H2   sing N N 104 
GLU CA  C    sing N N 105 
GLU CA  CB   sing N N 106 
GLU CA  HA   sing N N 107 
GLU C   O    doub N N 108 
GLU C   OXT  sing N N 109 
GLU CB  CG   sing N N 110 
GLU CB  HB2  sing N N 111 
GLU CB  HB3  sing N N 112 
GLU CG  CD   sing N N 113 
GLU CG  HG2  sing N N 114 
GLU CG  HG3  sing N N 115 
GLU CD  OE1  doub N N 116 
GLU CD  OE2  sing N N 117 
GLU OE2 HE2  sing N N 118 
GLU OXT HXT  sing N N 119 
GLY N   CA   sing N N 120 
GLY N   H    sing N N 121 
GLY N   H2   sing N N 122 
GLY CA  C    sing N N 123 
GLY CA  HA2  sing N N 124 
GLY CA  HA3  sing N N 125 
GLY C   O    doub N N 126 
GLY C   OXT  sing N N 127 
GLY OXT HXT  sing N N 128 
HIS N   CA   sing N N 129 
HIS N   H    sing N N 130 
HIS N   H2   sing N N 131 
HIS CA  C    sing N N 132 
HIS CA  CB   sing N N 133 
HIS CA  HA   sing N N 134 
HIS C   O    doub N N 135 
HIS C   OXT  sing N N 136 
HIS CB  CG   sing N N 137 
HIS CB  HB2  sing N N 138 
HIS CB  HB3  sing N N 139 
HIS CG  ND1  sing Y N 140 
HIS CG  CD2  doub Y N 141 
HIS ND1 CE1  doub Y N 142 
HIS ND1 HD1  sing N N 143 
HIS CD2 NE2  sing Y N 144 
HIS CD2 HD2  sing N N 145 
HIS CE1 NE2  sing Y N 146 
HIS CE1 HE1  sing N N 147 
HIS NE2 HE2  sing N N 148 
HIS OXT HXT  sing N N 149 
HOH O   H1   sing N N 150 
HOH O   H2   sing N N 151 
ILE N   CA   sing N N 152 
ILE N   H    sing N N 153 
ILE N   H2   sing N N 154 
ILE CA  C    sing N N 155 
ILE CA  CB   sing N N 156 
ILE CA  HA   sing N N 157 
ILE C   O    doub N N 158 
ILE C   OXT  sing N N 159 
ILE CB  CG1  sing N N 160 
ILE CB  CG2  sing N N 161 
ILE CB  HB   sing N N 162 
ILE CG1 CD1  sing N N 163 
ILE CG1 HG12 sing N N 164 
ILE CG1 HG13 sing N N 165 
ILE CG2 HG21 sing N N 166 
ILE CG2 HG22 sing N N 167 
ILE CG2 HG23 sing N N 168 
ILE CD1 HD11 sing N N 169 
ILE CD1 HD12 sing N N 170 
ILE CD1 HD13 sing N N 171 
ILE OXT HXT  sing N N 172 
LEU N   CA   sing N N 173 
LEU N   H    sing N N 174 
LEU N   H2   sing N N 175 
LEU CA  C    sing N N 176 
LEU CA  CB   sing N N 177 
LEU CA  HA   sing N N 178 
LEU C   O    doub N N 179 
LEU C   OXT  sing N N 180 
LEU CB  CG   sing N N 181 
LEU CB  HB2  sing N N 182 
LEU CB  HB3  sing N N 183 
LEU CG  CD1  sing N N 184 
LEU CG  CD2  sing N N 185 
LEU CG  HG   sing N N 186 
LEU CD1 HD11 sing N N 187 
LEU CD1 HD12 sing N N 188 
LEU CD1 HD13 sing N N 189 
LEU CD2 HD21 sing N N 190 
LEU CD2 HD22 sing N N 191 
LEU CD2 HD23 sing N N 192 
LEU OXT HXT  sing N N 193 
LYS N   CA   sing N N 194 
LYS N   H    sing N N 195 
LYS N   H2   sing N N 196 
LYS CA  C    sing N N 197 
LYS CA  CB   sing N N 198 
LYS CA  HA   sing N N 199 
LYS C   O    doub N N 200 
LYS C   OXT  sing N N 201 
LYS CB  CG   sing N N 202 
LYS CB  HB2  sing N N 203 
LYS CB  HB3  sing N N 204 
LYS CG  CD   sing N N 205 
LYS CG  HG2  sing N N 206 
LYS CG  HG3  sing N N 207 
LYS CD  CE   sing N N 208 
LYS CD  HD2  sing N N 209 
LYS CD  HD3  sing N N 210 
LYS CE  NZ   sing N N 211 
LYS CE  HE2  sing N N 212 
LYS CE  HE3  sing N N 213 
LYS NZ  HZ1  sing N N 214 
LYS NZ  HZ2  sing N N 215 
LYS NZ  HZ3  sing N N 216 
LYS OXT HXT  sing N N 217 
MET N   CA   sing N N 218 
MET N   H    sing N N 219 
MET N   H2   sing N N 220 
MET CA  C    sing N N 221 
MET CA  CB   sing N N 222 
MET CA  HA   sing N N 223 
MET C   O    doub N N 224 
MET C   OXT  sing N N 225 
MET CB  CG   sing N N 226 
MET CB  HB2  sing N N 227 
MET CB  HB3  sing N N 228 
MET CG  SD   sing N N 229 
MET CG  HG2  sing N N 230 
MET CG  HG3  sing N N 231 
MET SD  CE   sing N N 232 
MET CE  HE1  sing N N 233 
MET CE  HE2  sing N N 234 
MET CE  HE3  sing N N 235 
MET OXT HXT  sing N N 236 
MLA C1  O1A  sing N N 237 
MLA C1  O1B  doub N N 238 
MLA C1  C2   sing N N 239 
MLA O1A H1A  sing N N 240 
MLA C2  C3   sing N N 241 
MLA C2  HC21 sing N N 242 
MLA C2  HC22 sing N N 243 
MLA C3  O3A  doub N N 244 
MLA C3  O3B  sing N N 245 
MLA O3B H3B  sing N N 246 
PHE N   CA   sing N N 247 
PHE N   H    sing N N 248 
PHE N   H2   sing N N 249 
PHE CA  C    sing N N 250 
PHE CA  CB   sing N N 251 
PHE CA  HA   sing N N 252 
PHE C   O    doub N N 253 
PHE C   OXT  sing N N 254 
PHE CB  CG   sing N N 255 
PHE CB  HB2  sing N N 256 
PHE CB  HB3  sing N N 257 
PHE CG  CD1  doub Y N 258 
PHE CG  CD2  sing Y N 259 
PHE CD1 CE1  sing Y N 260 
PHE CD1 HD1  sing N N 261 
PHE CD2 CE2  doub Y N 262 
PHE CD2 HD2  sing N N 263 
PHE CE1 CZ   doub Y N 264 
PHE CE1 HE1  sing N N 265 
PHE CE2 CZ   sing Y N 266 
PHE CE2 HE2  sing N N 267 
PHE CZ  HZ   sing N N 268 
PHE OXT HXT  sing N N 269 
PRO N   CA   sing N N 270 
PRO N   CD   sing N N 271 
PRO N   H    sing N N 272 
PRO CA  C    sing N N 273 
PRO CA  CB   sing N N 274 
PRO CA  HA   sing N N 275 
PRO C   O    doub N N 276 
PRO C   OXT  sing N N 277 
PRO CB  CG   sing N N 278 
PRO CB  HB2  sing N N 279 
PRO CB  HB3  sing N N 280 
PRO CG  CD   sing N N 281 
PRO CG  HG2  sing N N 282 
PRO CG  HG3  sing N N 283 
PRO CD  HD2  sing N N 284 
PRO CD  HD3  sing N N 285 
PRO OXT HXT  sing N N 286 
SER N   CA   sing N N 287 
SER N   H    sing N N 288 
SER N   H2   sing N N 289 
SER CA  C    sing N N 290 
SER CA  CB   sing N N 291 
SER CA  HA   sing N N 292 
SER C   O    doub N N 293 
SER C   OXT  sing N N 294 
SER CB  OG   sing N N 295 
SER CB  HB2  sing N N 296 
SER CB  HB3  sing N N 297 
SER OG  HG   sing N N 298 
SER OXT HXT  sing N N 299 
THR N   CA   sing N N 300 
THR N   H    sing N N 301 
THR N   H2   sing N N 302 
THR CA  C    sing N N 303 
THR CA  CB   sing N N 304 
THR CA  HA   sing N N 305 
THR C   O    doub N N 306 
THR C   OXT  sing N N 307 
THR CB  OG1  sing N N 308 
THR CB  CG2  sing N N 309 
THR CB  HB   sing N N 310 
THR OG1 HG1  sing N N 311 
THR CG2 HG21 sing N N 312 
THR CG2 HG22 sing N N 313 
THR CG2 HG23 sing N N 314 
THR OXT HXT  sing N N 315 
TRP N   CA   sing N N 316 
TRP N   H    sing N N 317 
TRP N   H2   sing N N 318 
TRP CA  C    sing N N 319 
TRP CA  CB   sing N N 320 
TRP CA  HA   sing N N 321 
TRP C   O    doub N N 322 
TRP C   OXT  sing N N 323 
TRP CB  CG   sing N N 324 
TRP CB  HB2  sing N N 325 
TRP CB  HB3  sing N N 326 
TRP CG  CD1  doub Y N 327 
TRP CG  CD2  sing Y N 328 
TRP CD1 NE1  sing Y N 329 
TRP CD1 HD1  sing N N 330 
TRP CD2 CE2  doub Y N 331 
TRP CD2 CE3  sing Y N 332 
TRP NE1 CE2  sing Y N 333 
TRP NE1 HE1  sing N N 334 
TRP CE2 CZ2  sing Y N 335 
TRP CE3 CZ3  doub Y N 336 
TRP CE3 HE3  sing N N 337 
TRP CZ2 CH2  doub Y N 338 
TRP CZ2 HZ2  sing N N 339 
TRP CZ3 CH2  sing Y N 340 
TRP CZ3 HZ3  sing N N 341 
TRP CH2 HH2  sing N N 342 
TRP OXT HXT  sing N N 343 
TYR N   CA   sing N N 344 
TYR N   H    sing N N 345 
TYR N   H2   sing N N 346 
TYR CA  C    sing N N 347 
TYR CA  CB   sing N N 348 
TYR CA  HA   sing N N 349 
TYR C   O    doub N N 350 
TYR C   OXT  sing N N 351 
TYR CB  CG   sing N N 352 
TYR CB  HB2  sing N N 353 
TYR CB  HB3  sing N N 354 
TYR CG  CD1  doub Y N 355 
TYR CG  CD2  sing Y N 356 
TYR CD1 CE1  sing Y N 357 
TYR CD1 HD1  sing N N 358 
TYR CD2 CE2  doub Y N 359 
TYR CD2 HD2  sing N N 360 
TYR CE1 CZ   doub Y N 361 
TYR CE1 HE1  sing N N 362 
TYR CE2 CZ   sing Y N 363 
TYR CE2 HE2  sing N N 364 
TYR CZ  OH   sing N N 365 
TYR OH  HH   sing N N 366 
TYR OXT HXT  sing N N 367 
VAL N   CA   sing N N 368 
VAL N   H    sing N N 369 
VAL N   H2   sing N N 370 
VAL CA  C    sing N N 371 
VAL CA  CB   sing N N 372 
VAL CA  HA   sing N N 373 
VAL C   O    doub N N 374 
VAL C   OXT  sing N N 375 
VAL CB  CG1  sing N N 376 
VAL CB  CG2  sing N N 377 
VAL CB  HB   sing N N 378 
VAL CG1 HG11 sing N N 379 
VAL CG1 HG12 sing N N 380 
VAL CG1 HG13 sing N N 381 
VAL CG2 HG21 sing N N 382 
VAL CG2 HG22 sing N N 383 
VAL CG2 HG23 sing N N 384 
VAL OXT HXT  sing N N 385 
# 
_atom_sites.entry_id                    2APX 
_atom_sites.fract_transf_matrix[1][1]   -0.00930506 
_atom_sites.fract_transf_matrix[1][2]   0.01718780 
_atom_sites.fract_transf_matrix[1][3]   -0.02372642 
_atom_sites.fract_transf_matrix[2][1]   0.00422660 
_atom_sites.fract_transf_matrix[2][2]   -0.00946136 
_atom_sites.fract_transf_matrix[2][3]   -0.00851156 
_atom_sites.fract_transf_matrix[3][1]   -0.00795124 
_atom_sites.fract_transf_matrix[3][2]   -0.00384895 
_atom_sites.fract_transf_matrix[3][3]   0.00033009 
_atom_sites.fract_transf_vector[1]      0.000250 
_atom_sites.fract_transf_vector[2]      0.923961 
_atom_sites.fract_transf_vector[3]      0.372625 
# 
loop_
_atom_type.symbol 
C 
N 
O 
S 
# 
loop_
_atom_site.group_PDB 
_atom_site.id 
_atom_site.type_symbol 
_atom_site.label_atom_id 
_atom_site.label_alt_id 
_atom_site.label_comp_id 
_atom_site.label_asym_id 
_atom_site.label_entity_id 
_atom_site.label_seq_id 
_atom_site.pdbx_PDB_ins_code 
_atom_site.Cartn_x 
_atom_site.Cartn_y 
_atom_site.Cartn_z 
_atom_site.occupancy 
_atom_site.B_iso_or_equiv 
_atom_site.pdbx_formal_charge 
_atom_site.auth_seq_id 
_atom_site.auth_comp_id 
_atom_site.auth_asym_id 
_atom_site.auth_atom_id 
_atom_site.pdbx_PDB_model_num 
ATOM   1    N N   . ALA A 1 4   ? 8.897   3.822   14.209  1.00 24.84 ? 2   ALA A N   1 
ATOM   2    C CA  . ALA A 1 4   ? 8.755   2.994   12.964  1.00 23.38 ? 2   ALA A CA  1 
ATOM   3    C C   . ALA A 1 4   ? 8.293   1.544   13.246  1.00 21.88 ? 2   ALA A C   1 
ATOM   4    O O   . ALA A 1 4   ? 8.972   0.557   12.945  1.00 21.68 ? 2   ALA A O   1 
ATOM   5    C CB  . ALA A 1 4   ? 10.011  3.039   12.119  1.00 23.96 ? 2   ALA A CB  1 
ATOM   6    N N   . ALA A 1 5   ? 7.091   1.453   13.805  1.00 20.39 ? 3   ALA A N   1 
ATOM   7    C CA  . ALA A 1 5   ? 6.390   0.197   13.969  1.00 18.47 ? 3   ALA A CA  1 
ATOM   8    C C   . ALA A 1 5   ? 5.805   -0.300  12.645  1.00 17.83 ? 3   ALA A C   1 
ATOM   9    O O   . ALA A 1 5   ? 5.317   -1.413  12.585  1.00 18.27 ? 3   ALA A O   1 
ATOM   10   C CB  . ALA A 1 5   ? 5.301   0.364   14.991  1.00 17.52 ? 3   ALA A CB  1 
ATOM   11   N N   . VAL A 1 6   ? 5.825   0.544   11.610  1.00 16.60 ? 4   VAL A N   1 
ATOM   12   C CA  . VAL A 1 6   ? 5.342   0.169   10.255  1.00 16.41 ? 4   VAL A CA  1 
ATOM   13   C C   . VAL A 1 6   ? 6.436   0.503   9.234   1.00 17.01 ? 4   VAL A C   1 
ATOM   14   O O   . VAL A 1 6   ? 6.927   1.647   9.177   1.00 16.57 ? 4   VAL A O   1 
ATOM   15   C CB  . VAL A 1 6   ? 4.050   0.912   9.880   1.00 16.74 ? 4   VAL A CB  1 
ATOM   16   C CG1 . VAL A 1 6   ? 3.681   0.694   8.371   1.00 15.48 ? 4   VAL A CG1 1 
ATOM   17   C CG2 . VAL A 1 6   ? 2.894   0.496   10.787  1.00 18.36 ? 4   VAL A CG2 1 
ATOM   18   N N   . THR A 1 7   ? 6.814   -0.516  8.468   1.00 17.57 ? 5   THR A N   1 
ATOM   19   C CA  . THR A 1 7   ? 7.952   -0.483  7.580   1.00 18.65 ? 5   THR A CA  1 
ATOM   20   C C   . THR A 1 7   ? 7.462   -0.795  6.170   1.00 18.66 ? 5   THR A C   1 
ATOM   21   O O   . THR A 1 7   ? 6.798   -1.815  5.967   1.00 18.94 ? 5   THR A O   1 
ATOM   22   C CB  . THR A 1 7   ? 8.973   -1.579  7.999   1.00 18.46 ? 5   THR A CB  1 
ATOM   23   O OG1 . THR A 1 7   ? 9.637   -1.157  9.197   1.00 22.55 ? 5   THR A OG1 1 
ATOM   24   C CG2 . THR A 1 7   ? 9.991   -1.766  6.931   1.00 21.92 ? 5   THR A CG2 1 
ATOM   25   N N   . GLN A 1 8   ? 7.786   0.078   5.220   1.00 18.32 ? 6   GLN A N   1 
ATOM   26   C CA  . GLN A 1 8   ? 7.476   -0.168  3.814   1.00 18.19 ? 6   GLN A CA  1 
ATOM   27   C C   . GLN A 1 8   ? 8.716   -0.588  3.056   1.00 19.01 ? 6   GLN A C   1 
ATOM   28   O O   . GLN A 1 8   ? 9.787   0.006   3.224   1.00 18.69 ? 6   GLN A O   1 
ATOM   29   C CB  . GLN A 1 8   ? 6.906   1.103   3.145   1.00 18.66 ? 6   GLN A CB  1 
ATOM   30   C CG  . GLN A 1 8   ? 5.657   1.586   3.827   1.00 17.65 ? 6   GLN A CG  1 
ATOM   31   C CD  . GLN A 1 8   ? 5.002   2.795   3.161   1.00 17.73 ? 6   GLN A CD  1 
ATOM   32   O OE1 . GLN A 1 8   ? 4.303   3.544   3.831   1.00 16.48 ? 6   GLN A OE1 1 
ATOM   33   N NE2 . GLN A 1 8   ? 5.198   2.967   1.838   1.00 18.40 ? 6   GLN A NE2 1 
ATOM   34   N N   . SER A 1 9   ? 8.566   -1.579  2.193   1.00 18.94 ? 7   SER A N   1 
ATOM   35   C CA  . SER A 1 9   ? 9.674   -1.957  1.323   1.00 20.37 ? 7   SER A CA  1 
ATOM   36   C C   . SER A 1 9   ? 9.160   -2.324  -0.064  1.00 19.20 ? 7   SER A C   1 
ATOM   37   O O   . SER A 1 9   ? 8.178   -3.067  -0.175  1.00 18.91 ? 7   SER A O   1 
ATOM   38   C CB  . SER A 1 9   ? 10.502  -3.082  1.952   1.00 19.91 ? 7   SER A CB  1 
ATOM   39   O OG  . SER A 1 9   ? 9.852   -4.319  1.849   1.00 25.64 ? 7   SER A OG  1 
ATOM   40   N N   . PRO A 1 10  ? 9.821   -1.812  -1.124  1.00 19.29 ? 8   PRO A N   1 
ATOM   41   C CA  . PRO A 1 10  ? 10.975  -0.883  -1.087  1.00 19.02 ? 8   PRO A CA  1 
ATOM   42   C C   . PRO A 1 10  ? 10.574  0.544   -0.662  1.00 19.07 ? 8   PRO A C   1 
ATOM   43   O O   . PRO A 1 10  ? 9.385   0.873   -0.695  1.00 18.75 ? 8   PRO A O   1 
ATOM   44   C CB  . PRO A 1 10  ? 11.470  -0.895  -2.546  1.00 19.74 ? 8   PRO A CB  1 
ATOM   45   C CG  . PRO A 1 10  ? 10.240  -1.153  -3.352  1.00 18.31 ? 8   PRO A CG  1 
ATOM   46   C CD  . PRO A 1 10  ? 9.407   -2.119  -2.511  1.00 18.53 ? 8   PRO A CD  1 
ATOM   47   N N   . ARG A 1 11  ? 11.541  1.379   -0.274  1.00 18.89 ? 9   ARG A N   1 
ATOM   48   C CA  . ARG A 1 11  ? 11.279  2.793   -0.002  1.00 19.73 ? 9   ARG A CA  1 
ATOM   49   C C   . ARG A 1 11  ? 11.204  3.629   -1.272  1.00 19.02 ? 9   ARG A C   1 
ATOM   50   O O   . ARG A 1 11  ? 10.553  4.695   -1.299  1.00 19.58 ? 9   ARG A O   1 
ATOM   51   C CB  . ARG A 1 11  ? 12.314  3.386   0.967   1.00 21.66 ? 9   ARG A CB  1 
ATOM   52   C CG  . ARG A 1 11  ? 12.182  2.895   2.422   1.00 24.80 ? 9   ARG A CG  1 
ATOM   53   C CD  . ARG A 1 11  ? 10.877  3.406   3.133   1.00 32.16 ? 9   ARG A CD  1 
ATOM   54   N NE  . ARG A 1 11  ? 10.599  4.845   2.989   1.00 36.55 ? 9   ARG A NE  1 
ATOM   55   C CZ  . ARG A 1 11  ? 11.179  5.834   3.682   1.00 37.93 ? 9   ARG A CZ  1 
ATOM   56   N NH1 . ARG A 1 11  ? 12.092  5.584   4.625   1.00 38.60 ? 9   ARG A NH1 1 
ATOM   57   N NH2 . ARG A 1 11  ? 10.821  7.094   3.444   1.00 39.66 ? 9   ARG A NH2 1 
ATOM   58   N N   . ASN A 1 12  ? 11.875  3.144   -2.309  1.00 17.26 ? 10  ASN A N   1 
ATOM   59   C CA  . ASN A 1 12  ? 11.756  3.687   -3.674  1.00 17.34 ? 10  ASN A CA  1 
ATOM   60   C C   . ASN A 1 12  ? 11.587  2.541   -4.652  1.00 16.34 ? 10  ASN A C   1 
ATOM   61   O O   . ASN A 1 12  ? 12.138  1.436   -4.461  1.00 15.70 ? 10  ASN A O   1 
ATOM   62   C CB  . ASN A 1 12  ? 13.023  4.439   -4.105  1.00 17.46 ? 10  ASN A CB  1 
ATOM   63   C CG  . ASN A 1 12  ? 13.382  5.581   -3.204  1.00 20.14 ? 10  ASN A CG  1 
ATOM   64   O OD1 . ASN A 1 12  ? 13.174  6.743   -3.550  1.00 18.84 ? 10  ASN A OD1 1 
ATOM   65   N ND2 . ASN A 1 12  ? 14.023  5.266   -2.066  1.00 23.77 ? 10  ASN A ND2 1 
ATOM   66   N N   . LYS A 1 13  ? 10.892  2.814   -5.755  1.00 15.42 ? 11  LYS A N   1 
ATOM   67   C CA  . LYS A 1 13  ? 10.786  1.841   -6.834  1.00 15.14 ? 11  LYS A CA  1 
ATOM   68   C C   . LYS A 1 13  ? 10.742  2.595   -8.157  1.00 15.19 ? 11  LYS A C   1 
ATOM   69   O O   . LYS A 1 13  ? 9.982   3.577   -8.290  1.00 15.40 ? 11  LYS A O   1 
ATOM   70   C CB  . LYS A 1 13  ? 9.533   0.988   -6.679  1.00 14.78 ? 11  LYS A CB  1 
ATOM   71   C CG  . LYS A 1 13  ? 9.323   -0.020  -7.773  1.00 15.20 ? 11  LYS A CG  1 
ATOM   72   C CD  . LYS A 1 13  ? 10.397  -1.093  -7.742  1.00 20.18 ? 11  LYS A CD  1 
ATOM   73   C CE  . LYS A 1 13  ? 9.930   -2.274  -8.569  1.00 25.75 ? 11  LYS A CE  1 
ATOM   74   N NZ  . LYS A 1 13  ? 11.071  -3.006  -9.156  1.00 27.49 ? 11  LYS A NZ  1 
ATOM   75   N N   . VAL A 1 14  ? 11.604  2.177   -9.078  1.00 14.92 ? 12  VAL A N   1 
ATOM   76   C CA  . VAL A 1 14  ? 11.581  2.661   -10.470 1.00 15.94 ? 12  VAL A CA  1 
ATOM   77   C C   . VAL A 1 14  ? 11.118  1.492   -11.310 1.00 15.95 ? 12  VAL A C   1 
ATOM   78   O O   . VAL A 1 14  ? 11.778  0.440   -11.329 1.00 16.67 ? 12  VAL A O   1 
ATOM   79   C CB  . VAL A 1 14  ? 12.979  3.143   -10.989 1.00 15.67 ? 12  VAL A CB  1 
ATOM   80   C CG1 . VAL A 1 14  ? 12.853  3.594   -12.473 1.00 15.49 ? 12  VAL A CG1 1 
ATOM   81   C CG2 . VAL A 1 14  ? 13.523  4.292   -10.157 1.00 16.49 ? 12  VAL A CG2 1 
ATOM   82   N N   . ALA A 1 15  ? 9.970   1.639   -11.976 1.00 16.82 ? 13  ALA A N   1 
ATOM   83   C CA  . ALA A 1 15  ? 9.435   0.537   -12.752 1.00 17.66 ? 13  ALA A CA  1 
ATOM   84   C C   . ALA A 1 15  ? 9.378   0.935   -14.215 1.00 19.03 ? 13  ALA A C   1 
ATOM   85   O O   . ALA A 1 15  ? 9.273   2.106   -14.525 1.00 20.81 ? 13  ALA A O   1 
ATOM   86   C CB  . ALA A 1 15  ? 8.040   0.118   -12.252 1.00 18.12 ? 13  ALA A CB  1 
ATOM   87   N N   . VAL A 1 16  ? 9.432   -0.060  -15.087 1.00 19.17 ? 14  VAL A N   1 
ATOM   88   C CA  . VAL A 1 16  ? 9.187   0.134   -16.506 1.00 19.58 ? 14  VAL A CA  1 
ATOM   89   C C   . VAL A 1 16  ? 7.722   -0.197  -16.780 1.00 18.97 ? 14  VAL A C   1 
ATOM   90   O O   . VAL A 1 16  ? 7.188   -1.154  -16.235 1.00 18.77 ? 14  VAL A O   1 
ATOM   91   C CB  . VAL A 1 16  ? 10.099  -0.784  -17.342 1.00 20.01 ? 14  VAL A CB  1 
ATOM   92   C CG1 . VAL A 1 16  ? 9.691   -0.774  -18.806 1.00 21.88 ? 14  VAL A CG1 1 
ATOM   93   C CG2 . VAL A 1 16  ? 11.556  -0.353  -17.172 1.00 21.68 ? 14  VAL A CG2 1 
ATOM   94   N N   . THR A 1 17  ? 7.063   0.587   -17.618 1.00 18.43 ? 15  THR A N   1 
ATOM   95   C CA  . THR A 1 17  ? 5.690   0.250   -18.012 1.00 18.79 ? 15  THR A CA  1 
ATOM   96   C C   . THR A 1 17  ? 5.538   -1.256  -18.307 1.00 18.40 ? 15  THR A C   1 
ATOM   97   O O   . THR A 1 17  ? 6.307   -1.822  -19.102 1.00 19.43 ? 15  THR A O   1 
ATOM   98   C CB  . THR A 1 17  ? 5.232   1.113   -19.220 1.00 18.55 ? 15  THR A CB  1 
ATOM   99   O OG1 . THR A 1 17  ? 5.198   2.485   -18.816 1.00 20.10 ? 15  THR A OG1 1 
ATOM   100  C CG2 . THR A 1 17  ? 3.841   0.694   -19.703 1.00 19.05 ? 15  THR A CG2 1 
ATOM   101  N N   . GLY A 1 18  ? 4.557   -1.889  -17.664 1.00 18.70 ? 16  GLY A N   1 
ATOM   102  C CA  . GLY A 1 18  ? 4.252   -3.304  -17.885 1.00 19.50 ? 16  GLY A CA  1 
ATOM   103  C C   . GLY A 1 18  ? 4.793   -4.257  -16.820 1.00 19.72 ? 16  GLY A C   1 
ATOM   104  O O   . GLY A 1 18  ? 4.307   -5.383  -16.690 1.00 20.47 ? 16  GLY A O   1 
ATOM   105  N N   . GLU A 1 19  ? 5.803   -3.828  -16.063 1.00 19.89 ? 17  GLU A N   1 
ATOM   106  C CA  . GLU A 1 19  ? 6.371   -4.669  -14.985 1.00 19.85 ? 17  GLU A CA  1 
ATOM   107  C C   . GLU A 1 19  ? 5.383   -4.809  -13.832 1.00 19.67 ? 17  GLU A C   1 
ATOM   108  O O   . GLU A 1 19  ? 4.644   -3.867  -13.526 1.00 19.75 ? 17  GLU A O   1 
ATOM   109  C CB  . GLU A 1 19  ? 7.672   -4.056  -14.431 1.00 19.88 ? 17  GLU A CB  1 
ATOM   110  C CG  . GLU A 1 19  ? 8.863   -4.126  -15.416 1.00 20.30 ? 17  GLU A CG  1 
ATOM   111  C CD  . GLU A 1 19  ? 10.135  -3.540  -14.829 1.00 21.22 ? 17  GLU A CD  1 
ATOM   112  O OE1 . GLU A 1 19  ? 11.237  -3.951  -15.272 1.00 26.28 ? 17  GLU A OE1 1 
ATOM   113  O OE2 . GLU A 1 19  ? 10.033  -2.670  -13.936 1.00 19.88 ? 17  GLU A OE2 1 
ATOM   114  N N   . LYS A 1 20  ? 5.372   -5.984  -13.206 1.00 19.17 ? 18  LYS A N   1 
ATOM   115  C CA  . LYS A 1 20  ? 4.601   -6.190  -11.975 1.00 19.40 ? 18  LYS A CA  1 
ATOM   116  C C   . LYS A 1 20  ? 5.386   -5.586  -10.814 1.00 18.69 ? 18  LYS A C   1 
ATOM   117  O O   . LYS A 1 20  ? 6.624   -5.765  -10.729 1.00 19.99 ? 18  LYS A O   1 
ATOM   118  C CB  . LYS A 1 20  ? 4.344   -7.680  -11.735 1.00 19.75 ? 18  LYS A CB  1 
ATOM   119  C CG  . LYS A 1 20  ? 3.633   -8.001  -10.418 1.00 22.65 ? 18  LYS A CG  1 
ATOM   120  C CD  . LYS A 1 20  ? 3.467   -9.496  -10.278 1.00 26.09 ? 18  LYS A CD  1 
ATOM   121  C CE  . LYS A 1 20  ? 2.929   -9.858  -8.918  1.00 30.05 ? 18  LYS A CE  1 
ATOM   122  N NZ  . LYS A 1 20  ? 3.046   -11.341 -8.713  1.00 30.91 ? 18  LYS A NZ  1 
ATOM   123  N N   . VAL A 1 21  ? 4.697   -4.830  -9.956  1.00 16.97 ? 19  VAL A N   1 
ATOM   124  C CA  . VAL A 1 21  ? 5.337   -4.171  -8.820  1.00 16.35 ? 19  VAL A CA  1 
ATOM   125  C C   . VAL A 1 21  ? 4.580   -4.575  -7.560  1.00 16.16 ? 19  VAL A C   1 
ATOM   126  O O   . VAL A 1 21  ? 3.347   -4.434  -7.497  1.00 16.30 ? 19  VAL A O   1 
ATOM   127  C CB  . VAL A 1 21  ? 5.344   -2.631  -8.926  1.00 15.60 ? 19  VAL A CB  1 
ATOM   128  C CG1 . VAL A 1 21  ? 5.892   -2.035  -7.647  1.00 15.48 ? 19  VAL A CG1 1 
ATOM   129  C CG2 . VAL A 1 21  ? 6.150   -2.152  -10.152 1.00 14.56 ? 19  VAL A CG2 1 
ATOM   130  N N   . THR A 1 22  ? 5.341   -5.077  -6.587  1.00 16.04 ? 20  THR A N   1 
ATOM   131  C CA  . THR A 1 22  ? 4.806   -5.428  -5.279  1.00 16.59 ? 20  THR A CA  1 
ATOM   132  C C   . THR A 1 22  ? 5.460   -4.552  -4.214  1.00 16.91 ? 20  THR A C   1 
ATOM   133  O O   . THR A 1 22  ? 6.719   -4.493  -4.100  1.00 16.69 ? 20  THR A O   1 
ATOM   134  C CB  . THR A 1 22  ? 5.040   -6.925  -4.945  1.00 17.09 ? 20  THR A CB  1 
ATOM   135  O OG1 . THR A 1 22  ? 4.401   -7.751  -5.929  1.00 18.08 ? 20  THR A OG1 1 
ATOM   136  C CG2 . THR A 1 22  ? 4.477   -7.255  -3.565  1.00 17.28 ? 20  THR A CG2 1 
ATOM   137  N N   . LEU A 1 23  ? 4.606   -3.846  -3.469  1.00 15.86 ? 21  LEU A N   1 
ATOM   138  C CA  . LEU A 1 23  ? 5.027   -3.034  -2.338  1.00 15.27 ? 21  LEU A CA  1 
ATOM   139  C C   . LEU A 1 23  ? 4.579   -3.744  -1.047  1.00 16.04 ? 21  LEU A C   1 
ATOM   140  O O   . LEU A 1 23  ? 3.428   -4.173  -0.912  1.00 15.18 ? 21  LEU A O   1 
ATOM   141  C CB  . LEU A 1 23  ? 4.425   -1.622  -2.405  1.00 15.56 ? 21  LEU A CB  1 
ATOM   142  C CG  . LEU A 1 23  ? 4.554   -0.795  -3.701  1.00 14.97 ? 21  LEU A CG  1 
ATOM   143  C CD1 . LEU A 1 23  ? 3.972   0.619   -3.446  1.00 16.32 ? 21  LEU A CD1 1 
ATOM   144  C CD2 . LEU A 1 23  ? 6.022   -0.726  -4.191  1.00 14.88 ? 21  LEU A CD2 1 
ATOM   145  N N   . SER A 1 24  ? 5.507   -3.876  -0.119  1.00 16.34 ? 22  SER A N   1 
ATOM   146  C CA  . SER A 1 24  ? 5.260   -4.640  1.092   1.00 17.88 ? 22  SER A CA  1 
ATOM   147  C C   . SER A 1 24  ? 5.149   -3.696  2.266   1.00 16.54 ? 22  SER A C   1 
ATOM   148  O O   . SER A 1 24  ? 5.934   -2.748  2.388   1.00 16.84 ? 22  SER A O   1 
ATOM   149  C CB  . SER A 1 24  ? 6.396   -5.648  1.339   1.00 18.98 ? 22  SER A CB  1 
ATOM   150  O OG  . SER A 1 24  ? 6.563   -5.884  2.740   1.00 25.82 ? 22  SER A OG  1 
ATOM   151  N N   . CYS A 1 25  ? 4.182   -3.969  3.138   1.00 16.01 ? 23  CYS A N   1 
ATOM   152  C CA  . CYS A 1 25  ? 4.001   -3.202  4.358   1.00 15.84 ? 23  CYS A CA  1 
ATOM   153  C C   . CYS A 1 25  ? 4.097   -4.169  5.542   1.00 15.35 ? 23  CYS A C   1 
ATOM   154  O O   . CYS A 1 25  ? 3.327   -5.124  5.602   1.00 14.00 ? 23  CYS A O   1 
ATOM   155  C CB  . CYS A 1 25  ? 2.625   -2.532  4.362   1.00 16.04 ? 23  CYS A CB  1 
ATOM   156  S SG  . CYS A 1 25  ? 2.309   -1.484  5.828   1.00 18.47 ? 23  CYS A SG  1 
ATOM   157  N N   . GLN A 1 26  ? 5.054   -3.935  6.443   1.00 15.23 ? 24  GLN A N   1 
ATOM   158  C CA  . GLN A 1 26  ? 5.307   -4.855  7.579   1.00 15.46 ? 24  GLN A CA  1 
ATOM   159  C C   . GLN A 1 26  ? 5.140   -4.081  8.886   1.00 14.92 ? 24  GLN A C   1 
ATOM   160  O O   . GLN A 1 26  ? 5.701   -2.996  9.037   1.00 14.94 ? 24  GLN A O   1 
ATOM   161  C CB  . GLN A 1 26  ? 6.722   -5.449  7.496   1.00 16.49 ? 24  GLN A CB  1 
ATOM   162  C CG  . GLN A 1 26  ? 6.973   -6.674  8.400   1.00 20.90 ? 24  GLN A CG  1 
ATOM   163  C CD  . GLN A 1 26  ? 6.440   -7.998  7.817   1.00 25.45 ? 24  GLN A CD  1 
ATOM   164  O OE1 . GLN A 1 26  ? 6.398   -8.178  6.593   1.00 31.24 ? 24  GLN A OE1 1 
ATOM   165  N NE2 . GLN A 1 26  ? 6.067   -8.943  8.695   1.00 23.71 ? 24  GLN A NE2 1 
ATOM   166  N N   . GLN A 1 27  ? 4.409   -4.653  9.846   1.00 12.93 ? 25  GLN A N   1 
ATOM   167  C CA  . GLN A 1 27  ? 4.115   -3.947  11.104  1.00 12.61 ? 25  GLN A CA  1 
ATOM   168  C C   . GLN A 1 27  ? 4.543   -4.733  12.338  1.00 12.34 ? 25  GLN A C   1 
ATOM   169  O O   . GLN A 1 27  ? 4.527   -5.970  12.321  1.00 12.98 ? 25  GLN A O   1 
ATOM   170  C CB  . GLN A 1 27  ? 2.613   -3.650  11.208  1.00 11.48 ? 25  GLN A CB  1 
ATOM   171  C CG  . GLN A 1 27  ? 1.717   -4.905  11.252  1.00 12.10 ? 25  GLN A CG  1 
ATOM   172  C CD  . GLN A 1 27  ? 0.419   -4.697  12.019  1.00 12.13 ? 25  GLN A CD  1 
ATOM   173  O OE1 . GLN A 1 27  ? 0.376   -3.951  13.003  1.00 11.11 ? 25  GLN A OE1 1 
ATOM   174  N NE2 . GLN A 1 27  ? -0.653  -5.370  11.567  1.00 13.53 ? 25  GLN A NE2 1 
ATOM   175  N N   . THR A 1 28  ? 4.874   -4.004  13.398  1.00 12.80 ? 26  THR A N   1 
ATOM   176  C CA  . THR A 1 28  ? 5.051   -4.619  14.750  1.00 12.53 ? 26  THR A CA  1 
ATOM   177  C C   . THR A 1 28  ? 3.995   -4.119  15.745  1.00 12.44 ? 26  THR A C   1 
ATOM   178  O O   . THR A 1 28  ? 4.151   -4.277  16.956  1.00 12.84 ? 26  THR A O   1 
ATOM   179  C CB  . THR A 1 28  ? 6.466   -4.315  15.299  1.00 13.82 ? 26  THR A CB  1 
ATOM   180  O OG1 . THR A 1 28  ? 6.662   -2.893  15.349  1.00 11.71 ? 26  THR A OG1 1 
ATOM   181  C CG2 . THR A 1 28  ? 7.532   -4.948  14.418  1.00 12.52 ? 26  THR A CG2 1 
ATOM   182  N N   . ASN A 1 29  ? 2.935   -3.487  15.248  1.00 11.80 ? 27  ASN A N   1 
ATOM   183  C CA  . ASN A 1 29  ? 1.859   -2.968  16.089  1.00 12.89 ? 27  ASN A CA  1 
ATOM   184  C C   . ASN A 1 29  ? 0.854   -4.042  16.527  1.00 13.05 ? 27  ASN A C   1 
ATOM   185  O O   . ASN A 1 29  ? 0.046   -3.808  17.445  1.00 14.32 ? 27  ASN A O   1 
ATOM   186  C CB  . ASN A 1 29  ? 1.052   -1.855  15.364  1.00 12.91 ? 27  ASN A CB  1 
ATOM   187  C CG  . ASN A 1 29  ? 1.816   -0.563  15.250  1.00 12.75 ? 27  ASN A CG  1 
ATOM   188  O OD1 . ASN A 1 29  ? 1.828   0.071   14.176  1.00 15.36 ? 27  ASN A OD1 1 
ATOM   189  N ND2 . ASN A 1 29  ? 2.423   -0.128  16.356  1.00 8.14  ? 27  ASN A ND2 1 
ATOM   190  N N   . ASN A 1 30  ? 0.870   -5.185  15.841  1.00 14.02 ? 28  ASN A N   1 
ATOM   191  C CA  . ASN A 1 30  ? -0.114  -6.282  16.063  1.00 13.70 ? 28  ASN A CA  1 
ATOM   192  C C   . ASN A 1 30  ? -1.556  -5.824  15.773  1.00 14.31 ? 28  ASN A C   1 
ATOM   193  O O   . ASN A 1 30  ? -2.539  -6.413  16.248  1.00 14.42 ? 28  ASN A O   1 
ATOM   194  C CB  . ASN A 1 30  ? 0.025   -6.900  17.488  1.00 14.17 ? 28  ASN A CB  1 
ATOM   195  C CG  . ASN A 1 30  ? -0.729  -8.203  17.622  1.00 14.14 ? 28  ASN A CG  1 
ATOM   196  O OD1 . ASN A 1 30  ? -0.770  -9.006  16.682  1.00 15.04 ? 28  ASN A OD1 1 
ATOM   197  N ND2 . ASN A 1 30  ? -1.393  -8.398  18.775  1.00 15.93 ? 28  ASN A ND2 1 
ATOM   198  N N   . HIS A 1 31  ? -1.668  -4.786  14.938  1.00 13.77 ? 29  HIS A N   1 
ATOM   199  C CA  . HIS A 1 31  ? -2.965  -4.201  14.632  1.00 14.11 ? 29  HIS A CA  1 
ATOM   200  C C   . HIS A 1 31  ? -3.761  -5.112  13.704  1.00 12.96 ? 29  HIS A C   1 
ATOM   201  O O   . HIS A 1 31  ? -3.208  -5.667  12.743  1.00 13.38 ? 29  HIS A O   1 
ATOM   202  C CB  . HIS A 1 31  ? -2.775  -2.862  13.955  1.00 13.02 ? 29  HIS A CB  1 
ATOM   203  C CG  . HIS A 1 31  ? -2.485  -1.742  14.900  1.00 14.28 ? 29  HIS A CG  1 
ATOM   204  N ND1 . HIS A 1 31  ? -1.849  -0.588  14.499  1.00 12.11 ? 29  HIS A ND1 1 
ATOM   205  C CD2 . HIS A 1 31  ? -2.743  -1.594  16.223  1.00 12.39 ? 29  HIS A CD2 1 
ATOM   206  C CE1 . HIS A 1 31  ? -1.724  0.223   15.536  1.00 15.07 ? 29  HIS A CE1 1 
ATOM   207  N NE2 . HIS A 1 31  ? -2.284  -0.348  16.586  1.00 13.84 ? 29  HIS A NE2 1 
ATOM   208  N N   . ASN A 1 32  ? -5.067  -5.193  13.950  1.00 12.56 ? 30  ASN A N   1 
ATOM   209  C CA  . ASN A 1 32  ? -5.928  -6.035  13.128  1.00 12.34 ? 30  ASN A CA  1 
ATOM   210  C C   . ASN A 1 32  ? -6.024  -5.528  11.686  1.00 11.85 ? 30  ASN A C   1 
ATOM   211  O O   . ASN A 1 32  ? -6.092  -6.338  10.757  1.00 11.80 ? 30  ASN A O   1 
ATOM   212  C CB  . ASN A 1 32  ? -7.326  -6.133  13.746  1.00 13.45 ? 30  ASN A CB  1 
ATOM   213  C CG  . ASN A 1 32  ? -7.336  -6.918  15.047  1.00 17.14 ? 30  ASN A CG  1 
ATOM   214  O OD1 . ASN A 1 32  ? -6.422  -7.700  15.308  1.00 18.82 ? 30  ASN A OD1 1 
ATOM   215  N ND2 . ASN A 1 32  ? -8.371  -6.698  15.874  1.00 21.28 ? 30  ASN A ND2 1 
ATOM   216  N N   . ASN A 1 33  ? -6.058  -4.195  11.498  1.00 10.33 ? 31  ASN A N   1 
ATOM   217  C CA  . ASN A 1 33  ? -6.300  -3.640  10.160  1.00 9.93  ? 31  ASN A CA  1 
ATOM   218  C C   . ASN A 1 33  ? -5.023  -3.122  9.495   1.00 9.17  ? 31  ASN A C   1 
ATOM   219  O O   . ASN A 1 33  ? -4.160  -2.562  10.177  1.00 8.40  ? 31  ASN A O   1 
ATOM   220  C CB  . ASN A 1 33  ? -7.278  -2.439  10.177  1.00 10.36 ? 31  ASN A CB  1 
ATOM   221  C CG  . ASN A 1 33  ? -8.673  -2.793  10.710  1.00 11.25 ? 31  ASN A CG  1 
ATOM   222  O OD1 . ASN A 1 33  ? -9.552  -1.903  10.872  1.00 15.96 ? 31  ASN A OD1 1 
ATOM   223  N ND2 . ASN A 1 33  ? -8.907  -4.067  10.895  1.00 8.48  ? 31  ASN A ND2 1 
ATOM   224  N N   . MET A 1 34  ? -4.943  -3.280  8.178   1.00 9.91  ? 32  MET A N   1 
ATOM   225  C CA  . MET A 1 34  ? -3.854  -2.674  7.392   1.00 11.19 ? 32  MET A CA  1 
ATOM   226  C C   . MET A 1 34  ? -4.429  -1.988  6.143   1.00 12.10 ? 32  MET A C   1 
ATOM   227  O O   . MET A 1 34  ? -5.492  -2.375  5.671   1.00 13.29 ? 32  MET A O   1 
ATOM   228  C CB  . MET A 1 34  ? -2.785  -3.691  7.052   1.00 11.07 ? 32  MET A CB  1 
ATOM   229  C CG  . MET A 1 34  ? -2.038  -4.248  8.345   1.00 11.19 ? 32  MET A CG  1 
ATOM   230  S SD  . MET A 1 34  ? -0.677  -5.339  7.999   1.00 13.06 ? 32  MET A SD  1 
ATOM   231  C CE  . MET A 1 34  ? 0.622   -4.144  7.588   1.00 13.35 ? 32  MET A CE  1 
ATOM   232  N N   . TYR A 1 35  ? -3.708  -0.991  5.629   1.00 12.63 ? 33  TYR A N   1 
ATOM   233  C CA  . TYR A 1 35  ? -4.253  -0.053  4.634   1.00 12.51 ? 33  TYR A CA  1 
ATOM   234  C C   . TYR A 1 35  ? -3.169  0.348   3.630   1.00 12.93 ? 33  TYR A C   1 
ATOM   235  O O   . TYR A 1 35  ? -2.022  0.551   4.031   1.00 12.84 ? 33  TYR A O   1 
ATOM   236  C CB  . TYR A 1 35  ? -4.735  1.233   5.351   1.00 13.35 ? 33  TYR A CB  1 
ATOM   237  C CG  . TYR A 1 35  ? -5.710  1.050   6.514   1.00 13.28 ? 33  TYR A CG  1 
ATOM   238  C CD1 . TYR A 1 35  ? -5.248  0.934   7.820   1.00 12.15 ? 33  TYR A CD1 1 
ATOM   239  C CD2 . TYR A 1 35  ? -7.102  1.026   6.303   1.00 12.72 ? 33  TYR A CD2 1 
ATOM   240  C CE1 . TYR A 1 35  ? -6.136  0.781   8.889   1.00 14.11 ? 33  TYR A CE1 1 
ATOM   241  C CE2 . TYR A 1 35  ? -7.992  0.874   7.363   1.00 12.89 ? 33  TYR A CE2 1 
ATOM   242  C CZ  . TYR A 1 35  ? -7.499  0.741   8.649   1.00 13.94 ? 33  TYR A CZ  1 
ATOM   243  O OH  . TYR A 1 35  ? -8.366  0.599   9.681   1.00 14.21 ? 33  TYR A OH  1 
ATOM   244  N N   . TRP A 1 36  ? -3.536  0.496   2.341   1.00 12.12 ? 34  TRP A N   1 
ATOM   245  C CA  . TRP A 1 36  ? -2.630  1.079   1.364   1.00 12.34 ? 34  TRP A CA  1 
ATOM   246  C C   . TRP A 1 36  ? -3.300  2.306   0.744   1.00 11.94 ? 34  TRP A C   1 
ATOM   247  O O   . TRP A 1 36  ? -4.449  2.225   0.273   1.00 12.63 ? 34  TRP A O   1 
ATOM   248  C CB  . TRP A 1 36  ? -2.215  0.083   0.275   1.00 12.65 ? 34  TRP A CB  1 
ATOM   249  C CG  . TRP A 1 36  ? -0.953  -0.669  0.584   1.00 13.92 ? 34  TRP A CG  1 
ATOM   250  C CD1 . TRP A 1 36  ? -0.853  -1.985  0.938   1.00 14.45 ? 34  TRP A CD1 1 
ATOM   251  C CD2 . TRP A 1 36  ? 0.385   -0.150  0.570   1.00 14.91 ? 34  TRP A CD2 1 
ATOM   252  N NE1 . TRP A 1 36  ? 0.477   -2.333  1.127   1.00 13.14 ? 34  TRP A NE1 1 
ATOM   253  C CE2 . TRP A 1 36  ? 1.256   -1.223  0.918   1.00 14.68 ? 34  TRP A CE2 1 
ATOM   254  C CE3 . TRP A 1 36  ? 0.937   1.115   0.289   1.00 15.02 ? 34  TRP A CE3 1 
ATOM   255  C CZ2 . TRP A 1 36  ? 2.644   -1.064  1.000   1.00 14.06 ? 34  TRP A CZ2 1 
ATOM   256  C CZ3 . TRP A 1 36  ? 2.307   1.279   0.369   1.00 14.82 ? 34  TRP A CZ3 1 
ATOM   257  C CH2 . TRP A 1 36  ? 3.155   0.187   0.719   1.00 14.47 ? 34  TRP A CH2 1 
ATOM   258  N N   . TYR A 1 37  ? -2.572  3.423   0.785   1.00 12.30 ? 35  TYR A N   1 
ATOM   259  C CA  . TYR A 1 37  ? -3.008  4.706   0.220   1.00 12.40 ? 35  TYR A CA  1 
ATOM   260  C C   . TYR A 1 37  ? -2.052  5.172   -0.879  1.00 13.32 ? 35  TYR A C   1 
ATOM   261  O O   . TYR A 1 37  ? -0.876  4.786   -0.901  1.00 13.03 ? 35  TYR A O   1 
ATOM   262  C CB  . TYR A 1 37  ? -3.019  5.791   1.284   1.00 12.21 ? 35  TYR A CB  1 
ATOM   263  C CG  . TYR A 1 37  ? -3.975  5.604   2.444   1.00 13.14 ? 35  TYR A CG  1 
ATOM   264  C CD1 . TYR A 1 37  ? -3.590  4.861   3.576   1.00 14.65 ? 35  TYR A CD1 1 
ATOM   265  C CD2 . TYR A 1 37  ? -5.231  6.228   2.439   1.00 12.22 ? 35  TYR A CD2 1 
ATOM   266  C CE1 . TYR A 1 37  ? -4.455  4.711   4.662   1.00 15.00 ? 35  TYR A CE1 1 
ATOM   267  C CE2 . TYR A 1 37  ? -6.099  6.099   3.500   1.00 12.97 ? 35  TYR A CE2 1 
ATOM   268  C CZ  . TYR A 1 37  ? -5.715  5.316   4.607   1.00 13.80 ? 35  TYR A CZ  1 
ATOM   269  O OH  . TYR A 1 37  ? -6.577  5.191   5.658   1.00 14.82 ? 35  TYR A OH  1 
ATOM   270  N N   . ARG A 1 38  ? -2.577  6.013   -1.766  1.00 13.53 ? 36  ARG A N   1 
ATOM   271  C CA  . ARG A 1 38  ? -1.774  6.733   -2.753  1.00 15.73 ? 36  ARG A CA  1 
ATOM   272  C C   . ARG A 1 38  ? -1.945  8.216   -2.449  1.00 14.88 ? 36  ARG A C   1 
ATOM   273  O O   . ARG A 1 38  ? -3.072  8.655   -2.180  1.00 13.65 ? 36  ARG A O   1 
ATOM   274  C CB  . ARG A 1 38  ? -2.329  6.406   -4.159  1.00 15.97 ? 36  ARG A CB  1 
ATOM   275  C CG  . ARG A 1 38  ? -1.822  7.251   -5.247  1.00 20.74 ? 36  ARG A CG  1 
ATOM   276  C CD  . ARG A 1 38  ? -2.401  6.801   -6.531  1.00 20.95 ? 36  ARG A CD  1 
ATOM   277  N NE  . ARG A 1 38  ? -1.915  7.699   -7.533  1.00 23.77 ? 36  ARG A NE  1 
ATOM   278  C CZ  . ARG A 1 38  ? -1.824  7.408   -8.815  1.00 22.06 ? 36  ARG A CZ  1 
ATOM   279  N NH1 . ARG A 1 38  ? -2.214  6.207   -9.274  1.00 20.35 ? 36  ARG A NH1 1 
ATOM   280  N NH2 . ARG A 1 38  ? -1.335  8.321   -9.623  1.00 21.51 ? 36  ARG A NH2 1 
ATOM   281  N N   . GLN A 1 39  ? -0.834  8.970   -2.484  1.00 14.94 ? 37  GLN A N   1 
ATOM   282  C CA  . GLN A 1 39  ? -0.840  10.400  -2.299  1.00 16.30 ? 37  GLN A CA  1 
ATOM   283  C C   . GLN A 1 39  ? -0.158  11.105  -3.476  1.00 16.05 ? 37  GLN A C   1 
ATOM   284  O O   . GLN A 1 39  ? 1.079   11.174  -3.544  1.00 14.80 ? 37  GLN A O   1 
ATOM   285  C CB  . GLN A 1 39  ? -0.146  10.808  -0.992  1.00 16.09 ? 37  GLN A CB  1 
ATOM   286  C CG  . GLN A 1 39  ? -0.144  12.330  -0.786  1.00 18.39 ? 37  GLN A CG  1 
ATOM   287  C CD  . GLN A 1 39  ? 0.664   12.794  0.418   1.00 21.57 ? 37  GLN A CD  1 
ATOM   288  O OE1 . GLN A 1 39  ? 1.875   12.542  0.526   1.00 28.25 ? 37  GLN A OE1 1 
ATOM   289  N NE2 . GLN A 1 39  ? 0.007   13.514  1.304   1.00 26.48 ? 37  GLN A NE2 1 
ATOM   290  N N   . ASP A 1 40  ? -0.958  11.606  -4.403  1.00 15.97 ? 38  ASP A N   1 
ATOM   291  C CA  . ASP A 1 40  ? -0.433  12.408  -5.494  1.00 17.56 ? 38  ASP A CA  1 
ATOM   292  C C   . ASP A 1 40  ? -0.048  13.797  -4.985  1.00 18.38 ? 38  ASP A C   1 
ATOM   293  O O   . ASP A 1 40  ? -0.639  14.313  -4.034  1.00 19.19 ? 38  ASP A O   1 
ATOM   294  C CB  . ASP A 1 40  ? -1.436  12.508  -6.650  1.00 17.49 ? 38  ASP A CB  1 
ATOM   295  C CG  . ASP A 1 40  ? -1.721  11.141  -7.279  1.00 18.17 ? 38  ASP A CG  1 
ATOM   296  O OD1 . ASP A 1 40  ? -2.906  10.816  -7.527  1.00 18.65 ? 38  ASP A OD1 1 
ATOM   297  O OD2 . ASP A 1 40  ? -0.747  10.384  -7.482  1.00 21.01 ? 38  ASP A OD2 1 
ATOM   298  N N   . THR A 1 41  ? 0.944   14.384  -5.627  1.00 19.33 ? 39  THR A N   1 
ATOM   299  C CA  . THR A 1 41  ? 1.393   15.717  -5.283  1.00 20.38 ? 39  THR A CA  1 
ATOM   300  C C   . THR A 1 41  ? 0.218   16.672  -5.234  1.00 19.41 ? 39  THR A C   1 
ATOM   301  O O   . THR A 1 41  ? -0.553  16.803  -6.206  1.00 19.78 ? 39  THR A O   1 
ATOM   302  C CB  . THR A 1 41  ? 2.409   16.249  -6.302  1.00 20.83 ? 39  THR A CB  1 
ATOM   303  O OG1 . THR A 1 41  ? 3.380   15.230  -6.581  1.00 22.31 ? 39  THR A OG1 1 
ATOM   304  C CG2 . THR A 1 41  ? 3.107   17.498  -5.734  1.00 21.80 ? 39  THR A CG2 1 
ATOM   305  N N   . GLY A 1 42  ? 0.071   17.322  -4.089  1.00 19.16 ? 40  GLY A N   1 
ATOM   306  C CA  . GLY A 1 42  ? -0.974  18.327  -3.920  1.00 18.83 ? 40  GLY A CA  1 
ATOM   307  C C   . GLY A 1 42  ? -2.296  17.755  -3.450  1.00 18.73 ? 40  GLY A C   1 
ATOM   308  O O   . GLY A 1 42  ? -3.276  18.495  -3.296  1.00 20.10 ? 40  GLY A O   1 
ATOM   309  N N   . HIS A 1 43  ? -2.360  16.442  -3.207  1.00 16.82 ? 41  HIS A N   1 
ATOM   310  C CA  . HIS A 1 43  ? -3.641  15.840  -2.822  1.00 15.29 ? 41  HIS A CA  1 
ATOM   311  C C   . HIS A 1 43  ? -3.524  15.118  -1.478  1.00 14.90 ? 41  HIS A C   1 
ATOM   312  O O   . HIS A 1 43  ? -2.432  15.024  -0.911  1.00 14.00 ? 41  HIS A O   1 
ATOM   313  C CB  . HIS A 1 43  ? -4.161  14.896  -3.925  1.00 14.96 ? 41  HIS A CB  1 
ATOM   314  C CG  . HIS A 1 43  ? -4.290  15.568  -5.261  1.00 16.15 ? 41  HIS A CG  1 
ATOM   315  N ND1 . HIS A 1 43  ? -5.371  16.360  -5.586  1.00 17.21 ? 41  HIS A ND1 1 
ATOM   316  C CD2 . HIS A 1 43  ? -3.473  15.581  -6.341  1.00 15.45 ? 41  HIS A CD2 1 
ATOM   317  C CE1 . HIS A 1 43  ? -5.219  16.834  -6.813  1.00 16.31 ? 41  HIS A CE1 1 
ATOM   318  N NE2 . HIS A 1 43  ? -4.068  16.387  -7.289  1.00 16.39 ? 41  HIS A NE2 1 
ATOM   319  N N   . GLY A 1 44  ? -4.651  14.647  -0.963  1.00 14.17 ? 42  GLY A N   1 
ATOM   320  C CA  . GLY A 1 44  ? -4.640  13.830  0.256   1.00 14.21 ? 42  GLY A CA  1 
ATOM   321  C C   . GLY A 1 44  ? -4.322  12.367  -0.044  1.00 14.27 ? 42  GLY A C   1 
ATOM   322  O O   . GLY A 1 44  ? -4.119  11.973  -1.207  1.00 15.13 ? 42  GLY A O   1 
ATOM   323  N N   . LEU A 1 45  ? -4.272  11.555  1.021   1.00 12.85 ? 43  LEU A N   1 
ATOM   324  C CA  . LEU A 1 45  ? -4.134  10.127  0.903   1.00 12.52 ? 43  LEU A CA  1 
ATOM   325  C C   . LEU A 1 45  ? -5.455  9.511   0.410   1.00 12.26 ? 43  LEU A C   1 
ATOM   326  O O   . LEU A 1 45  ? -6.479  9.690   1.062   1.00 12.46 ? 43  LEU A O   1 
ATOM   327  C CB  . LEU A 1 45  ? -3.812  9.553   2.271   1.00 11.95 ? 43  LEU A CB  1 
ATOM   328  C CG  . LEU A 1 45  ? -2.513  10.115  2.856   1.00 13.41 ? 43  LEU A CG  1 
ATOM   329  C CD1 . LEU A 1 45  ? -2.637  10.185  4.386   1.00 16.64 ? 43  LEU A CD1 1 
ATOM   330  C CD2 . LEU A 1 45  ? -1.370  9.221   2.421   1.00 13.56 ? 43  LEU A CD2 1 
ATOM   331  N N   . ARG A 1 46  ? -5.420  8.808   -0.724  1.00 11.56 ? 44  ARG A N   1 
ATOM   332  C CA  . ARG A 1 46  ? -6.619  8.140   -1.246  1.00 11.95 ? 44  ARG A CA  1 
ATOM   333  C C   . ARG A 1 46  ? -6.495  6.651   -0.987  1.00 11.91 ? 44  ARG A C   1 
ATOM   334  O O   . ARG A 1 46  ? -5.445  6.041   -1.245  1.00 13.00 ? 44  ARG A O   1 
ATOM   335  C CB  . ARG A 1 46  ? -6.830  8.453   -2.731  1.00 12.63 ? 44  ARG A CB  1 
ATOM   336  C CG  . ARG A 1 46  ? -7.085  9.967   -2.942  1.00 13.95 ? 44  ARG A CG  1 
ATOM   337  C CD  . ARG A 1 46  ? -7.612  10.235  -4.351  1.00 13.34 ? 44  ARG A CD  1 
ATOM   338  N NE  . ARG A 1 46  ? -7.766  11.671  -4.598  1.00 15.29 ? 44  ARG A NE  1 
ATOM   339  C CZ  . ARG A 1 46  ? -7.056  12.377  -5.482  1.00 12.49 ? 44  ARG A CZ  1 
ATOM   340  N NH1 . ARG A 1 46  ? -7.305  13.665  -5.627  1.00 15.85 ? 44  ARG A NH1 1 
ATOM   341  N NH2 . ARG A 1 46  ? -6.132  11.801  -6.243  1.00 12.91 ? 44  ARG A NH2 1 
ATOM   342  N N   . LEU A 1 47  ? -7.559  6.065   -0.457  1.00 11.56 ? 45  LEU A N   1 
ATOM   343  C CA  . LEU A 1 47  ? -7.524  4.643   -0.064  1.00 11.57 ? 45  LEU A CA  1 
ATOM   344  C C   . LEU A 1 47  ? -7.676  3.658   -1.239  1.00 11.37 ? 45  LEU A C   1 
ATOM   345  O O   . LEU A 1 47  ? -8.685  3.671   -1.948  1.00 11.28 ? 45  LEU A O   1 
ATOM   346  C CB  . LEU A 1 47  ? -8.575  4.397   1.037   1.00 11.62 ? 45  LEU A CB  1 
ATOM   347  C CG  . LEU A 1 47  ? -8.616  2.973   1.589   1.00 10.72 ? 45  LEU A CG  1 
ATOM   348  C CD1 . LEU A 1 47  ? -7.358  2.660   2.413   1.00 13.06 ? 45  LEU A CD1 1 
ATOM   349  C CD2 . LEU A 1 47  ? -9.913  2.790   2.426   1.00 13.89 ? 45  LEU A CD2 1 
ATOM   350  N N   . ILE A 1 48  ? -6.669  2.796   -1.427  1.00 10.42 ? 46  ILE A N   1 
ATOM   351  C CA  . ILE A 1 48  ? -6.646  1.863   -2.541  1.00 11.58 ? 46  ILE A CA  1 
ATOM   352  C C   . ILE A 1 48  ? -7.273  0.508   -2.165  1.00 12.36 ? 46  ILE A C   1 
ATOM   353  O O   . ILE A 1 48  ? -8.276  0.116   -2.754  1.00 12.29 ? 46  ILE A O   1 
ATOM   354  C CB  . ILE A 1 48  ? -5.235  1.668   -3.109  1.00 11.52 ? 46  ILE A CB  1 
ATOM   355  C CG1 . ILE A 1 48  ? -4.570  3.025   -3.435  1.00 11.64 ? 46  ILE A CG1 1 
ATOM   356  C CG2 . ILE A 1 48  ? -5.282  0.711   -4.304  1.00 12.32 ? 46  ILE A CG2 1 
ATOM   357  C CD1 . ILE A 1 48  ? -3.033  2.887   -3.758  1.00 12.82 ? 46  ILE A CD1 1 
ATOM   358  N N   . HIS A 1 49  ? -6.681  -0.175  -1.178  1.00 12.67 ? 47  HIS A N   1 
ATOM   359  C CA  . HIS A 1 49  ? -7.248  -1.422  -0.629  1.00 12.63 ? 47  HIS A CA  1 
ATOM   360  C C   . HIS A 1 49  ? -6.946  -1.424  0.880   1.00 12.07 ? 47  HIS A C   1 
ATOM   361  O O   . HIS A 1 49  ? -6.025  -0.731  1.353   1.00 12.92 ? 47  HIS A O   1 
ATOM   362  C CB  . HIS A 1 49  ? -6.580  -2.663  -1.239  1.00 12.34 ? 47  HIS A CB  1 
ATOM   363  C CG  . HIS A 1 49  ? -6.895  -2.907  -2.687  1.00 14.67 ? 47  HIS A CG  1 
ATOM   364  N ND1 . HIS A 1 49  ? -8.109  -3.408  -3.106  1.00 15.93 ? 47  HIS A ND1 1 
ATOM   365  C CD2 . HIS A 1 49  ? -6.139  -2.764  -3.806  1.00 14.25 ? 47  HIS A CD2 1 
ATOM   366  C CE1 . HIS A 1 49  ? -8.099  -3.543  -4.422  1.00 17.17 ? 47  HIS A CE1 1 
ATOM   367  N NE2 . HIS A 1 49  ? -6.908  -3.186  -4.871  1.00 13.49 ? 47  HIS A NE2 1 
ATOM   368  N N   . TYR A 1 50  ? -7.691  -2.225  1.624   1.00 12.18 ? 48  TYR A N   1 
ATOM   369  C CA  . TYR A 1 50  ? -7.408  -2.390  3.075   1.00 12.33 ? 48  TYR A CA  1 
ATOM   370  C C   . TYR A 1 50  ? -7.709  -3.828  3.450   1.00 12.28 ? 48  TYR A C   1 
ATOM   371  O O   . TYR A 1 50  ? -8.094  -4.639  2.588   1.00 11.89 ? 48  TYR A O   1 
ATOM   372  C CB  . TYR A 1 50  ? -8.156  -1.371  3.969   1.00 13.33 ? 48  TYR A CB  1 
ATOM   373  C CG  . TYR A 1 50  ? -9.666  -1.372  3.810   1.00 15.63 ? 48  TYR A CG  1 
ATOM   374  C CD1 . TYR A 1 50  ? -10.258 -0.752  2.722   1.00 15.72 ? 48  TYR A CD1 1 
ATOM   375  C CD2 . TYR A 1 50  ? -10.498 -2.027  4.733   1.00 15.49 ? 48  TYR A CD2 1 
ATOM   376  C CE1 . TYR A 1 50  ? -11.646 -0.759  2.551   1.00 15.49 ? 48  TYR A CE1 1 
ATOM   377  C CE2 . TYR A 1 50  ? -11.892 -2.044  4.586   1.00 17.56 ? 48  TYR A CE2 1 
ATOM   378  C CZ  . TYR A 1 50  ? -12.456 -1.395  3.471   1.00 15.52 ? 48  TYR A CZ  1 
ATOM   379  O OH  . TYR A 1 50  ? -13.816 -1.387  3.274   1.00 20.25 ? 48  TYR A OH  1 
ATOM   380  N N   . SER A 1 51  ? -7.537  -4.139  4.732   1.00 12.73 ? 49  SER A N   1 
ATOM   381  C CA  . SER A 1 51  ? -7.696  -5.502  5.209   1.00 12.01 ? 49  SER A CA  1 
ATOM   382  C C   . SER A 1 51  ? -8.059  -5.482  6.713   1.00 12.57 ? 49  SER A C   1 
ATOM   383  O O   . SER A 1 51  ? -7.443  -4.780  7.523   1.00 12.44 ? 49  SER A O   1 
ATOM   384  C CB  . SER A 1 51  ? -6.395  -6.285  4.997   1.00 11.99 ? 49  SER A CB  1 
ATOM   385  O OG  . SER A 1 51  ? -6.414  -7.530  5.680   1.00 13.25 ? 49  SER A OG  1 
ATOM   386  N N   . TYR A 1 52  ? -9.063  -6.266  7.056   1.00 12.66 ? 50  TYR A N   1 
ATOM   387  C CA  . TYR A 1 52  ? -9.498  -6.401  8.466   1.00 12.33 ? 50  TYR A CA  1 
ATOM   388  C C   . TYR A 1 52  ? -8.812  -7.543  9.184   1.00 12.52 ? 50  TYR A C   1 
ATOM   389  O O   . TYR A 1 52  ? -9.097  -7.793  10.372  1.00 12.63 ? 50  TYR A O   1 
ATOM   390  C CB  . TYR A 1 52  ? -10.993 -6.663  8.464   1.00 11.88 ? 50  TYR A CB  1 
ATOM   391  C CG  . TYR A 1 52  ? -11.853 -5.489  8.104   1.00 13.16 ? 50  TYR A CG  1 
ATOM   392  C CD1 . TYR A 1 52  ? -11.702 -4.247  8.757   1.00 13.33 ? 50  TYR A CD1 1 
ATOM   393  C CD2 . TYR A 1 52  ? -12.849 -5.626  7.153   1.00 13.06 ? 50  TYR A CD2 1 
ATOM   394  C CE1 . TYR A 1 52  ? -12.519 -3.190  8.452   1.00 16.58 ? 50  TYR A CE1 1 
ATOM   395  C CE2 . TYR A 1 52  ? -13.689 -4.558  6.827   1.00 16.08 ? 50  TYR A CE2 1 
ATOM   396  C CZ  . TYR A 1 52  ? -13.516 -3.357  7.467   1.00 15.68 ? 50  TYR A CZ  1 
ATOM   397  O OH  . TYR A 1 52  ? -14.353 -2.314  7.160   1.00 15.63 ? 50  TYR A OH  1 
ATOM   398  N N   . GLY A 1 53  ? -7.947  -8.261  8.453   1.00 12.48 ? 51  GLY A N   1 
ATOM   399  C CA  . GLY A 1 53  ? -7.161  -9.361  9.019   1.00 13.43 ? 51  GLY A CA  1 
ATOM   400  C C   . GLY A 1 53  ? -6.657  -10.341 7.981   1.00 13.07 ? 51  GLY A C   1 
ATOM   401  O O   . GLY A 1 53  ? -7.025  -10.255 6.799   1.00 13.68 ? 51  GLY A O   1 
ATOM   402  N N   . VAL A 1 54  ? -5.801  -11.270 8.426   1.00 13.31 ? 52  VAL A N   1 
ATOM   403  C CA  . VAL A 1 54  ? -5.183  -12.276 7.537   1.00 13.89 ? 52  VAL A CA  1 
ATOM   404  C C   . VAL A 1 54  ? -6.197  -12.894 6.602   1.00 13.43 ? 52  VAL A C   1 
ATOM   405  O O   . VAL A 1 54  ? -7.293  -13.311 7.023   1.00 11.52 ? 52  VAL A O   1 
ATOM   406  C CB  . VAL A 1 54  ? -4.452  -13.406 8.318   1.00 14.79 ? 52  VAL A CB  1 
ATOM   407  C CG1 . VAL A 1 54  ? -5.432  -14.163 9.222   1.00 17.41 ? 52  VAL A CG1 1 
ATOM   408  C CG2 . VAL A 1 54  ? -3.689  -14.350 7.363   1.00 16.13 ? 52  VAL A CG2 1 
ATOM   409  N N   . GLY A 1 55  ? -5.838  -12.899 5.326   1.00 12.24 ? 53  GLY A N   1 
ATOM   410  C CA  . GLY A 1 55  ? -6.662  -13.503 4.287   1.00 13.25 ? 53  GLY A CA  1 
ATOM   411  C C   . GLY A 1 55  ? -7.771  -12.625 3.748   1.00 12.66 ? 53  GLY A C   1 
ATOM   412  O O   . GLY A 1 55  ? -8.385  -12.962 2.723   1.00 13.00 ? 53  GLY A O   1 
ATOM   413  N N   . ASN A 1 56  ? -8.026  -11.494 4.407   1.00 13.18 ? 54  ASN A N   1 
ATOM   414  C CA  . ASN A 1 56  ? -9.044  -10.555 3.922   1.00 12.31 ? 54  ASN A CA  1 
ATOM   415  C C   . ASN A 1 56  ? -8.415  -9.366  3.182   1.00 13.22 ? 54  ASN A C   1 
ATOM   416  O O   . ASN A 1 56  ? -7.476  -8.755  3.682   1.00 12.70 ? 54  ASN A O   1 
ATOM   417  C CB  . ASN A 1 56  ? -9.937  -10.054 5.067   1.00 11.94 ? 54  ASN A CB  1 
ATOM   418  C CG  . ASN A 1 56  ? -10.845 -8.874  4.645   1.00 10.46 ? 54  ASN A CG  1 
ATOM   419  O OD1 . ASN A 1 56  ? -10.525 -7.721  4.958   1.00 12.28 ? 54  ASN A OD1 1 
ATOM   420  N ND2 . ASN A 1 56  ? -12.008 -9.162  3.993   1.00 9.56  ? 54  ASN A ND2 1 
ATOM   421  N N   . THR A 1 57  ? -8.972  -9.030  2.028   1.00 13.11 ? 55  THR A N   1 
ATOM   422  C CA  . THR A 1 57  ? -8.707  -7.713  1.422   1.00 14.82 ? 55  THR A CA  1 
ATOM   423  C C   . THR A 1 57  ? -10.023 -7.124  0.983   1.00 15.29 ? 55  THR A C   1 
ATOM   424  O O   . THR A 1 57  ? -10.926 -7.856  0.558   1.00 14.64 ? 55  THR A O   1 
ATOM   425  C CB  . THR A 1 57  ? -7.740  -7.746  0.201   1.00 14.95 ? 55  THR A CB  1 
ATOM   426  O OG1 . THR A 1 57  ? -8.344  -8.465  -0.880  1.00 20.11 ? 55  THR A OG1 1 
ATOM   427  C CG2 . THR A 1 57  ? -6.360  -8.396  0.558   1.00 15.79 ? 55  THR A CG2 1 
ATOM   428  N N   . GLU A 1 58  ? -10.113 -5.801  1.071   1.00 15.24 ? 56  GLU A N   1 
ATOM   429  C CA  . GLU A 1 58  ? -11.324 -5.080  0.769   1.00 16.16 ? 56  GLU A CA  1 
ATOM   430  C C   . GLU A 1 58  ? -10.940 -3.947  -0.165  1.00 16.42 ? 56  GLU A C   1 
ATOM   431  O O   . GLU A 1 58  ? -9.926  -3.253  0.052   1.00 14.72 ? 56  GLU A O   1 
ATOM   432  C CB  . GLU A 1 58  ? -11.910 -4.500  2.064   1.00 17.18 ? 56  GLU A CB  1 
ATOM   433  C CG  . GLU A 1 58  ? -12.362 -5.557  3.095   1.00 19.63 ? 56  GLU A CG  1 
ATOM   434  C CD  . GLU A 1 58  ? -13.699 -6.191  2.770   1.00 21.52 ? 56  GLU A CD  1 
ATOM   435  O OE1 . GLU A 1 58  ? -14.557 -5.533  2.156   1.00 24.55 ? 56  GLU A OE1 1 
ATOM   436  O OE2 . GLU A 1 58  ? -13.898 -7.362  3.133   1.00 24.99 ? 56  GLU A OE2 1 
ATOM   437  N N   . LYS A 1 59  ? -11.733 -3.764  -1.209  1.00 15.99 ? 57  LYS A N   1 
ATOM   438  C CA  . LYS A 1 59  ? -11.479 -2.645  -2.130  1.00 16.47 ? 57  LYS A CA  1 
ATOM   439  C C   . LYS A 1 59  ? -11.727 -1.338  -1.420  1.00 15.96 ? 57  LYS A C   1 
ATOM   440  O O   . LYS A 1 59  ? -12.726 -1.186  -0.701  1.00 15.29 ? 57  LYS A O   1 
ATOM   441  C CB  . LYS A 1 59  ? -12.365 -2.727  -3.378  1.00 17.04 ? 57  LYS A CB  1 
ATOM   442  C CG  . LYS A 1 59  ? -12.105 -3.943  -4.230  1.00 20.57 ? 57  LYS A CG  1 
ATOM   443  C CD  . LYS A 1 59  ? -12.646 -3.744  -5.640  1.00 26.89 ? 57  LYS A CD  1 
ATOM   444  C CE  . LYS A 1 59  ? -12.617 -5.046  -6.453  1.00 29.53 ? 57  LYS A CE  1 
ATOM   445  N NZ  . LYS A 1 59  ? -11.350 -5.834  -6.302  1.00 32.15 ? 57  LYS A NZ  1 
ATOM   446  N N   . GLY A 1 60  ? -10.790 -0.405  -1.596  1.00 14.98 ? 58  GLY A N   1 
ATOM   447  C CA  . GLY A 1 60  ? -10.954 0.959   -1.133  1.00 14.48 ? 58  GLY A CA  1 
ATOM   448  C C   . GLY A 1 60  ? -11.760 1.771   -2.139  1.00 14.72 ? 58  GLY A C   1 
ATOM   449  O O   . GLY A 1 60  ? -12.654 1.240   -2.841  1.00 15.84 ? 58  GLY A O   1 
ATOM   450  N N   . ASP A 1 61  ? -11.447 3.062   -2.196  1.00 13.96 ? 59  ASP A N   1 
ATOM   451  C CA  . ASP A 1 61  ? -12.146 4.028   -3.055  1.00 14.10 ? 59  ASP A CA  1 
ATOM   452  C C   . ASP A 1 61  ? -11.528 4.080   -4.442  1.00 13.74 ? 59  ASP A C   1 
ATOM   453  O O   . ASP A 1 61  ? -12.236 4.336   -5.411  1.00 13.41 ? 59  ASP A O   1 
ATOM   454  C CB  . ASP A 1 61  ? -12.125 5.439   -2.470  1.00 14.26 ? 59  ASP A CB  1 
ATOM   455  C CG  . ASP A 1 61  ? -12.832 5.536   -1.134  1.00 17.41 ? 59  ASP A CG  1 
ATOM   456  O OD1 . ASP A 1 61  ? -13.903 4.902   -0.958  1.00 18.36 ? 59  ASP A OD1 1 
ATOM   457  O OD2 . ASP A 1 61  ? -12.275 6.219   -0.261  1.00 14.79 ? 59  ASP A OD2 1 
ATOM   458  N N   . ILE A 1 62  ? -10.229 3.787   -4.542  1.00 11.72 ? 60  ILE A N   1 
ATOM   459  C CA  . ILE A 1 62  ? -9.566  3.802   -5.838  1.00 13.31 ? 60  ILE A CA  1 
ATOM   460  C C   . ILE A 1 62  ? -8.825  2.472   -6.160  1.00 12.79 ? 60  ILE A C   1 
ATOM   461  O O   . ILE A 1 62  ? -7.623  2.467   -6.432  1.00 13.45 ? 60  ILE A O   1 
ATOM   462  C CB  . ILE A 1 62  ? -8.639  5.079   -6.004  1.00 12.52 ? 60  ILE A CB  1 
ATOM   463  C CG1 . ILE A 1 62  ? -7.559  5.161   -4.883  1.00 11.96 ? 60  ILE A CG1 1 
ATOM   464  C CG2 . ILE A 1 62  ? -9.486  6.390   -6.084  1.00 15.45 ? 60  ILE A CG2 1 
ATOM   465  C CD1 . ILE A 1 62  ? -6.263  5.881   -5.364  1.00 13.31 ? 60  ILE A CD1 1 
ATOM   466  N N   . PRO A 1 63  ? -9.559  1.344   -6.165  1.00 14.02 ? 61  PRO A N   1 
ATOM   467  C CA  . PRO A 1 63  ? -8.888  0.046   -6.303  1.00 14.01 ? 61  PRO A CA  1 
ATOM   468  C C   . PRO A 1 63  ? -8.382  -0.274  -7.707  1.00 14.43 ? 61  PRO A C   1 
ATOM   469  O O   . PRO A 1 63  ? -7.525  -1.145  -7.850  1.00 14.95 ? 61  PRO A O   1 
ATOM   470  C CB  . PRO A 1 63  ? -9.989  -0.952  -5.903  1.00 14.86 ? 61  PRO A CB  1 
ATOM   471  C CG  . PRO A 1 63  ? -11.273 -0.268  -6.380  1.00 13.77 ? 61  PRO A CG  1 
ATOM   472  C CD  . PRO A 1 63  ? -11.028 1.185   -6.030  1.00 13.45 ? 61  PRO A CD  1 
ATOM   473  N N   . ASP A 1 64  ? -8.907  0.396   -8.741  1.00 14.92 ? 62  ASP A N   1 
ATOM   474  C CA  . ASP A 1 64  ? -8.662  -0.078  -10.118 1.00 16.29 ? 62  ASP A CA  1 
ATOM   475  C C   . ASP A 1 64  ? -7.186  -0.035  -10.513 1.00 15.95 ? 62  ASP A C   1 
ATOM   476  O O   . ASP A 1 64  ? -6.506  0.966   -10.244 1.00 15.79 ? 62  ASP A O   1 
ATOM   477  C CB  . ASP A 1 64  ? -9.523  0.668   -11.150 1.00 16.45 ? 62  ASP A CB  1 
ATOM   478  C CG  . ASP A 1 64  ? -11.023 0.347   -10.999 1.00 21.02 ? 62  ASP A CG  1 
ATOM   479  O OD1 . ASP A 1 64  ? -11.386 -0.690  -10.392 1.00 25.62 ? 62  ASP A OD1 1 
ATOM   480  O OD2 . ASP A 1 64  ? -11.851 1.136   -11.484 1.00 24.29 ? 62  ASP A OD2 1 
ATOM   481  N N   . GLY A 1 65  ? -6.707  -1.148  -11.077 1.00 15.35 ? 63  GLY A N   1 
ATOM   482  C CA  . GLY A 1 65  ? -5.324  -1.304  -11.585 1.00 17.34 ? 63  GLY A CA  1 
ATOM   483  C C   . GLY A 1 65  ? -4.281  -1.425  -10.496 1.00 17.87 ? 63  GLY A C   1 
ATOM   484  O O   . GLY A 1 65  ? -3.261  -2.118  -10.615 1.00 19.18 ? 63  GLY A O   1 
ATOM   485  N N   . TYR A 1 66  ? -4.897  -2.162  -9.040  1.00 14.17 ? 65  TYR A N   1 
ATOM   486  C CA  . TYR A 1 66  ? -4.144  -2.660  -7.891  1.00 14.11 ? 65  TYR A CA  1 
ATOM   487  C C   . TYR A 1 66  ? -4.843  -3.898  -7.394  1.00 15.36 ? 65  TYR A C   1 
ATOM   488  O O   . TYR A 1 66  ? -6.070  -4.001  -7.489  1.00 14.11 ? 65  TYR A O   1 
ATOM   489  C CB  . TYR A 1 66  ? -4.143  -1.622  -6.771  1.00 14.35 ? 65  TYR A CB  1 
ATOM   490  C CG  . TYR A 1 66  ? -3.552  -0.281  -7.172  1.00 13.93 ? 65  TYR A CG  1 
ATOM   491  C CD1 . TYR A 1 66  ? -2.166  -0.059  -7.112  1.00 13.96 ? 65  TYR A CD1 1 
ATOM   492  C CD2 . TYR A 1 66  ? -4.380  0.761   -7.592  1.00 14.86 ? 65  TYR A CD2 1 
ATOM   493  C CE1 . TYR A 1 66  ? -1.616  1.183   -7.476  1.00 13.94 ? 65  TYR A CE1 1 
ATOM   494  C CE2 . TYR A 1 66  ? -3.860  1.994   -7.965  1.00 14.55 ? 65  TYR A CE2 1 
ATOM   495  C CZ  . TYR A 1 66  ? -2.480  2.198   -7.915  1.00 13.74 ? 65  TYR A CZ  1 
ATOM   496  O OH  . TYR A 1 66  ? -2.009  3.423   -8.271  1.00 15.18 ? 65  TYR A OH  1 
ATOM   497  N N   . GLU A 1 67  ? -4.051  -4.834  -6.892  1.00 15.96 ? 66  GLU A N   1 
ATOM   498  C CA  . GLU A 1 67  ? -4.564  -5.931  -6.083  1.00 18.22 ? 66  GLU A CA  1 
ATOM   499  C C   . GLU A 1 67  ? -3.898  -5.771  -4.720  1.00 16.45 ? 66  GLU A C   1 
ATOM   500  O O   . GLU A 1 67  ? -2.941  -4.982  -4.565  1.00 16.51 ? 66  GLU A O   1 
ATOM   501  C CB  . GLU A 1 67  ? -4.221  -7.294  -6.695  1.00 17.56 ? 66  GLU A CB  1 
ATOM   502  C CG  . GLU A 1 67  ? -4.700  -7.433  -8.148  1.00 22.08 ? 66  GLU A CG  1 
ATOM   503  C CD  . GLU A 1 67  ? -4.595  -8.859  -8.692  1.00 23.54 ? 66  GLU A CD  1 
ATOM   504  O OE1 . GLU A 1 67  ? -5.132  -9.091  -9.803  1.00 31.41 ? 66  GLU A OE1 1 
ATOM   505  O OE2 . GLU A 1 67  ? -4.012  -9.751  -8.011  1.00 32.05 ? 66  GLU A OE2 1 
ATOM   506  N N   . ALA A 1 68  ? -4.394  -6.506  -3.735  1.00 15.46 ? 67  ALA A N   1 
ATOM   507  C CA  . ALA A 1 68  ? -3.722  -6.521  -2.445  1.00 14.79 ? 67  ALA A CA  1 
ATOM   508  C C   . ALA A 1 68  ? -3.686  -7.936  -1.874  1.00 15.33 ? 67  ALA A C   1 
ATOM   509  O O   . ALA A 1 68  ? -4.415  -8.841  -2.333  1.00 15.30 ? 67  ALA A O   1 
ATOM   510  C CB  . ALA A 1 68  ? -4.404  -5.529  -1.455  1.00 14.88 ? 67  ALA A CB  1 
ATOM   511  N N   . SER A 1 69  ? -2.830  -8.142  -0.880  1.00 14.83 ? 68  SER A N   1 
ATOM   512  C CA  . SER A 1 69  ? -2.736  -9.455  -0.267  1.00 14.78 ? 68  SER A CA  1 
ATOM   513  C C   . SER A 1 69  ? -2.399  -9.291  1.220   1.00 14.87 ? 68  SER A C   1 
ATOM   514  O O   . SER A 1 69  ? -1.484  -8.543  1.553   1.00 14.35 ? 68  SER A O   1 
ATOM   515  C CB  . SER A 1 69  ? -1.650  -10.267 -0.990  1.00 15.27 ? 68  SER A CB  1 
ATOM   516  O OG  . SER A 1 69  ? -1.444  -11.517 -0.362  1.00 17.23 ? 68  SER A OG  1 
ATOM   517  N N   . ARG A 1 70  ? -3.114  -10.006 2.090   1.00 14.15 ? 69  ARG A N   1 
ATOM   518  C CA  . ARG A 1 70  ? -2.800  -9.991  3.523   1.00 12.64 ? 69  ARG A CA  1 
ATOM   519  C C   . ARG A 1 70  ? -2.399  -11.427 3.914   1.00 13.69 ? 69  ARG A C   1 
ATOM   520  O O   . ARG A 1 70  ? -3.218  -12.211 4.449   1.00 13.36 ? 69  ARG A O   1 
ATOM   521  C CB  . ARG A 1 70  ? -3.999  -9.459  4.353   1.00 13.23 ? 69  ARG A CB  1 
ATOM   522  C CG  . ARG A 1 70  ? -3.763  -9.373  5.878   1.00 10.86 ? 69  ARG A CG  1 
ATOM   523  C CD  . ARG A 1 70  ? -2.942  -8.152  6.308   1.00 10.25 ? 69  ARG A CD  1 
ATOM   524  N NE  . ARG A 1 70  ? -2.769  -8.067  7.756   1.00 12.70 ? 69  ARG A NE  1 
ATOM   525  C CZ  . ARG A 1 70  ? -3.666  -7.530  8.598   1.00 12.59 ? 69  ARG A CZ  1 
ATOM   526  N NH1 . ARG A 1 70  ? -3.406  -7.519  9.901   1.00 12.16 ? 69  ARG A NH1 1 
ATOM   527  N NH2 . ARG A 1 70  ? -4.846  -7.058  8.167   1.00 10.86 ? 69  ARG A NH2 1 
ATOM   528  N N   . PRO A 1 71  ? -1.149  -11.808 3.592   1.00 13.65 ? 70  PRO A N   1 
ATOM   529  C CA  . PRO A 1 71  ? -0.796  -13.225 3.778   1.00 14.45 ? 70  PRO A CA  1 
ATOM   530  C C   . PRO A 1 71  ? -0.529  -13.595 5.243   1.00 14.84 ? 70  PRO A C   1 
ATOM   531  O O   . PRO A 1 71  ? -0.434  -14.787 5.581   1.00 16.06 ? 70  PRO A O   1 
ATOM   532  C CB  . PRO A 1 71  ? 0.504   -13.357 2.984   1.00 13.72 ? 70  PRO A CB  1 
ATOM   533  C CG  . PRO A 1 71  ? 1.130   -12.022 3.079   1.00 14.15 ? 70  PRO A CG  1 
ATOM   534  C CD  . PRO A 1 71  ? -0.034  -11.041 3.008   1.00 13.11 ? 70  PRO A CD  1 
ATOM   535  N N   . SER A 1 72  ? -0.346  -12.593 6.089   1.00 15.78 ? 71  SER A N   1 
ATOM   536  C CA  . SER A 1 72  ? -0.063  -12.810 7.520   1.00 15.23 ? 71  SER A CA  1 
ATOM   537  C C   . SER A 1 72  ? -0.637  -11.616 8.253   1.00 16.30 ? 71  SER A C   1 
ATOM   538  O O   . SER A 1 72  ? -0.893  -10.566 7.640   1.00 16.11 ? 71  SER A O   1 
ATOM   539  C CB  . SER A 1 72  ? 1.453   -12.965 7.793   1.00 15.83 ? 71  SER A CB  1 
ATOM   540  O OG  . SER A 1 72  ? 2.158   -11.713 7.658   1.00 16.92 ? 71  SER A OG  1 
ATOM   541  N N   . HIS A 1 73  ? -0.832  -11.758 9.566   1.00 15.74 ? 72  HIS A N   1 
ATOM   542  C CA  . HIS A 1 73  ? -1.313  -10.658 10.387  1.00 15.75 ? 72  HIS A CA  1 
ATOM   543  C C   . HIS A 1 73  ? -0.392  -9.441  10.220  1.00 15.07 ? 72  HIS A C   1 
ATOM   544  O O   . HIS A 1 73  ? -0.856  -8.308  10.213  1.00 16.40 ? 72  HIS A O   1 
ATOM   545  C CB  . HIS A 1 73  ? -1.369  -11.097 11.861  1.00 15.17 ? 72  HIS A CB  1 
ATOM   546  C CG  . HIS A 1 73  ? -2.117  -10.145 12.762  1.00 16.52 ? 72  HIS A CG  1 
ATOM   547  N ND1 . HIS A 1 73  ? -3.495  -10.067 12.792  1.00 17.03 ? 72  HIS A ND1 1 
ATOM   548  C CD2 . HIS A 1 73  ? -1.677  -9.246  13.677  1.00 17.98 ? 72  HIS A CD2 1 
ATOM   549  C CE1 . HIS A 1 73  ? -3.872  -9.179  13.693  1.00 15.36 ? 72  HIS A CE1 1 
ATOM   550  N NE2 . HIS A 1 73  ? -2.788  -8.647  14.230  1.00 17.78 ? 72  HIS A NE2 1 
ATOM   551  N N   . GLU A 1 74  ? 0.904   -9.694  10.018  1.00 14.98 ? 73  GLU A N   1 
ATOM   552  C CA  . GLU A 1 74  ? 1.921   -8.651  10.048  1.00 15.80 ? 73  GLU A CA  1 
ATOM   553  C C   . GLU A 1 74  ? 2.210   -7.960  8.733   1.00 15.95 ? 73  GLU A C   1 
ATOM   554  O O   . GLU A 1 74  ? 2.838   -6.916  8.733   1.00 16.67 ? 73  GLU A O   1 
ATOM   555  C CB  . GLU A 1 74  ? 3.236   -9.205  10.601  1.00 15.49 ? 73  GLU A CB  1 
ATOM   556  C CG  . GLU A 1 74  ? 3.116   -9.604  12.068  1.00 19.29 ? 73  GLU A CG  1 
ATOM   557  C CD  . GLU A 1 74  ? 2.428   -10.961 12.278  1.00 21.62 ? 73  GLU A CD  1 
ATOM   558  O OE1 . GLU A 1 74  ? 1.901   -11.191 13.399  1.00 21.39 ? 73  GLU A OE1 1 
ATOM   559  O OE2 . GLU A 1 74  ? 2.414   -11.790 11.327  1.00 21.87 ? 73  GLU A OE2 1 
ATOM   560  N N   . GLN A 1 75  ? 1.791   -8.559  7.628   1.00 15.53 ? 74  GLN A N   1 
ATOM   561  C CA  . GLN A 1 75  ? 2.179   -8.055  6.317   1.00 16.08 ? 74  GLN A CA  1 
ATOM   562  C C   . GLN A 1 75  ? 0.965   -7.791  5.409   1.00 15.32 ? 74  GLN A C   1 
ATOM   563  O O   . GLN A 1 75  ? 0.035   -8.597  5.336   1.00 14.36 ? 74  GLN A O   1 
ATOM   564  C CB  . GLN A 1 75  ? 3.140   -9.040  5.658   1.00 17.00 ? 74  GLN A CB  1 
ATOM   565  C CG  . GLN A 1 75  ? 3.268   -8.913  4.138   1.00 20.09 ? 74  GLN A CG  1 
ATOM   566  C CD  . GLN A 1 75  ? 4.111   -7.746  3.667   1.00 26.07 ? 74  GLN A CD  1 
ATOM   567  O OE1 . GLN A 1 75  ? 3.779   -7.111  2.653   1.00 27.30 ? 74  GLN A OE1 1 
ATOM   568  N NE2 . GLN A 1 75  ? 5.230   -7.471  4.367   1.00 27.51 ? 74  GLN A NE2 1 
ATOM   569  N N   . PHE A 1 76  ? 1.009   -6.666  4.698   1.00 15.24 ? 75  PHE A N   1 
ATOM   570  C CA  . PHE A 1 76  ? -0.034  -6.294  3.740   1.00 14.29 ? 75  PHE A CA  1 
ATOM   571  C C   . PHE A 1 76  ? 0.657   -5.784  2.489   1.00 14.29 ? 75  PHE A C   1 
ATOM   572  O O   . PHE A 1 76  ? 1.410   -4.824  2.566   1.00 12.61 ? 75  PHE A O   1 
ATOM   573  C CB  . PHE A 1 76  ? -0.923  -5.195  4.343   1.00 14.29 ? 75  PHE A CB  1 
ATOM   574  C CG  . PHE A 1 76  ? -2.144  -4.862  3.531   1.00 13.80 ? 75  PHE A CG  1 
ATOM   575  C CD1 . PHE A 1 76  ? -2.904  -5.878  2.907   1.00 14.41 ? 75  PHE A CD1 1 
ATOM   576  C CD2 . PHE A 1 76  ? -2.597  -3.532  3.455   1.00 13.29 ? 75  PHE A CD2 1 
ATOM   577  C CE1 . PHE A 1 76  ? -4.067  -5.561  2.181   1.00 13.07 ? 75  PHE A CE1 1 
ATOM   578  C CE2 . PHE A 1 76  ? -3.747  -3.207  2.712   1.00 13.62 ? 75  PHE A CE2 1 
ATOM   579  C CZ  . PHE A 1 76  ? -4.493  -4.249  2.092   1.00 12.85 ? 75  PHE A CZ  1 
ATOM   580  N N   . SER A 1 77  ? 0.441   -6.471  1.369   1.00 14.27 ? 76  SER A N   1 
ATOM   581  C CA  . SER A 1 77  ? 1.108   -6.111  0.105   1.00 15.24 ? 76  SER A CA  1 
ATOM   582  C C   . SER A 1 77  ? 0.169   -5.467  -0.891  1.00 14.80 ? 76  SER A C   1 
ATOM   583  O O   . SER A 1 77  ? -1.000  -5.876  -1.020  1.00 14.20 ? 76  SER A O   1 
ATOM   584  C CB  . SER A 1 77  ? 1.700   -7.347  -0.547  1.00 16.48 ? 76  SER A CB  1 
ATOM   585  O OG  . SER A 1 77  ? 2.758   -7.842  0.231   1.00 19.19 ? 76  SER A OG  1 
ATOM   586  N N   . LEU A 1 78  ? 0.722   -4.498  -1.618  1.00 14.43 ? 77  LEU A N   1 
ATOM   587  C CA  . LEU A 1 78  ? 0.046   -3.844  -2.733  1.00 14.65 ? 77  LEU A CA  1 
ATOM   588  C C   . LEU A 1 78  ? 0.716   -4.289  -4.031  1.00 15.10 ? 77  LEU A C   1 
ATOM   589  O O   . LEU A 1 78  ? 1.949   -4.224  -4.165  1.00 14.62 ? 77  LEU A O   1 
ATOM   590  C CB  . LEU A 1 78  ? 0.144   -2.311  -2.590  1.00 13.93 ? 77  LEU A CB  1 
ATOM   591  C CG  . LEU A 1 78  ? -0.620  -1.447  -3.610  1.00 13.43 ? 77  LEU A CG  1 
ATOM   592  C CD1 . LEU A 1 78  ? -2.136  -1.561  -3.396  1.00 12.35 ? 77  LEU A CD1 1 
ATOM   593  C CD2 . LEU A 1 78  ? -0.157  0.018   -3.488  1.00 13.45 ? 77  LEU A CD2 1 
ATOM   594  N N   . ILE A 1 79  ? -0.096  -4.723  -4.985  1.00 15.27 ? 78  ILE A N   1 
ATOM   595  C CA  . ILE A 1 79  ? 0.407   -5.255  -6.262  1.00 16.48 ? 78  ILE A CA  1 
ATOM   596  C C   . ILE A 1 79  ? -0.145  -4.450  -7.425  1.00 16.56 ? 78  ILE A C   1 
ATOM   597  O O   . ILE A 1 79  ? -1.369  -4.323  -7.585  1.00 16.80 ? 78  ILE A O   1 
ATOM   598  C CB  . ILE A 1 79  ? 0.038   -6.751  -6.434  1.00 17.61 ? 78  ILE A CB  1 
ATOM   599  C CG1 . ILE A 1 79  ? 0.499   -7.554  -5.210  1.00 17.87 ? 78  ILE A CG1 1 
ATOM   600  C CG2 . ILE A 1 79  ? 0.702   -7.339  -7.684  1.00 19.22 ? 78  ILE A CG2 1 
ATOM   601  C CD1 . ILE A 1 79  ? -0.433  -8.670  -4.844  1.00 23.84 ? 78  ILE A CD1 1 
ATOM   602  N N   . LEU A 1 80  ? 0.769   -3.890  -8.216  1.00 16.95 ? 79  LEU A N   1 
ATOM   603  C CA  . LEU A 1 80  ? 0.470   -3.283  -9.525  1.00 17.17 ? 79  LEU A CA  1 
ATOM   604  C C   . LEU A 1 80  ? 0.792   -4.373  -10.540 1.00 18.35 ? 79  LEU A C   1 
ATOM   605  O O   . LEU A 1 80  ? 1.974   -4.674  -10.777 1.00 17.59 ? 79  LEU A O   1 
ATOM   606  C CB  . LEU A 1 80  ? 1.378   -2.065  -9.728  1.00 16.59 ? 79  LEU A CB  1 
ATOM   607  C CG  . LEU A 1 80  ? 1.164   -0.784  -8.904  1.00 16.70 ? 79  LEU A CG  1 
ATOM   608  C CD1 . LEU A 1 80  ? 1.373   -0.997  -7.409  1.00 16.97 ? 79  LEU A CD1 1 
ATOM   609  C CD2 . LEU A 1 80  ? 2.142   0.275   -9.403  1.00 15.80 ? 79  LEU A CD2 1 
ATOM   610  N N   . VAL A 1 81  ? -0.249  -5.038  -11.068 1.00 20.19 ? 80  VAL A N   1 
ATOM   611  C CA  . VAL A 1 81  ? -0.056  -6.189  -11.949 1.00 21.60 ? 80  VAL A CA  1 
ATOM   612  C C   . VAL A 1 81  ? 0.741   -5.821  -13.186 1.00 21.28 ? 80  VAL A C   1 
ATOM   613  O O   . VAL A 1 81  ? 1.624   -6.576  -13.600 1.00 22.09 ? 80  VAL A O   1 
ATOM   614  C CB  . VAL A 1 81  ? -1.411  -6.927  -12.347 1.00 22.43 ? 80  VAL A CB  1 
ATOM   615  C CG1 . VAL A 1 81  ? -2.307  -6.047  -13.212 1.00 23.87 ? 80  VAL A CG1 1 
ATOM   616  C CG2 . VAL A 1 81  ? -1.121  -8.255  -13.052 1.00 24.48 ? 80  VAL A CG2 1 
ATOM   617  N N   . SER A 1 82  ? 0.447   -4.648  -13.751 1.00 20.73 ? 81  SER A N   1 
ATOM   618  C CA  . SER A 1 82  ? 1.136   -4.188  -14.952 1.00 19.82 ? 81  SER A CA  1 
ATOM   619  C C   . SER A 1 82  ? 1.305   -2.675  -14.821 1.00 19.52 ? 81  SER A C   1 
ATOM   620  O O   . SER A 1 82  ? 0.381   -1.915  -15.136 1.00 18.61 ? 81  SER A O   1 
ATOM   621  C CB  . SER A 1 82  ? 0.325   -4.572  -16.207 1.00 20.80 ? 81  SER A CB  1 
ATOM   622  O OG  . SER A 1 82  ? 0.996   -4.189  -17.393 1.00 22.81 ? 81  SER A OG  1 
ATOM   623  N N   . ALA A 1 83  ? 2.475   -2.249  -14.318 1.00 19.01 ? 82  ALA A N   1 
ATOM   624  C CA  . ALA A 1 83  ? 2.746   -0.826  -14.031 1.00 19.29 ? 82  ALA A CA  1 
ATOM   625  C C   . ALA A 1 83  ? 2.383   0.096   -15.195 1.00 19.87 ? 82  ALA A C   1 
ATOM   626  O O   . ALA A 1 83  ? 2.696   -0.225  -16.332 1.00 19.53 ? 82  ALA A O   1 
ATOM   627  C CB  . ALA A 1 83  ? 4.216   -0.620  -13.672 1.00 19.41 ? 82  ALA A CB  1 
ATOM   628  N N   . THR A 1 84  ? 1.715   1.217   -14.908 1.00 20.22 ? 83  THR A N   1 
ATOM   629  C CA  . THR A 1 84  ? 1.497   2.272   -15.923 1.00 20.98 ? 83  THR A CA  1 
ATOM   630  C C   . THR A 1 84  ? 1.970   3.646   -15.431 1.00 20.75 ? 83  THR A C   1 
ATOM   631  O O   . THR A 1 84  ? 1.991   3.905   -14.228 1.00 19.50 ? 83  THR A O   1 
ATOM   632  C CB  . THR A 1 84  ? 0.013   2.343   -16.439 1.00 21.63 ? 83  THR A CB  1 
ATOM   633  O OG1 . THR A 1 84  ? -0.867  2.694   -15.360 1.00 23.32 ? 83  THR A OG1 1 
ATOM   634  C CG2 . THR A 1 84  ? -0.428  1.008   -17.046 1.00 24.11 ? 83  THR A CG2 1 
ATOM   635  N N   . PRO A 1 85  ? 2.403   4.528   -16.356 1.00 20.99 ? 84  PRO A N   1 
ATOM   636  C CA  . PRO A 1 85  ? 2.840   5.872   -15.940 1.00 20.86 ? 84  PRO A CA  1 
ATOM   637  C C   . PRO A 1 85  ? 1.892   6.564   -14.958 1.00 20.69 ? 84  PRO A C   1 
ATOM   638  O O   . PRO A 1 85  ? 2.364   7.242   -14.059 1.00 20.54 ? 84  PRO A O   1 
ATOM   639  C CB  . PRO A 1 85  ? 2.920   6.629   -17.273 1.00 21.28 ? 84  PRO A CB  1 
ATOM   640  C CG  . PRO A 1 85  ? 3.414   5.561   -18.208 1.00 20.45 ? 84  PRO A CG  1 
ATOM   641  C CD  . PRO A 1 85  ? 2.571   4.347   -17.813 1.00 21.43 ? 84  PRO A CD  1 
ATOM   642  N N   . SER A 1 86  ? 0.574   6.366   -15.101 1.00 20.35 ? 85  SER A N   1 
ATOM   643  C CA  . SER A 1 86  ? -0.400  7.073   -14.261 1.00 21.01 ? 85  SER A CA  1 
ATOM   644  C C   . SER A 1 86  ? -0.318  6.601   -12.807 1.00 20.17 ? 85  SER A C   1 
ATOM   645  O O   . SER A 1 86  ? -0.866  7.243   -11.909 1.00 20.02 ? 85  SER A O   1 
ATOM   646  C CB  . SER A 1 86  ? -1.834  6.870   -14.782 1.00 21.10 ? 85  SER A CB  1 
ATOM   647  O OG  . SER A 1 86  ? -2.309  5.578   -14.418 1.00 25.51 ? 85  SER A OG  1 
ATOM   648  N N   . GLN A 1 87  ? 0.366   5.477   -12.591 1.00 18.87 ? 86  GLN A N   1 
ATOM   649  C CA  . GLN A 1 87  ? 0.555   4.950   -11.249 1.00 17.81 ? 86  GLN A CA  1 
ATOM   650  C C   . GLN A 1 87  ? 1.779   5.517   -10.520 1.00 16.83 ? 86  GLN A C   1 
ATOM   651  O O   . GLN A 1 87  ? 1.970   5.221   -9.325  1.00 16.11 ? 86  GLN A O   1 
ATOM   652  C CB  . GLN A 1 87  ? 0.614   3.422   -11.294 1.00 17.77 ? 86  GLN A CB  1 
ATOM   653  C CG  . GLN A 1 87  ? -0.699  2.813   -11.744 1.00 18.99 ? 86  GLN A CG  1 
ATOM   654  C CD  . GLN A 1 87  ? -0.700  1.297   -11.748 1.00 19.44 ? 86  GLN A CD  1 
ATOM   655  O OE1 . GLN A 1 87  ? 0.167   0.649   -12.354 1.00 21.29 ? 86  GLN A OE1 1 
ATOM   656  N NE2 . GLN A 1 87  ? -1.662  0.723   -11.057 1.00 19.73 ? 86  GLN A NE2 1 
ATOM   657  N N   . SER A 1 88  ? 2.601   6.314   -11.209 1.00 16.30 ? 87  SER A N   1 
ATOM   658  C CA  . SER A 1 88  ? 3.680   7.060   -10.514 1.00 16.16 ? 87  SER A CA  1 
ATOM   659  C C   . SER A 1 88  ? 3.074   7.941   -9.409  1.00 16.47 ? 87  SER A C   1 
ATOM   660  O O   . SER A 1 88  ? 2.148   8.752   -9.666  1.00 17.33 ? 87  SER A O   1 
ATOM   661  C CB  . SER A 1 88  ? 4.519   7.914   -11.494 1.00 15.31 ? 87  SER A CB  1 
ATOM   662  O OG  . SER A 1 88  ? 4.923   7.154   -12.625 1.00 17.19 ? 87  SER A OG  1 
ATOM   663  N N   . SER A 1 89  ? 3.557   7.787   -8.174  1.00 15.27 ? 88  SER A N   1 
ATOM   664  C CA  . SER A 1 89  ? 2.981   8.450   -7.026  1.00 15.13 ? 88  SER A CA  1 
ATOM   665  C C   . SER A 1 89  ? 3.821   8.191   -5.765  1.00 15.19 ? 88  SER A C   1 
ATOM   666  O O   . SER A 1 89  ? 4.916   7.624   -5.865  1.00 14.66 ? 88  SER A O   1 
ATOM   667  C CB  . SER A 1 89  ? 1.536   7.962   -6.788  1.00 15.85 ? 88  SER A CB  1 
ATOM   668  O OG  . SER A 1 89  ? 0.863   8.874   -5.938  1.00 15.71 ? 88  SER A OG  1 
ATOM   669  N N   . VAL A 1 90  ? 3.321   8.622   -4.606  1.00 14.82 ? 89  VAL A N   1 
ATOM   670  C CA  . VAL A 1 90  ? 3.902   8.206   -3.330  1.00 15.05 ? 89  VAL A CA  1 
ATOM   671  C C   . VAL A 1 90  ? 2.860   7.383   -2.596  1.00 15.24 ? 89  VAL A C   1 
ATOM   672  O O   . VAL A 1 90  ? 1.748   7.862   -2.346  1.00 16.31 ? 89  VAL A O   1 
ATOM   673  C CB  . VAL A 1 90  ? 4.355   9.370   -2.436  1.00 15.07 ? 89  VAL A CB  1 
ATOM   674  C CG1 . VAL A 1 90  ? 5.098   8.831   -1.207  1.00 14.37 ? 89  VAL A CG1 1 
ATOM   675  C CG2 . VAL A 1 90  ? 5.295   10.335  -3.214  1.00 13.57 ? 89  VAL A CG2 1 
ATOM   676  N N   . TYR A 1 91  ? 3.237   6.170   -2.223  1.00 14.51 ? 90  TYR A N   1 
ATOM   677  C CA  . TYR A 1 91  ? 2.276   5.236   -1.657  1.00 14.39 ? 90  TYR A CA  1 
ATOM   678  C C   . TYR A 1 91  ? 2.599   5.107   -0.175  1.00 14.04 ? 90  TYR A C   1 
ATOM   679  O O   . TYR A 1 91  ? 3.768   4.934   0.180   1.00 14.55 ? 90  TYR A O   1 
ATOM   680  C CB  . TYR A 1 91  ? 2.429   3.892   -2.342  1.00 14.81 ? 90  TYR A CB  1 
ATOM   681  C CG  . TYR A 1 91  ? 1.962   3.913   -3.783  1.00 14.85 ? 90  TYR A CG  1 
ATOM   682  C CD1 . TYR A 1 91  ? 2.800   4.382   -4.819  1.00 15.07 ? 90  TYR A CD1 1 
ATOM   683  C CD2 . TYR A 1 91  ? 0.669   3.504   -4.103  1.00 14.58 ? 90  TYR A CD2 1 
ATOM   684  C CE1 . TYR A 1 91  ? 2.341   4.408   -6.142  1.00 13.89 ? 90  TYR A CE1 1 
ATOM   685  C CE2 . TYR A 1 91  ? 0.209   3.528   -5.409  1.00 11.88 ? 90  TYR A CE2 1 
ATOM   686  C CZ  . TYR A 1 91  ? 1.031   3.985   -6.417  1.00 14.30 ? 90  TYR A CZ  1 
ATOM   687  O OH  . TYR A 1 91  ? 0.523   3.981   -7.697  1.00 16.45 ? 90  TYR A OH  1 
ATOM   688  N N   . PHE A 1 92  ? 1.567   5.154   0.663   1.00 13.35 ? 91  PHE A N   1 
ATOM   689  C CA  . PHE A 1 92  ? 1.725   5.071   2.114   1.00 12.89 ? 91  PHE A CA  1 
ATOM   690  C C   . PHE A 1 92  ? 0.884   3.932   2.639   1.00 13.17 ? 91  PHE A C   1 
ATOM   691  O O   . PHE A 1 92  ? -0.311  3.848   2.322   1.00 12.72 ? 91  PHE A O   1 
ATOM   692  C CB  . PHE A 1 92  ? 1.233   6.362   2.771   1.00 12.53 ? 91  PHE A CB  1 
ATOM   693  C CG  . PHE A 1 92  ? 2.175   7.493   2.650   1.00 12.93 ? 91  PHE A CG  1 
ATOM   694  C CD1 . PHE A 1 92  ? 3.194   7.680   3.596   1.00 15.39 ? 91  PHE A CD1 1 
ATOM   695  C CD2 . PHE A 1 92  ? 2.039   8.395   1.588   1.00 14.38 ? 91  PHE A CD2 1 
ATOM   696  C CE1 . PHE A 1 92  ? 4.122   8.734   3.459   1.00 17.06 ? 91  PHE A CE1 1 
ATOM   697  C CE2 . PHE A 1 92  ? 2.929   9.468   1.457   1.00 18.99 ? 91  PHE A CE2 1 
ATOM   698  C CZ  . PHE A 1 92  ? 3.987   9.628   2.385   1.00 15.29 ? 91  PHE A CZ  1 
ATOM   699  N N   . CYS A 1 93  ? 1.478   3.090   3.478   1.00 12.26 ? 92  CYS A N   1 
ATOM   700  C CA  . CYS A 1 93  ? 0.662   2.100   4.157   1.00 13.68 ? 92  CYS A CA  1 
ATOM   701  C C   . CYS A 1 93  ? 0.474   2.513   5.620   1.00 13.09 ? 92  CYS A C   1 
ATOM   702  O O   . CYS A 1 93  ? 1.119   3.460   6.102   1.00 11.87 ? 92  CYS A O   1 
ATOM   703  C CB  . CYS A 1 93  ? 1.246   0.704   4.013   1.00 14.66 ? 92  CYS A CB  1 
ATOM   704  S SG  . CYS A 1 93  ? 2.622   0.423   5.070   1.00 20.35 ? 92  CYS A SG  1 
ATOM   705  N N   . ALA A 1 94  ? -0.499  1.884   6.270   1.00 12.45 ? 93  ALA A N   1 
ATOM   706  C CA  . ALA A 1 94  ? -0.802  2.143   7.664   1.00 13.18 ? 93  ALA A CA  1 
ATOM   707  C C   . ALA A 1 94  ? -1.315  0.855   8.277   1.00 13.10 ? 93  ALA A C   1 
ATOM   708  O O   . ALA A 1 94  ? -1.879  -0.014  7.574   1.00 14.32 ? 93  ALA A O   1 
ATOM   709  C CB  . ALA A 1 94  ? -1.812  3.240   7.808   1.00 12.15 ? 93  ALA A CB  1 
ATOM   710  N N   . SER A 1 95  ? -1.053  0.711   9.564   1.00 12.88 ? 94  SER A N   1 
ATOM   711  C CA  . SER A 1 95  ? -1.759  -0.278  10.382  1.00 13.14 ? 94  SER A CA  1 
ATOM   712  C C   . SER A 1 95  ? -2.708  0.454   11.326  1.00 13.85 ? 94  SER A C   1 
ATOM   713  O O   . SER A 1 95  ? -2.583  1.668   11.570  1.00 13.61 ? 94  SER A O   1 
ATOM   714  C CB  . SER A 1 95  ? -0.777  -1.130  11.182  1.00 13.12 ? 94  SER A CB  1 
ATOM   715  O OG  . SER A 1 95  ? -0.240  -0.356  12.233  1.00 13.24 ? 94  SER A OG  1 
ATOM   716  N N   . GLY A 1 96  ? -3.648  -0.286  11.906  1.00 13.20 ? 95  GLY A N   1 
ATOM   717  C CA  . GLY A 1 96  ? -4.629  0.348   12.751  1.00 13.51 ? 95  GLY A CA  1 
ATOM   718  C C   . GLY A 1 96  ? -5.690  -0.586  13.304  1.00 13.59 ? 95  GLY A C   1 
ATOM   719  O O   . GLY A 1 96  ? -5.750  -1.766  12.963  1.00 13.68 ? 95  GLY A O   1 
ATOM   720  N N   . VAL A 1 97  ? -6.517  -0.026  14.170  1.00 13.09 ? 96  VAL A N   1 
ATOM   721  C CA  . VAL A 1 97  ? -7.651  -0.738  14.780  1.00 14.47 ? 96  VAL A CA  1 
ATOM   722  C C   . VAL A 1 97  ? -8.583  0.370   15.242  1.00 13.04 ? 96  VAL A C   1 
ATOM   723  O O   . VAL A 1 97  ? -8.116  1.436   15.679  1.00 11.95 ? 96  VAL A O   1 
ATOM   724  C CB  . VAL A 1 97  ? -7.196  -1.641  15.975  1.00 14.46 ? 96  VAL A CB  1 
ATOM   725  C CG1 . VAL A 1 97  ? -6.479  -0.823  17.053  1.00 17.23 ? 96  VAL A CG1 1 
ATOM   726  C CG2 . VAL A 1 97  ? -8.374  -2.426  16.570  1.00 18.47 ? 96  VAL A CG2 1 
ATOM   727  N N   . GLY A 1 98  ? -9.896  0.143   15.149  1.00 14.08 ? 97  GLY A N   1 
ATOM   728  C CA  . GLY A 1 98  ? -10.835 1.222   15.371  1.00 14.12 ? 97  GLY A CA  1 
ATOM   729  C C   . GLY A 1 98  ? -10.458 2.372   14.440  1.00 14.27 ? 97  GLY A C   1 
ATOM   730  O O   . GLY A 1 98  ? -10.123 2.147   13.266  1.00 14.87 ? 97  GLY A O   1 
ATOM   731  N N   . GLY A 1 99  ? -10.470 3.597   14.965  1.00 14.67 ? 98  GLY A N   1 
ATOM   732  C CA  . GLY A 1 99  ? -10.070 4.784   14.182  1.00 14.25 ? 98  GLY A CA  1 
ATOM   733  C C   . GLY A 1 99  ? -8.568  5.098   14.232  1.00 14.13 ? 98  GLY A C   1 
ATOM   734  O O   . GLY A 1 99  ? -8.105  6.095   13.673  1.00 13.86 ? 98  GLY A O   1 
ATOM   735  N N   . THR A 1 100 ? -7.795  4.252   14.903  1.00 12.22 ? 99  THR A N   1 
ATOM   736  C CA  . THR A 1 100 ? -6.353  4.493   15.039  1.00 12.41 ? 99  THR A CA  1 
ATOM   737  C C   . THR A 1 100 ? -5.614  4.212   13.707  1.00 12.63 ? 99  THR A C   1 
ATOM   738  O O   . THR A 1 100 ? -5.897  3.234   13.016  1.00 12.78 ? 99  THR A O   1 
ATOM   739  C CB  . THR A 1 100 ? -5.769  3.659   16.197  1.00 12.27 ? 99  THR A CB  1 
ATOM   740  O OG1 . THR A 1 100 ? -6.423  4.039   17.431  1.00 12.17 ? 99  THR A OG1 1 
ATOM   741  C CG2 . THR A 1 100 ? -4.188  3.767   16.299  1.00 12.12 ? 99  THR A CG2 1 
ATOM   742  N N   . LEU A 1 101 ? -4.665  5.078   13.373  1.00 12.00 ? 100 LEU A N   1 
ATOM   743  C CA  . LEU A 1 101 ? -3.834  4.907   12.177  1.00 11.76 ? 100 LEU A CA  1 
ATOM   744  C C   . LEU A 1 101 ? -2.378  5.142   12.496  1.00 12.45 ? 100 LEU A C   1 
ATOM   745  O O   . LEU A 1 101 ? -2.013  6.188   13.050  1.00 12.55 ? 100 LEU A O   1 
ATOM   746  C CB  . LEU A 1 101 ? -4.278  5.913   11.111  1.00 12.60 ? 100 LEU A CB  1 
ATOM   747  C CG  . LEU A 1 101 ? -5.669  5.638   10.519  1.00 14.25 ? 100 LEU A CG  1 
ATOM   748  C CD1 . LEU A 1 101 ? -5.994  6.790   9.579   1.00 14.82 ? 100 LEU A CD1 1 
ATOM   749  C CD2 . LEU A 1 101 ? -5.615  4.330   9.757   1.00 17.86 ? 100 LEU A CD2 1 
ATOM   750  N N   . TYR A 1 102 ? -1.550  4.168   12.138  1.00 11.75 ? 101 TYR A N   1 
ATOM   751  C CA  . TYR A 1 102 ? -0.112  4.270   12.306  1.00 13.67 ? 101 TYR A CA  1 
ATOM   752  C C   . TYR A 1 102 ? 0.541   4.093   10.939  1.00 12.77 ? 101 TYR A C   1 
ATOM   753  O O   . TYR A 1 102 ? 0.455   3.040   10.316  1.00 13.23 ? 101 TYR A O   1 
ATOM   754  C CB  . TYR A 1 102 ? 0.404   3.171   13.241  1.00 13.27 ? 101 TYR A CB  1 
ATOM   755  C CG  . TYR A 1 102 ? 1.860   3.381   13.672  1.00 15.81 ? 101 TYR A CG  1 
ATOM   756  C CD1 . TYR A 1 102 ? 2.900   3.461   12.727  1.00 13.84 ? 101 TYR A CD1 1 
ATOM   757  C CD2 . TYR A 1 102 ? 2.185   3.516   15.021  1.00 15.86 ? 101 TYR A CD2 1 
ATOM   758  C CE1 . TYR A 1 102 ? 4.248   3.657   13.130  1.00 17.33 ? 101 TYR A CE1 1 
ATOM   759  C CE2 . TYR A 1 102 ? 3.530   3.706   15.434  1.00 18.30 ? 101 TYR A CE2 1 
ATOM   760  C CZ  . TYR A 1 102 ? 4.544   3.776   14.488  1.00 17.49 ? 101 TYR A CZ  1 
ATOM   761  O OH  . TYR A 1 102 ? 5.852   3.957   14.906  1.00 18.56 ? 101 TYR A OH  1 
ATOM   762  N N   . PHE A 1 103 ? 1.061   5.394   10.248  1.00 13.34 ? 108 PHE A N   1 
ATOM   763  C CA  . PHE A 1 103 ? 1.511   5.309   8.883   1.00 13.80 ? 108 PHE A CA  1 
ATOM   764  C C   . PHE A 1 103 ? 2.953   4.866   8.783   1.00 13.58 ? 108 PHE A C   1 
ATOM   765  O O   . PHE A 1 103 ? 3.769   5.119   9.688   1.00 14.49 ? 108 PHE A O   1 
ATOM   766  C CB  . PHE A 1 103 ? 1.321   6.679   8.218   1.00 14.33 ? 108 PHE A CB  1 
ATOM   767  C CG  . PHE A 1 103 ? -0.113  6.997   7.926   1.00 13.92 ? 108 PHE A CG  1 
ATOM   768  C CD1 . PHE A 1 103 ? -0.922  7.612   8.896   1.00 14.24 ? 108 PHE A CD1 1 
ATOM   769  C CD2 . PHE A 1 103 ? -0.658  6.684   6.682   1.00 11.50 ? 108 PHE A CD2 1 
ATOM   770  C CE1 . PHE A 1 103 ? -2.278  7.920   8.631   1.00 14.60 ? 108 PHE A CE1 1 
ATOM   771  C CE2 . PHE A 1 103 ? -2.007  6.994   6.396   1.00 11.53 ? 108 PHE A CE2 1 
ATOM   772  C CZ  . PHE A 1 103 ? -2.805  7.609   7.364   1.00 13.45 ? 108 PHE A CZ  1 
ATOM   773  N N   . GLY A 1 104 ? 3.251   4.212   7.664   1.00 13.95 ? 109 GLY A N   1 
ATOM   774  C CA  . GLY A 1 104 ? 4.599   4.049   7.152   1.00 13.22 ? 109 GLY A CA  1 
ATOM   775  C C   . GLY A 1 104 ? 5.173   5.360   6.605   1.00 14.53 ? 109 GLY A C   1 
ATOM   776  O O   . GLY A 1 104 ? 4.471   6.388   6.489   1.00 13.02 ? 109 GLY A O   1 
ATOM   777  N N   . ALA A 1 105 ? 6.462   5.299   6.265   1.00 14.61 ? 110 ALA A N   1 
ATOM   778  C CA  . ALA A 1 105 ? 7.239   6.469   5.844   1.00 15.94 ? 110 ALA A CA  1 
ATOM   779  C C   . ALA A 1 105 ? 7.024   6.795   4.360   1.00 15.73 ? 110 ALA A C   1 
ATOM   780  O O   . ALA A 1 105 ? 7.483   7.840   3.849   1.00 15.59 ? 110 ALA A O   1 
ATOM   781  C CB  . ALA A 1 105 ? 8.705   6.208   6.103   1.00 16.87 ? 110 ALA A CB  1 
ATOM   782  N N   . GLY A 1 106 ? 6.347   5.902   3.647   1.00 15.09 ? 111 GLY A N   1 
ATOM   783  C CA  . GLY A 1 106 ? 6.079   6.169   2.230   1.00 15.93 ? 111 GLY A CA  1 
ATOM   784  C C   . GLY A 1 106 ? 7.043   5.493   1.259   1.00 15.76 ? 111 GLY A C   1 
ATOM   785  O O   . GLY A 1 106 ? 8.184   5.150   1.621   1.00 16.10 ? 111 GLY A O   1 
ATOM   786  N N   . THR A 1 107 ? 6.563   5.304   0.026   1.00 15.76 ? 112 THR A N   1 
ATOM   787  C CA  . THR A 1 107 ? 7.316   4.707   -1.068  1.00 16.30 ? 112 THR A CA  1 
ATOM   788  C C   . THR A 1 107 ? 7.132   5.580   -2.325  1.00 16.76 ? 112 THR A C   1 
ATOM   789  O O   . THR A 1 107 ? 6.020   5.699   -2.834  1.00 16.73 ? 112 THR A O   1 
ATOM   790  C CB  . THR A 1 107 ? 6.832   3.247   -1.349  1.00 16.84 ? 112 THR A CB  1 
ATOM   791  O OG1 . THR A 1 107 ? 7.216   2.400   -0.258  1.00 16.91 ? 112 THR A OG1 1 
ATOM   792  C CG2 . THR A 1 107 ? 7.435   2.685   -2.668  1.00 15.95 ? 112 THR A CG2 1 
ATOM   793  N N   . ARG A 1 108 ? 8.215   6.190   -2.805  1.00 17.13 ? 113 ARG A N   1 
ATOM   794  C CA  . ARG A 1 108 ? 8.170   6.933   -4.067  1.00 17.66 ? 113 ARG A CA  1 
ATOM   795  C C   . ARG A 1 108 ? 8.206   5.934   -5.212  1.00 17.41 ? 113 ARG A C   1 
ATOM   796  O O   . ARG A 1 108 ? 9.082   5.036   -5.248  1.00 17.20 ? 113 ARG A O   1 
ATOM   797  C CB  . ARG A 1 108 ? 9.354   7.866   -4.200  1.00 17.41 ? 113 ARG A CB  1 
ATOM   798  C CG  . ARG A 1 108 ? 9.332   9.025   -3.263  1.00 19.40 ? 113 ARG A CG  1 
ATOM   799  C CD  . ARG A 1 108 ? 10.649  9.743   -3.354  1.00 16.80 ? 113 ARG A CD  1 
ATOM   800  N NE  . ARG A 1 108 ? 10.567  11.029  -2.688  1.00 19.99 ? 113 ARG A NE  1 
ATOM   801  C CZ  . ARG A 1 108 ? 11.475  11.996  -2.826  1.00 22.08 ? 113 ARG A CZ  1 
ATOM   802  N NH1 . ARG A 1 108 ? 12.543  11.807  -3.589  1.00 22.23 ? 113 ARG A NH1 1 
ATOM   803  N NH2 . ARG A 1 108 ? 11.332  13.137  -2.170  1.00 23.40 ? 113 ARG A NH2 1 
ATOM   804  N N   . LEU A 1 109 ? 7.243   6.046   -6.130  1.00 16.12 ? 114 LEU A N   1 
ATOM   805  C CA  . LEU A 1 109 ? 7.203   5.144   -7.275  1.00 16.68 ? 114 LEU A CA  1 
ATOM   806  C C   . LEU A 1 109 ? 7.191   5.935   -8.574  1.00 16.87 ? 114 LEU A C   1 
ATOM   807  O O   . LEU A 1 109 ? 6.285   6.765   -8.792  1.00 15.63 ? 114 LEU A O   1 
ATOM   808  C CB  . LEU A 1 109 ? 5.984   4.205   -7.228  1.00 16.49 ? 114 LEU A CB  1 
ATOM   809  C CG  . LEU A 1 109 ? 5.767   3.423   -8.556  1.00 16.97 ? 114 LEU A CG  1 
ATOM   810  C CD1 . LEU A 1 109 ? 6.799   2.288   -8.734  1.00 19.88 ? 114 LEU A CD1 1 
ATOM   811  C CD2 . LEU A 1 109 ? 4.355   2.839   -8.662  1.00 19.25 ? 114 LEU A CD2 1 
ATOM   812  N N   . SER A 1 110 ? 8.200   5.675   -9.408  1.00 16.42 ? 115 SER A N   1 
ATOM   813  C CA  . SER A 1 110 ? 8.280   6.230   -10.765 1.00 17.24 ? 115 SER A CA  1 
ATOM   814  C C   . SER A 1 110 ? 8.154   5.135   -11.811 1.00 17.65 ? 115 SER A C   1 
ATOM   815  O O   . SER A 1 110 ? 8.971   4.194   -11.867 1.00 16.89 ? 115 SER A O   1 
ATOM   816  C CB  . SER A 1 110 ? 9.588   7.044   -10.933 1.00 17.59 ? 115 SER A CB  1 
ATOM   817  O OG  . SER A 1 110 ? 9.754   7.523   -12.257 1.00 17.75 ? 115 SER A OG  1 
ATOM   818  N N   . VAL A 1 111 ? 7.097   5.230   -12.629 1.00 18.21 ? 116 VAL A N   1 
ATOM   819  C CA  . VAL A 1 111 ? 6.887   4.309   -13.743 1.00 18.73 ? 116 VAL A CA  1 
ATOM   820  C C   . VAL A 1 111 ? 7.298   4.975   -15.081 1.00 19.66 ? 116 VAL A C   1 
ATOM   821  O O   . VAL A 1 111 ? 6.776   6.022   -15.450 1.00 19.77 ? 116 VAL A O   1 
ATOM   822  C CB  . VAL A 1 111 ? 5.429   3.765   -13.810 1.00 19.23 ? 116 VAL A CB  1 
ATOM   823  C CG1 . VAL A 1 111 ? 5.299   2.723   -14.881 1.00 19.20 ? 116 VAL A CG1 1 
ATOM   824  C CG2 . VAL A 1 111 ? 4.994   3.175   -12.422 1.00 17.53 ? 116 VAL A CG2 1 
ATOM   825  N N   . LEU A 1 112 ? 8.231   4.339   -15.779 1.00 20.75 ? 117 LEU A N   1 
ATOM   826  C CA  . LEU A 1 112 ? 8.827   4.905   -17.000 1.00 22.02 ? 117 LEU A CA  1 
ATOM   827  C C   . LEU A 1 112 ? 8.254   4.297   -18.267 1.00 23.14 ? 117 LEU A C   1 
ATOM   828  O O   . LEU A 1 112 ? 7.896   3.101   -18.342 1.00 23.29 ? 117 LEU A O   1 
ATOM   829  C CB  . LEU A 1 112 ? 10.348  4.729   -16.988 1.00 22.13 ? 117 LEU A CB  1 
ATOM   830  C CG  . LEU A 1 112 ? 11.104  5.335   -15.799 1.00 21.34 ? 117 LEU A CG  1 
ATOM   831  C CD1 . LEU A 1 112 ? 12.618  5.072   -15.986 1.00 25.58 ? 117 LEU A CD1 1 
ATOM   832  C CD2 . LEU A 1 112 ? 10.797  6.818   -15.582 1.00 20.95 ? 117 LEU A CD2 1 
ATOM   833  O OXT . LEU A 1 112 ? 8.151   5.039   -19.255 1.00 24.44 ? 117 LEU A OXT 1 
HETATM 834  C C1  . MLA B 2 .   ? -10.115 14.284  -2.848  1.00 21.77 ? 300 MLA A C1  1 
HETATM 835  O O1A . MLA B 2 .   ? -10.161 15.445  -2.448  1.00 22.74 ? 300 MLA A O1A 1 
HETATM 836  O O1B . MLA B 2 .   ? -9.082  13.864  -3.372  1.00 21.60 ? 300 MLA A O1B 1 
HETATM 837  C C2  . MLA B 2 .   ? -11.334 13.400  -2.688  1.00 21.13 ? 300 MLA A C2  1 
HETATM 838  C C3  . MLA B 2 .   ? -11.181 12.105  -3.462  1.00 20.69 ? 300 MLA A C3  1 
HETATM 839  O O3A . MLA B 2 .   ? -11.681 12.006  -4.598  1.00 17.20 ? 300 MLA A O3A 1 
HETATM 840  O O3B . MLA B 2 .   ? -10.558 11.150  -2.948  1.00 17.30 ? 300 MLA A O3B 1 
HETATM 841  C C1  . MLA C 2 .   ? -12.245 1.401   9.398   1.00 59.01 ? 301 MLA A C1  1 
HETATM 842  O O1A . MLA C 2 .   ? -13.421 1.768   9.450   1.00 60.12 ? 301 MLA A O1A 1 
HETATM 843  O O1B . MLA C 2 .   ? -11.532 1.558   10.388  1.00 58.64 ? 301 MLA A O1B 1 
HETATM 844  C C2  . MLA C 2 .   ? -11.683 0.767   8.123   1.00 58.27 ? 301 MLA A C2  1 
HETATM 845  C C3  . MLA C 2 .   ? -12.242 1.489   6.889   1.00 58.09 ? 301 MLA A C3  1 
HETATM 846  O O3A . MLA C 2 .   ? -13.408 1.322   6.542   1.00 58.01 ? 301 MLA A O3A 1 
HETATM 847  O O3B . MLA C 2 .   ? -11.536 2.253   6.232   1.00 58.73 ? 301 MLA A O3B 1 
HETATM 848  O O   . HOH D 3 .   ? -8.352  5.807   17.779  1.00 11.31 ? 302 HOH A O   1 
HETATM 849  O O   . HOH D 3 .   ? -10.436 -5.995  12.004  1.00 12.84 ? 303 HOH A O   1 
HETATM 850  O O   . HOH D 3 .   ? -3.061  -10.377 19.962  1.00 18.00 ? 304 HOH A O   1 
HETATM 851  O O   . HOH D 3 .   ? -3.799  11.338  -3.974  1.00 13.46 ? 305 HOH A O   1 
HETATM 852  O O   . HOH D 3 .   ? -10.556 -5.072  14.666  1.00 16.56 ? 306 HOH A O   1 
HETATM 853  O O   . HOH D 3 .   ? -5.155  -11.966 1.336   1.00 17.47 ? 307 HOH A O   1 
HETATM 854  O O   . HOH D 3 .   ? -7.875  1.953   11.761  1.00 21.93 ? 308 HOH A O   1 
HETATM 855  O O   . HOH D 3 .   ? -11.058 8.556   -3.268  1.00 19.31 ? 309 HOH A O   1 
HETATM 856  O O   . HOH D 3 .   ? -12.333 -2.436  11.886  1.00 13.82 ? 310 HOH A O   1 
HETATM 857  O O   . HOH D 3 .   ? 2.609   -6.776  14.235  1.00 14.65 ? 311 HOH A O   1 
HETATM 858  O O   . HOH D 3 .   ? -6.959  3.355   -8.978  1.00 14.92 ? 312 HOH A O   1 
HETATM 859  O O   . HOH D 3 .   ? 1.858   -9.286  15.475  1.00 13.82 ? 313 HOH A O   1 
HETATM 860  O O   . HOH D 3 .   ? -9.112  -5.947  -2.203  1.00 17.02 ? 314 HOH A O   1 
HETATM 861  O O   . HOH D 3 .   ? -9.341  7.216   11.736  1.00 18.67 ? 315 HOH A O   1 
HETATM 862  O O   . HOH D 3 .   ? -4.276  2.236   -11.399 1.00 17.34 ? 316 HOH A O   1 
HETATM 863  O O   . HOH D 3 .   ? -4.609  9.315   -6.111  1.00 17.73 ? 317 HOH A O   1 
HETATM 864  O O   . HOH D 3 .   ? -1.160  -2.338  -12.698 1.00 33.46 ? 318 HOH A O   1 
HETATM 865  O O   . HOH D 3 .   ? -7.742  -16.179 7.682   1.00 20.49 ? 319 HOH A O   1 
HETATM 866  O O   . HOH D 3 .   ? -6.996  -7.423  -4.266  1.00 22.01 ? 320 HOH A O   1 
HETATM 867  O O   . HOH D 3 .   ? -12.046 14.114  -6.171  1.00 23.40 ? 321 HOH A O   1 
HETATM 868  O O   . HOH D 3 .   ? -5.454  -4.952  16.903  1.00 19.73 ? 322 HOH A O   1 
HETATM 869  O O   . HOH D 3 .   ? -11.167 -2.245  14.287  1.00 18.57 ? 323 HOH A O   1 
HETATM 870  O O   . HOH D 3 .   ? -7.478  -9.153  12.439  1.00 17.76 ? 324 HOH A O   1 
HETATM 871  O O   . HOH D 3 .   ? -2.450  -11.146 16.477  1.00 21.93 ? 325 HOH A O   1 
HETATM 872  O O   . HOH D 3 .   ? -5.251  5.536   -9.287  1.00 22.46 ? 326 HOH A O   1 
HETATM 873  O O   . HOH D 3 .   ? -15.785 3.073   -2.114  1.00 37.61 ? 327 HOH A O   1 
HETATM 874  O O   . HOH D 3 .   ? -4.713  -7.670  17.251  1.00 27.68 ? 328 HOH A O   1 
HETATM 875  O O   . HOH D 3 .   ? 8.002   -2.854  10.975  1.00 32.90 ? 329 HOH A O   1 
HETATM 876  O O   . HOH D 3 .   ? -0.795  5.796   -17.619 1.00 27.95 ? 330 HOH A O   1 
HETATM 877  O O   . HOH D 3 .   ? 3.499   -10.084 -5.267  1.00 26.30 ? 331 HOH A O   1 
HETATM 878  O O   . HOH D 3 .   ? 10.294  -5.493  -0.820  1.00 30.27 ? 332 HOH A O   1 
HETATM 879  O O   . HOH D 3 .   ? -7.916  -3.611  -11.146 1.00 28.11 ? 333 HOH A O   1 
HETATM 880  O O   . HOH D 3 .   ? -16.000 -2.330  5.221   1.00 21.39 ? 334 HOH A O   1 
HETATM 881  O O   . HOH D 3 .   ? -10.966 -2.936  -8.881  1.00 29.56 ? 335 HOH A O   1 
HETATM 882  O O   . HOH D 3 .   ? 0.364   -1.798  19.208  1.00 28.14 ? 336 HOH A O   1 
HETATM 883  O O   . HOH D 3 .   ? 7.892   8.796   -13.700 1.00 22.46 ? 337 HOH A O   1 
HETATM 884  O O   . HOH D 3 .   ? 8.326   -3.940  4.458   1.00 26.52 ? 338 HOH A O   1 
HETATM 885  O O   . HOH D 3 .   ? -0.668  -14.449 10.609  1.00 22.48 ? 339 HOH A O   1 
HETATM 886  O O   . HOH D 3 .   ? 14.510  2.048   -1.934  1.00 28.82 ? 340 HOH A O   1 
HETATM 887  O O   . HOH D 3 .   ? 7.937   -5.992  -2.013  1.00 28.30 ? 341 HOH A O   1 
HETATM 888  O O   . HOH D 3 .   ? 13.153  -2.091  -9.849  1.00 31.09 ? 342 HOH A O   1 
HETATM 889  O O   . HOH D 3 .   ? -10.834 2.621   -8.912  1.00 20.01 ? 343 HOH A O   1 
HETATM 890  O O   . HOH D 3 .   ? 7.923   3.026   6.997   1.00 30.12 ? 344 HOH A O   1 
HETATM 891  O O   . HOH D 3 .   ? -15.814 5.620   0.650   1.00 34.22 ? 345 HOH A O   1 
HETATM 892  O O   . HOH D 3 .   ? -7.210  -10.452 15.186  1.00 29.83 ? 346 HOH A O   1 
HETATM 893  O O   . HOH D 3 .   ? 8.376   -5.419  -7.366  1.00 32.17 ? 347 HOH A O   1 
HETATM 894  O O   . HOH D 3 .   ? 7.489   -8.058  -13.954 1.00 29.79 ? 348 HOH A O   1 
HETATM 895  O O   . HOH D 3 .   ? -13.918 -5.546  -1.742  1.00 27.42 ? 349 HOH A O   1 
HETATM 896  O O   . HOH D 3 .   ? -3.684  5.198   -11.649 1.00 26.59 ? 350 HOH A O   1 
HETATM 897  O O   . HOH D 3 .   ? -8.935  -3.748  -7.711  1.00 27.17 ? 351 HOH A O   1 
HETATM 898  O O   . HOH D 3 .   ? -11.359 -9.657  -1.096  1.00 33.31 ? 352 HOH A O   1 
HETATM 899  O O   . HOH D 3 .   ? -13.391 2.421   0.989   1.00 41.01 ? 353 HOH A O   1 
HETATM 900  O O   . HOH D 3 .   ? 10.356  7.248   0.186   1.00 31.38 ? 354 HOH A O   1 
HETATM 901  O O   . HOH D 3 .   ? 6.494   3.939   10.377  1.00 32.46 ? 355 HOH A O   1 
HETATM 902  O O   . HOH D 3 .   ? 7.588   -4.475  -19.332 1.00 43.28 ? 356 HOH A O   1 
HETATM 903  O O   . HOH D 3 .   ? 1.227   7.816   11.929  1.00 19.25 ? 357 HOH A O   1 
HETATM 904  O O   . HOH D 3 .   ? -4.264  10.043  -9.675  1.00 16.93 ? 358 HOH A O   1 
HETATM 905  O O   . HOH D 3 .   ? -5.865  8.005   -8.439  1.00 18.11 ? 359 HOH A O   1 
HETATM 906  O O   . HOH D 3 .   ? 0.907   -13.385 14.715  1.00 25.77 ? 360 HOH A O   1 
HETATM 907  O O   . HOH D 3 .   ? -9.063  1.905   18.571  1.00 25.79 ? 361 HOH A O   1 
HETATM 908  O O   . HOH D 3 .   ? 5.059   -11.443 7.872   1.00 28.25 ? 362 HOH A O   1 
HETATM 909  O O   . HOH D 3 .   ? -11.291 -7.351  -2.935  1.00 27.13 ? 363 HOH A O   1 
HETATM 910  O O   . HOH D 3 .   ? 6.382   -7.750  11.120  1.00 27.14 ? 364 HOH A O   1 
HETATM 911  O O   . HOH D 3 .   ? -1.822  18.941  -7.651  1.00 28.90 ? 365 HOH A O   1 
HETATM 912  O O   . HOH D 3 .   ? 9.019   -3.824  -5.447  1.00 36.58 ? 366 HOH A O   1 
HETATM 913  O O   . HOH D 3 .   ? 3.040   13.023  -2.926  1.00 29.09 ? 367 HOH A O   1 
HETATM 914  O O   . HOH D 3 .   ? -13.578 4.280   -8.321  1.00 35.75 ? 368 HOH A O   1 
HETATM 915  O O   . HOH D 3 .   ? -7.508  -11.827 0.115   1.00 25.59 ? 369 HOH A O   1 
HETATM 916  O O   . HOH D 3 .   ? 9.130   -2.626  16.458  1.00 27.90 ? 370 HOH A O   1 
HETATM 917  O O   . HOH D 3 .   ? 1.340   -14.251 12.101  1.00 26.48 ? 371 HOH A O   1 
HETATM 918  O O   . HOH D 3 .   ? -7.572  16.965  -4.442  1.00 36.38 ? 372 HOH A O   1 
HETATM 919  O O   . HOH D 3 .   ? 6.307   -8.268  -7.842  1.00 35.05 ? 373 HOH A O   1 
HETATM 920  O O   . HOH D 3 .   ? -0.216  16.393  -1.028  1.00 38.16 ? 374 HOH A O   1 
HETATM 921  O O   . HOH D 3 .   ? 4.108   7.397   12.829  1.00 40.41 ? 375 HOH A O   1 
HETATM 922  O O   . HOH D 3 .   ? 4.386   4.031   -21.173 1.00 28.57 ? 376 HOH A O   1 
HETATM 923  O O   . HOH D 3 .   ? 1.103   -1.554  -18.231 1.00 32.84 ? 377 HOH A O   1 
HETATM 924  O O   . HOH D 3 .   ? -15.255 -1.037  9.781   1.00 27.43 ? 378 HOH A O   1 
HETATM 925  O O   . HOH D 3 .   ? 15.188  6.372   0.175   1.00 49.25 ? 379 HOH A O   1 
HETATM 926  O O   . HOH D 3 .   ? 0.878   -6.055  -19.226 1.00 40.40 ? 380 HOH A O   1 
HETATM 927  O O   . HOH D 3 .   ? 9.693   -3.157  -11.543 1.00 40.37 ? 381 HOH A O   1 
HETATM 928  O O   . HOH D 3 .   ? 9.667   2.030   5.686   1.00 28.64 ? 382 HOH A O   1 
HETATM 929  O O   . HOH D 3 .   ? -14.448 1.369   -4.912  1.00 31.07 ? 383 HOH A O   1 
HETATM 930  O O   . HOH D 3 .   ? -12.486 3.271   -12.415 1.00 28.56 ? 384 HOH A O   1 
HETATM 931  O O   . HOH D 3 .   ? -3.259  1.294   -14.091 1.00 34.89 ? 385 HOH A O   1 
HETATM 932  O O   . HOH D 3 .   ? 14.233  0.259   0.072   1.00 36.10 ? 386 HOH A O   1 
HETATM 933  O O   . HOH D 3 .   ? -7.231  15.290  -1.591  1.00 30.37 ? 387 HOH A O   1 
HETATM 934  O O   . HOH D 3 .   ? -3.613  -13.101 -1.575  1.00 44.72 ? 388 HOH A O   1 
HETATM 935  O O   . HOH D 3 .   ? -6.949  -9.622  -2.739  1.00 39.90 ? 389 HOH A O   1 
HETATM 936  O O   . HOH D 3 .   ? -12.998 -5.179  11.892  0.50 12.85 ? 390 HOH A O   1 
HETATM 937  O O   . HOH D 3 .   ? -4.943  -10.260 16.894  1.00 40.35 ? 391 HOH A O   1 
HETATM 938  O O   . HOH D 3 .   ? -17.696 3.427   0.587   1.00 41.67 ? 392 HOH A O   1 
HETATM 939  O O   . HOH D 3 .   ? -13.071 -0.010  17.670  1.00 30.19 ? 393 HOH A O   1 
HETATM 940  O O   . HOH D 3 .   ? -3.228  21.011  -1.692  1.00 34.92 ? 394 HOH A O   1 
HETATM 941  O O   . HOH D 3 .   ? 7.366   -0.795  -21.476 1.00 36.36 ? 395 HOH A O   1 
HETATM 942  O O   . HOH D 3 .   ? 8.223   12.356  -1.625  1.00 38.82 ? 396 HOH A O   1 
HETATM 943  O O   . HOH D 3 .   ? 2.405   -7.376  -15.853 1.00 49.77 ? 397 HOH A O   1 
HETATM 944  O O   . HOH D 3 .   ? 4.688   -12.614 10.076  1.00 36.41 ? 398 HOH A O   1 
HETATM 945  O O   . HOH D 3 .   ? 4.459   8.957   7.944   1.00 31.44 ? 399 HOH A O   1 
HETATM 946  O O   . HOH D 3 .   ? 6.363   8.082   -17.101 1.00 31.77 ? 400 HOH A O   1 
HETATM 947  O O   . HOH D 3 .   ? -8.737  -6.199  -6.844  1.00 30.43 ? 401 HOH A O   1 
HETATM 948  O O   . HOH D 3 .   ? 1.710   12.639  -8.274  1.00 27.49 ? 402 HOH A O   1 
HETATM 949  O O   . HOH D 3 .   ? -11.549 17.012  -4.208  0.50 19.68 ? 403 HOH A O   1 
HETATM 950  O O   . HOH D 3 .   ? -9.681  4.747   10.007  1.00 31.16 ? 404 HOH A O   1 
HETATM 951  O O   . HOH D 3 .   ? -2.924  -4.805  -10.344 1.00 38.32 ? 405 HOH A O   1 
HETATM 952  O O   . HOH D 3 .   ? 11.422  -4.210  -4.913  1.00 36.11 ? 406 HOH A O   1 
HETATM 953  O O   . HOH D 3 .   ? -13.414 -2.300  -8.689  1.00 36.99 ? 407 HOH A O   1 
HETATM 954  O O   . HOH D 3 .   ? -10.260 4.261   7.737   1.00 51.26 ? 408 HOH A O   1 
HETATM 955  O O   . HOH D 3 .   ? 7.683   13.826  -4.173  1.00 39.60 ? 409 HOH A O   1 
HETATM 956  O O   . HOH D 3 .   ? 12.241  2.008   6.155   1.00 36.78 ? 410 HOH A O   1 
HETATM 957  O O   . HOH D 3 .   ? 9.992   1.665   15.836  1.00 37.32 ? 411 HOH A O   1 
HETATM 958  O O   . HOH D 3 .   ? 15.653  2.064   -16.037 1.00 31.21 ? 412 HOH A O   1 
HETATM 959  O O   . HOH D 3 .   ? 8.488   9.030   0.717   1.00 45.37 ? 413 HOH A O   1 
HETATM 960  O O   . HOH D 3 .   ? 4.848   13.808  -4.765  1.00 37.35 ? 414 HOH A O   1 
HETATM 961  O O   . HOH D 3 .   ? 1.532   -9.326  -12.771 1.00 57.06 ? 415 HOH A O   1 
HETATM 962  O O   . HOH D 3 .   ? -0.902  10.651  -13.172 1.00 36.59 ? 416 HOH A O   1 
HETATM 963  O O   . HOH D 3 .   ? -13.550 16.115  -2.718  1.00 32.61 ? 417 HOH A O   1 
HETATM 964  O O   . HOH D 3 .   ? 5.982   6.528   -20.971 1.00 42.42 ? 418 HOH A O   1 
HETATM 965  O O   . HOH D 3 .   ? 4.095   11.426  -7.974  1.00 37.40 ? 419 HOH A O   1 
HETATM 966  O O   . HOH D 3 .   ? -7.981  -15.048 1.195   1.00 33.14 ? 420 HOH A O   1 
HETATM 967  O O   . HOH D 3 .   ? 2.237   15.618  -1.953  1.00 40.63 ? 421 HOH A O   1 
HETATM 968  O O   . HOH D 3 .   ? 2.339   -2.932  -20.724 1.00 45.22 ? 422 HOH A O   1 
HETATM 969  O O   . HOH D 3 .   ? 0.804   10.654  6.985   1.00 33.75 ? 423 HOH A O   1 
HETATM 970  O O   . HOH D 3 .   ? -1.304  22.031  -3.994  0.50 25.47 ? 424 HOH A O   1 
HETATM 971  O O   . HOH D 3 .   ? 2.221   12.281  4.714   1.00 37.61 ? 425 HOH A O   1 
HETATM 972  O O   . HOH D 3 .   ? -4.383  -14.497 1.454   1.00 33.99 ? 426 HOH A O   1 
HETATM 973  O O   . HOH D 3 .   ? -12.976 -2.282  16.182  1.00 40.49 ? 427 HOH A O   1 
HETATM 974  O O   . HOH D 3 .   ? 10.243  4.739   9.233   1.00 48.50 ? 428 HOH A O   1 
HETATM 975  O O   . HOH D 3 .   ? 3.245   11.931  8.193   0.50 28.12 ? 429 HOH A O   1 
HETATM 976  O O   . HOH D 3 .   ? -15.365 14.078  -3.231  1.00 43.16 ? 430 HOH A O   1 
HETATM 977  O O   . HOH D 3 .   ? -3.669  -5.931  -16.315 1.00 51.91 ? 431 HOH A O   1 
HETATM 978  O O   . HOH D 3 .   ? -13.358 3.900   4.074   1.00 45.73 ? 432 HOH A O   1 
HETATM 979  O O   . HOH D 3 .   ? 9.806   14.936  0.099   1.00 41.54 ? 433 HOH A O   1 
HETATM 980  O O   . HOH D 3 .   ? -18.068 -1.096  5.569   1.00 40.39 ? 434 HOH A O   1 
HETATM 981  O O   . HOH D 3 .   ? -16.027 5.591   -7.015  1.00 54.93 ? 435 HOH A O   1 
HETATM 982  O O   . HOH D 3 .   ? 8.559   2.032   -20.901 1.00 39.56 ? 436 HOH A O   1 
HETATM 983  O O   . HOH D 3 .   ? 3.085   9.192   -19.503 1.00 37.73 ? 437 HOH A O   1 
HETATM 984  O O   . HOH D 3 .   ? 0.382   1.919   -20.182 1.00 40.17 ? 438 HOH A O   1 
HETATM 985  O O   . HOH D 3 .   ? -12.997 4.205   8.192   0.50 18.55 ? 439 HOH A O   1 
HETATM 986  O O   . HOH D 3 .   ? -14.235 -0.107  -9.917  1.00 43.83 ? 440 HOH A O   1 
HETATM 987  O O   . HOH D 3 .   ? 1.648   1.258   18.553  1.00 41.40 ? 441 HOH A O   1 
HETATM 988  O O   . HOH D 3 .   ? 1.674   4.090   -21.358 1.00 39.79 ? 442 HOH A O   1 
HETATM 989  O O   . HOH D 3 .   ? -15.108 0.167   -2.352  1.00 44.17 ? 443 HOH A O   1 
HETATM 990  O O   . HOH D 3 .   ? -1.810  -2.100  -17.181 1.00 42.45 ? 444 HOH A O   1 
HETATM 991  O O   . HOH D 3 .   ? -5.585  19.486  -3.612  0.50 24.20 ? 445 HOH A O   1 
HETATM 992  O O   . HOH D 3 .   ? 1.374   14.971  -9.920  1.00 42.39 ? 446 HOH A O   1 
HETATM 993  O O   . HOH D 3 .   ? 10.940  -7.315  3.028   1.00 46.32 ? 447 HOH A O   1 
HETATM 994  O O   . HOH D 3 .   ? 12.200  -3.379  5.164   1.00 45.13 ? 448 HOH A O   1 
HETATM 995  O O   . HOH D 3 .   ? -15.855 2.731   8.709   0.50 39.74 ? 449 HOH A O   1 
HETATM 996  O O   . HOH D 3 .   ? 3.713   -6.170  -19.904 1.00 53.81 ? 450 HOH A O   1 
HETATM 997  O O   . HOH D 3 .   ? -6.488  -9.965  -5.146  1.00 53.58 ? 451 HOH A O   1 
HETATM 998  O O   . HOH D 3 .   ? 9.423   9.925   -15.619 0.50 37.97 ? 452 HOH A O   1 
HETATM 999  O O   . HOH D 3 .   ? -10.496 -8.897  -5.719  1.00 51.69 ? 453 HOH A O   1 
HETATM 1000 O O   . HOH D 3 .   ? 12.102  7.217   7.910   1.00 55.40 ? 454 HOH A O   1 
HETATM 1001 O O   . HOH D 3 .   ? -3.551  9.086   -12.028 1.00 46.38 ? 455 HOH A O   1 
HETATM 1002 O O   . HOH D 3 .   ? -14.833 -2.860  0.588   1.00 52.71 ? 456 HOH A O   1 
HETATM 1003 O O   . HOH D 3 .   ? 15.478  6.644   -17.747 1.00 45.85 ? 457 HOH A O   1 
HETATM 1004 O O   . HOH D 3 .   ? -1.701  -7.902  -17.055 1.00 47.66 ? 458 HOH A O   1 
HETATM 1005 O O   . HOH D 3 .   ? 2.435   -14.354 0.296   1.00 43.06 ? 459 HOH A O   1 
HETATM 1006 O O   . HOH D 3 .   ? -14.708 11.679  -3.877  1.00 52.67 ? 460 HOH A O   1 
HETATM 1007 O O   . HOH D 3 .   ? 9.559   9.489   7.942   1.00 47.83 ? 461 HOH A O   1 
HETATM 1008 O O   . HOH D 3 .   ? -4.472  -9.798  -12.311 1.00 45.58 ? 462 HOH A O   1 
HETATM 1009 O O   . HOH D 3 .   ? 7.170   8.239   9.579   1.00 42.96 ? 463 HOH A O   1 
HETATM 1010 O O   . HOH D 3 .   ? 16.170  4.406   -15.841 1.00 37.84 ? 464 HOH A O   1 
HETATM 1011 O O   . HOH D 3 .   ? -13.427 5.815   -6.551  1.00 27.40 ? 465 HOH A O   1 
HETATM 1012 O O   . HOH D 3 .   ? 9.038   -5.212  10.718  1.00 35.26 ? 466 HOH A O   1 
HETATM 1013 O O   . HOH D 3 .   ? -9.556  17.603  -3.449  0.50 13.78 ? 467 HOH A O   1 
HETATM 1014 O O   . HOH D 3 .   ? -16.008 -8.966  3.554   1.00 18.23 ? 468 HOH A O   1 
HETATM 1015 O O   . HOH D 3 .   ? 5.367   8.474   -14.708 1.00 41.93 ? 469 HOH A O   1 
HETATM 1016 O O   . HOH D 3 .   ? 12.262  -0.641  3.912   1.00 41.57 ? 470 HOH A O   1 
HETATM 1017 O O   . HOH D 3 .   ? -2.833  -1.137  -14.948 1.00 42.82 ? 471 HOH A O   1 
HETATM 1018 O O   . HOH D 3 .   ? 4.146   -12.516 5.539   1.00 36.88 ? 472 HOH A O   1 
HETATM 1019 O O   . HOH D 3 .   ? -6.891  1.777   -13.449 1.00 44.46 ? 473 HOH A O   1 
HETATM 1020 O O   . HOH D 3 .   ? 9.354   7.517   -19.444 1.00 48.65 ? 474 HOH A O   1 
HETATM 1021 O O   . HOH D 3 .   ? 3.630   -14.864 5.592   1.00 39.93 ? 475 HOH A O   1 
HETATM 1022 O O   . HOH D 3 .   ? 4.661   -10.968 3.481   1.00 45.85 ? 476 HOH A O   1 
HETATM 1023 O O   . HOH D 3 .   ? 4.178   12.398  -0.363  1.00 39.43 ? 477 HOH A O   1 
HETATM 1024 O O   . HOH D 3 .   ? -7.525  -0.614  -14.117 1.00 46.19 ? 478 HOH A O   1 
HETATM 1025 O O   . HOH D 3 .   ? -17.454 -6.436  1.233   1.00 45.79 ? 479 HOH A O   1 
HETATM 1026 O O   . HOH D 3 .   ? 10.474  -4.623  8.646   1.00 44.51 ? 480 HOH A O   1 
HETATM 1027 O O   . HOH D 3 .   ? -2.255  -14.109 0.606   1.00 47.57 ? 481 HOH A O   1 
HETATM 1028 O O   . HOH D 3 .   ? 13.560  -1.715  1.748   1.00 46.38 ? 482 HOH A O   1 
HETATM 1029 O O   . HOH D 3 .   ? 3.370   10.157  -14.706 1.00 46.04 ? 483 HOH A O   1 
HETATM 1030 O O   . HOH D 3 .   ? 2.495   9.703   10.082  1.00 36.27 ? 484 HOH A O   1 
HETATM 1031 O O   . HOH D 3 .   ? 10.231  -5.037  6.114   1.00 42.47 ? 485 HOH A O   1 
HETATM 1032 O O   . HOH D 3 .   ? 1.584   -11.532 -0.323  1.00 41.16 ? 486 HOH A O   1 
HETATM 1033 O O   . HOH D 3 .   ? -1.358  -8.967  -9.942  1.00 90.63 ? 487 HOH A O   1 
HETATM 1034 O O   . HOH D 3 .   ? -6.011  -11.492 11.359  1.00 35.43 ? 488 HOH A O   1 
HETATM 1035 O O   . HOH D 3 .   ? 13.031  4.331   -7.276  0.50 72.35 ? 489 HOH A O   1 
HETATM 1036 O O   . HOH D 3 .   ? -13.996 1.638   -7.920  1.00 50.64 ? 490 HOH A O   1 
HETATM 1037 O O   . HOH D 3 .   ? -7.414  -8.480  -7.225  1.00 68.24 ? 491 HOH A O   1 
# 
